data_7L9E
#
_entry.id   7L9E
#
_cell.length_a   102.966
_cell.length_b   102.966
_cell.length_c   240.596
_cell.angle_alpha   90.000
_cell.angle_beta   90.000
_cell.angle_gamma   120.000
#
_symmetry.space_group_name_H-M   'P 32'
#
loop_
_entity.id
_entity.type
_entity.pdbx_description
1 polymer 'Neutral alpha-glucosidase AB Trypsin-cleaved Fragment #1'
2 polymer 'Neutral alpha-glucosidase AB Trypsin-cleaved Fragment #2'
3 polymer 'Neutral alpha-glucosidase AB Trypsin-cleaved Fragment #3'
4 polymer 'Glucosidase 2 subunit beta'
5 non-polymer 1,2-ETHANEDIOL
6 non-polymer DI(HYDROXYETHYL)ETHER
7 non-polymer 'TETRAETHYLENE GLYCOL'
8 non-polymer 'SULFATE ION'
9 non-polymer 'CALCIUM ION'
10 water water
#
loop_
_entity_poly.entity_id
_entity_poly.type
_entity_poly.pdbx_seq_one_letter_code
_entity_poly.pdbx_strand_id
1 'polypeptide(L)'
;MGILPSPGMPALLSLVSLLSVLLMGCVAETGVDRSNFKTCDESSFCKRQRSIRPGLSPYRALLDTLQLGPDALTVHLIHE
VTKVLLVLELQGLQKDMTRIRIDELEPRRPRYRVPDVLVADPPTARLSVSGRDDNSVELTVAEGPYKIILTAQPFRLDLL
EDRSLLLSVNARGLMAFEHQRAPR
;
E,G
2 'polypeptide(L)'
;EPGAWEETFKTHSDSKPYGPTSVGLDFSLPGMEHVYGIPEHADSLRLKVTEGGEPYRLYNLDVFQYELNNPMALYGSVPV
LLAHSFHRDLGIFWLNAAETWVDISSN
;
F,H
3 'polypeptide(L)'
;TPQTDIRWMSESGIIDVFLMLGPSVFDVFRQYASLTGTQALPPLFSLGYHQSRWNYRDEADVLEVDQGFDDHNMPCDVIW
LDIEHADGKRYFTWDPTRFPQPLNMLEHLASKRRKLVAIVDPHIKVDSGYRVHEELRNHGLYVKTRDGSDYEGWCWPGSA
SYPDFTNPRMRAWWSNMFSFDNYEGSAPNLYVWNDMNEPSVFNGPEVTMLKDAVHYGGWEHRDIHNIYGLYVHMATADGL
IQRSGGIERPFVLSRAFFSGSQRFGAVWTGDNTAEWDHLKISIPMCLSLALVGLSFCGADVGGFFKNPEPELLVRWYQMG
AYQPFFRAHAHLDTGRREPWLLASQYQDAIRDALFQRYSLLPFWYTLFYQAHKEGFPVMRPLWVQYPEDMSTFSIEDQFM
LGDALLIHPVSDAGAHGVQVYLPGQEEVWYDIQSYQKHHGPQTLYLPVTLSSIPVFQRGGTIVPRWMRVRRSSDCMKDDP
ITLFVALSPQGTAQGELFLDDGHTFNYQTRHEFLLRRFSFSGSTLVSSSADPKGHLETPIWIERVVIMGAGKPAAVVLQT
KGSPESRLSFQHDPETSVLILRKPGVSVASDWSIHLRSAWSHPQFEKLE
;
A,C
4 'polypeptide(L)'
;MGILPSPGMPALLSLVSLLSVLLMGCVAETGVEVKRPRGVSLSNHHFYEESKPFTCLDGTATIPFDQVNDDYCDCKDGSD
EPGTAACPNGSFHCTNTGYKPLYILSSRVNDGVCDCCDGTDEYNSGTVCENTCR
;
B,D
#
# COMPACT_ATOMS: atom_id res chain seq x y z
N VAL A 32 23.45 16.44 -9.49
CA VAL A 32 22.20 16.83 -8.83
C VAL A 32 22.43 18.12 -8.06
N ASP A 33 21.35 18.88 -7.82
CA ASP A 33 21.45 20.19 -7.17
C ASP A 33 21.60 20.00 -5.67
N ARG A 34 22.85 20.09 -5.20
CA ARG A 34 23.24 19.93 -3.81
C ARG A 34 23.31 21.27 -3.06
N SER A 35 22.73 22.33 -3.61
CA SER A 35 22.72 23.62 -2.93
C SER A 35 22.00 23.57 -1.60
N ASN A 36 21.33 22.45 -1.29
CA ASN A 36 20.66 22.28 -0.01
C ASN A 36 21.65 22.29 1.15
N PHE A 37 22.88 21.84 0.91
CA PHE A 37 23.84 21.58 1.98
C PHE A 37 25.05 22.48 1.85
N LYS A 38 25.49 23.03 2.99
CA LYS A 38 26.58 24.00 2.99
C LYS A 38 27.90 23.36 2.58
N THR A 39 28.68 24.09 1.79
CA THR A 39 30.10 23.83 1.69
C THR A 39 30.81 24.51 2.85
N CYS A 40 32.11 24.24 2.98
CA CYS A 40 32.87 24.89 4.05
C CYS A 40 32.85 26.41 3.90
N ASP A 41 32.84 26.90 2.67
CA ASP A 41 32.76 28.34 2.45
C ASP A 41 31.43 28.92 2.92
N GLU A 42 30.35 28.15 2.81
CA GLU A 42 29.04 28.62 3.25
C GLU A 42 28.81 28.43 4.75
N SER A 43 29.67 27.68 5.43
CA SER A 43 29.66 27.58 6.89
C SER A 43 30.65 28.59 7.43
N SER A 44 30.13 29.62 8.12
CA SER A 44 30.95 30.77 8.47
C SER A 44 32.09 30.39 9.43
N PHE A 45 31.82 29.47 10.35
CA PHE A 45 32.90 29.07 11.27
C PHE A 45 33.94 28.22 10.54
N CYS A 46 33.51 27.39 9.59
CA CYS A 46 34.48 26.66 8.79
C CYS A 46 35.31 27.62 7.93
N LYS A 47 34.66 28.66 7.39
CA LYS A 47 35.40 29.62 6.57
C LYS A 47 36.42 30.39 7.40
N ARG A 48 36.03 30.83 8.60
CA ARG A 48 36.98 31.53 9.48
C ARG A 48 38.14 30.61 9.85
N GLN A 49 37.85 29.39 10.31
CA GLN A 49 38.90 28.47 10.72
C GLN A 49 39.81 28.11 9.55
N ARG A 50 39.22 27.70 8.42
CA ARG A 50 40.04 27.25 7.30
C ARG A 50 40.87 28.36 6.69
N SER A 51 40.52 29.62 6.93
CA SER A 51 41.32 30.73 6.43
C SER A 51 42.63 30.87 7.19
N ILE A 52 42.69 30.39 8.42
CA ILE A 52 43.95 30.32 9.15
C ILE A 52 44.83 29.27 8.50
N ARG A 53 45.99 29.70 8.01
CA ARG A 53 46.91 28.85 7.26
C ARG A 53 48.14 28.53 8.11
N PRO A 54 48.89 27.48 7.76
CA PRO A 54 50.02 27.06 8.59
C PRO A 54 51.04 28.19 8.79
N GLY A 55 51.38 28.45 10.05
CA GLY A 55 52.33 29.49 10.36
C GLY A 55 52.64 29.49 11.84
N LEU A 56 53.30 30.56 12.27
CA LEU A 56 53.66 30.69 13.68
C LEU A 56 52.42 30.94 14.53
N SER A 57 52.21 30.11 15.53
CA SER A 57 51.00 30.23 16.34
C SER A 57 51.12 31.39 17.31
N PRO A 58 50.04 32.14 17.53
CA PRO A 58 50.06 33.20 18.54
C PRO A 58 49.80 32.72 19.97
N TYR A 59 49.56 31.43 20.16
CA TYR A 59 49.34 30.88 21.49
C TYR A 59 50.66 30.56 22.16
N ARG A 60 50.71 30.76 23.47
CA ARG A 60 51.93 30.53 24.21
C ARG A 60 51.58 30.10 25.62
N ALA A 61 52.31 29.12 26.15
CA ALA A 61 52.05 28.56 27.47
C ALA A 61 52.81 29.35 28.53
N LEU A 62 52.12 29.68 29.62
CA LEU A 62 52.72 30.39 30.74
C LEU A 62 53.23 29.37 31.75
N LEU A 63 54.51 29.00 31.61
CA LEU A 63 55.09 27.98 32.49
C LEU A 63 55.07 28.38 33.96
N ASP A 64 54.88 29.67 34.27
CA ASP A 64 54.72 30.08 35.67
C ASP A 64 53.45 29.49 36.27
N THR A 65 52.43 29.24 35.44
CA THR A 65 51.12 28.77 35.88
C THR A 65 51.06 27.26 36.05
N LEU A 66 52.14 26.54 35.74
CA LEU A 66 52.11 25.09 35.72
C LEU A 66 51.73 24.54 37.09
N GLN A 67 50.81 23.58 37.10
CA GLN A 67 50.46 22.85 38.31
C GLN A 67 50.34 21.38 37.98
N LEU A 68 51.01 20.54 38.75
CA LEU A 68 50.92 19.09 38.58
C LEU A 68 49.94 18.61 39.64
N GLY A 69 48.76 18.19 39.18
CA GLY A 69 47.72 17.73 40.06
C GLY A 69 47.71 16.23 40.17
N PRO A 70 46.78 15.70 40.97
CA PRO A 70 46.73 14.23 41.13
C PRO A 70 46.41 13.49 39.84
N ASP A 71 45.51 14.03 39.02
CA ASP A 71 45.09 13.39 37.79
C ASP A 71 45.65 14.03 36.53
N ALA A 72 46.02 15.31 36.57
CA ALA A 72 46.32 16.01 35.33
C ALA A 72 47.36 17.09 35.57
N LEU A 73 47.93 17.57 34.46
CA LEU A 73 48.74 18.77 34.44
C LEU A 73 47.92 19.91 33.87
N THR A 74 47.85 21.02 34.61
CA THR A 74 47.18 22.23 34.15
C THR A 74 48.20 23.34 33.95
N VAL A 75 47.96 24.16 32.94
CA VAL A 75 48.84 25.26 32.59
C VAL A 75 48.04 26.26 31.77
N HIS A 76 48.28 27.53 32.02
CA HIS A 76 47.54 28.57 31.32
C HIS A 76 48.16 28.83 29.96
N LEU A 77 47.31 29.05 28.96
CA LEU A 77 47.73 29.46 27.64
C LEU A 77 47.19 30.87 27.40
N ILE A 78 47.88 31.63 26.56
CA ILE A 78 47.47 32.99 26.27
C ILE A 78 47.63 33.26 24.77
N HIS A 79 46.66 33.95 24.20
CA HIS A 79 46.77 34.44 22.83
C HIS A 79 47.55 35.75 22.86
N GLU A 80 48.65 35.80 22.11
CA GLU A 80 49.57 36.93 22.24
C GLU A 80 48.93 38.24 21.81
N VAL A 81 48.10 38.21 20.76
CA VAL A 81 47.50 39.45 20.25
C VAL A 81 46.30 39.86 21.09
N THR A 82 45.39 38.92 21.37
CA THR A 82 44.12 39.23 22.01
C THR A 82 44.16 39.14 23.53
N LYS A 83 45.20 38.55 24.10
CA LYS A 83 45.36 38.38 25.54
C LYS A 83 44.27 37.49 26.14
N VAL A 84 43.66 36.61 25.33
CA VAL A 84 42.71 35.65 25.87
C VAL A 84 43.46 34.53 26.58
N LEU A 85 42.94 34.12 27.74
CA LEU A 85 43.59 33.13 28.59
C LEU A 85 42.80 31.82 28.53
N LEU A 86 43.49 30.74 28.19
CA LEU A 86 42.93 29.39 28.16
C LEU A 86 43.61 28.52 29.19
N VAL A 87 43.01 27.36 29.47
CA VAL A 87 43.55 26.38 30.40
C VAL A 87 43.72 25.06 29.65
N LEU A 88 44.94 24.53 29.67
CA LEU A 88 45.23 23.24 29.09
C LEU A 88 45.27 22.20 30.21
N GLU A 89 44.44 21.15 30.09
CA GLU A 89 44.45 20.03 31.01
C GLU A 89 45.05 18.83 30.27
N LEU A 90 46.24 18.43 30.67
CA LEU A 90 46.98 17.37 30.02
C LEU A 90 47.00 16.13 30.92
N GLN A 91 46.70 14.97 30.35
CA GLN A 91 46.55 13.75 31.13
C GLN A 91 47.20 12.58 30.42
N GLY A 92 48.04 11.85 31.15
CA GLY A 92 48.42 10.52 30.74
C GLY A 92 47.43 9.52 31.32
N LEU A 93 47.04 8.55 30.50
CA LEU A 93 46.03 7.58 30.90
C LEU A 93 46.60 6.17 30.85
N GLN A 94 46.01 5.29 31.66
CA GLN A 94 46.32 3.87 31.56
C GLN A 94 46.03 3.37 30.14
N LYS A 95 46.73 2.31 29.76
CA LYS A 95 46.64 1.72 28.42
C LYS A 95 47.27 2.61 27.35
N ASP A 96 48.23 3.45 27.76
CA ASP A 96 49.04 4.24 26.83
C ASP A 96 48.18 5.18 25.99
N MET A 97 47.53 6.11 26.68
CA MET A 97 46.68 7.12 26.04
C MET A 97 46.97 8.47 26.67
N THR A 98 46.77 9.52 25.87
CA THR A 98 46.90 10.89 26.34
C THR A 98 45.61 11.63 26.02
N ARG A 99 45.14 12.44 26.97
CA ARG A 99 43.95 13.25 26.78
C ARG A 99 44.35 14.72 26.87
N ILE A 100 43.95 15.49 25.85
CA ILE A 100 44.21 16.93 25.80
C ILE A 100 42.87 17.64 25.85
N ARG A 101 42.68 18.50 26.84
CA ARG A 101 41.46 19.30 26.98
C ARG A 101 41.84 20.77 27.15
N ILE A 102 41.17 21.65 26.42
CA ILE A 102 41.42 23.08 26.45
C ILE A 102 40.08 23.81 26.60
N ASP A 103 40.00 24.69 27.60
CA ASP A 103 38.81 25.50 27.85
C ASP A 103 39.27 26.93 28.16
N GLU A 104 38.31 27.84 28.27
CA GLU A 104 38.62 29.20 28.70
C GLU A 104 38.88 29.25 30.20
N LEU A 105 39.78 30.16 30.60
CA LEU A 105 40.10 30.33 32.01
C LEU A 105 38.92 30.88 32.78
N GLU A 106 38.34 31.99 32.30
CA GLU A 106 37.16 32.61 32.92
C GLU A 106 36.12 32.81 31.83
N PRO A 107 35.36 31.77 31.52
CA PRO A 107 34.33 31.89 30.48
C PRO A 107 33.13 32.70 30.97
N ARG A 108 32.50 33.41 30.03
CA ARG A 108 31.26 34.10 30.35
C ARG A 108 30.14 33.09 30.62
N ARG A 109 30.11 32.00 29.86
CA ARG A 109 29.13 30.93 30.00
C ARG A 109 29.86 29.60 29.85
N PRO A 110 29.38 28.55 30.52
CA PRO A 110 30.02 27.24 30.38
C PRO A 110 29.97 26.72 28.95
N ARG A 111 31.05 26.07 28.53
CA ARG A 111 31.10 25.40 27.23
C ARG A 111 30.64 23.95 27.35
N TYR A 112 30.23 23.39 26.22
CA TYR A 112 29.68 22.04 26.21
C TYR A 112 30.79 20.99 26.30
N ARG A 113 30.56 20.00 27.15
CA ARG A 113 31.44 18.84 27.27
C ARG A 113 30.59 17.60 27.06
N VAL A 114 30.96 16.80 26.07
CA VAL A 114 30.12 15.69 25.59
C VAL A 114 29.87 14.68 26.71
N PRO A 115 28.62 14.49 27.12
CA PRO A 115 28.30 13.48 28.14
C PRO A 115 27.87 12.16 27.51
N ASP A 116 27.77 11.14 28.39
CA ASP A 116 27.16 9.86 28.07
C ASP A 116 27.86 9.06 26.97
N VAL A 117 28.94 9.59 26.40
CA VAL A 117 29.69 8.86 25.38
C VAL A 117 30.77 7.98 26.00
N LEU A 118 31.56 8.55 26.91
CA LEU A 118 32.55 7.76 27.63
C LEU A 118 31.85 6.85 28.64
N VAL A 119 32.24 5.57 28.66
CA VAL A 119 31.59 4.63 29.56
C VAL A 119 32.07 4.78 31.00
N ALA A 120 33.21 5.44 31.21
CA ALA A 120 33.77 5.59 32.54
C ALA A 120 34.72 6.78 32.54
N ASP A 121 35.06 7.23 33.74
CA ASP A 121 36.16 8.17 33.92
C ASP A 121 37.46 7.45 33.59
N PRO A 122 38.18 7.82 32.53
CA PRO A 122 39.37 7.06 32.14
C PRO A 122 40.40 7.04 33.25
N PRO A 123 40.87 5.85 33.64
CA PRO A 123 41.90 5.77 34.70
C PRO A 123 43.17 6.49 34.26
N THR A 124 43.69 7.32 35.16
CA THR A 124 44.82 8.17 34.86
C THR A 124 46.13 7.52 35.27
N ALA A 125 47.21 7.97 34.64
CA ALA A 125 48.58 7.61 35.01
C ALA A 125 49.31 8.87 35.44
N ARG A 126 50.19 8.71 36.44
CA ARG A 126 50.87 9.88 37.02
C ARG A 126 51.85 10.49 36.04
N LEU A 127 51.88 11.82 35.99
CA LEU A 127 52.81 12.58 35.16
C LEU A 127 53.94 13.12 36.01
N SER A 128 55.13 13.19 35.40
CA SER A 128 56.31 13.63 36.12
C SER A 128 57.18 14.51 35.23
N VAL A 129 57.69 15.60 35.80
CA VAL A 129 58.64 16.44 35.08
C VAL A 129 59.99 15.73 35.07
N SER A 130 60.53 15.48 33.87
CA SER A 130 61.81 14.81 33.71
C SER A 130 62.80 15.66 32.93
N GLY A 131 62.37 16.82 32.46
CA GLY A 131 63.24 17.76 31.78
C GLY A 131 62.60 19.13 31.77
N ARG A 132 63.42 20.17 31.81
CA ARG A 132 62.91 21.53 31.90
CA ARG A 132 62.92 21.53 31.92
C ARG A 132 63.99 22.49 31.44
N ASP A 133 63.59 23.45 30.62
CA ASP A 133 64.47 24.52 30.20
C ASP A 133 63.65 25.81 30.09
N ASP A 134 64.23 26.80 29.41
CA ASP A 134 63.60 28.10 29.34
C ASP A 134 62.29 28.05 28.56
N ASN A 135 62.23 27.22 27.51
CA ASN A 135 61.11 27.21 26.58
C ASN A 135 60.38 25.87 26.51
N SER A 136 60.65 24.94 27.43
CA SER A 136 60.00 23.64 27.33
C SER A 136 60.04 22.90 28.66
N VAL A 137 59.11 21.97 28.79
CA VAL A 137 59.03 21.06 29.92
C VAL A 137 58.81 19.66 29.35
N GLU A 138 59.59 18.70 29.82
CA GLU A 138 59.45 17.31 29.41
C GLU A 138 58.73 16.56 30.51
N LEU A 139 57.69 15.82 30.13
CA LEU A 139 56.88 15.05 31.06
C LEU A 139 57.00 13.57 30.76
N THR A 140 57.05 12.76 31.81
CA THR A 140 57.10 11.31 31.69
C THR A 140 55.81 10.72 32.22
N VAL A 141 55.22 9.80 31.46
CA VAL A 141 54.01 9.12 31.87
C VAL A 141 54.40 7.92 32.72
N ALA A 142 53.93 7.91 33.98
CA ALA A 142 54.26 6.85 34.93
C ALA A 142 55.77 6.69 35.05
N GLU A 143 56.31 5.64 34.44
CA GLU A 143 57.75 5.37 34.46
C GLU A 143 58.28 5.06 33.07
N GLY A 144 57.63 5.59 32.04
CA GLY A 144 58.09 5.42 30.68
C GLY A 144 57.42 4.25 29.99
N PRO A 145 57.68 4.07 28.69
CA PRO A 145 58.60 4.88 27.86
C PRO A 145 57.99 6.13 27.22
N TYR A 146 56.72 6.43 27.51
CA TYR A 146 56.01 7.52 26.84
C TYR A 146 56.28 8.86 27.51
N LYS A 147 56.58 9.87 26.69
CA LYS A 147 56.89 11.20 27.18
C LYS A 147 56.19 12.27 26.34
N ILE A 148 55.83 13.37 26.99
CA ILE A 148 55.19 14.51 26.35
C ILE A 148 56.06 15.74 26.57
N ILE A 149 56.42 16.42 25.50
CA ILE A 149 57.20 17.66 25.56
C ILE A 149 56.25 18.84 25.31
N LEU A 150 56.13 19.71 26.29
CA LEU A 150 55.35 20.94 26.17
C LEU A 150 56.29 22.08 25.84
N THR A 151 56.16 22.65 24.64
CA THR A 151 56.90 23.84 24.27
C THR A 151 56.08 25.07 24.60
N ALA A 152 56.68 26.01 25.35
CA ALA A 152 55.93 27.16 25.84
C ALA A 152 55.68 28.18 24.73
N GLN A 153 56.70 28.48 23.93
CA GLN A 153 56.57 29.52 22.91
C GLN A 153 57.23 29.08 21.61
N PRO A 154 56.47 28.92 20.52
CA PRO A 154 55.00 28.89 20.50
C PRO A 154 54.45 27.60 21.11
N PHE A 155 53.23 27.64 21.65
CA PHE A 155 52.63 26.45 22.25
C PHE A 155 52.68 25.27 21.28
N ARG A 156 53.10 24.12 21.80
CA ARG A 156 53.28 22.92 20.99
C ARG A 156 53.34 21.73 21.93
N LEU A 157 53.00 20.56 21.39
CA LEU A 157 53.06 19.31 22.14
C LEU A 157 53.63 18.23 21.25
N ASP A 158 54.57 17.46 21.79
CA ASP A 158 55.17 16.32 21.11
C ASP A 158 55.03 15.10 22.01
N LEU A 159 54.67 13.97 21.42
CA LEU A 159 54.48 12.72 22.14
C LEU A 159 55.48 11.72 21.61
N LEU A 160 56.24 11.12 22.52
CA LEU A 160 57.32 10.22 22.12
C LEU A 160 57.26 8.94 22.94
N GLU A 161 57.64 7.83 22.29
CA GLU A 161 58.00 6.60 22.98
C GLU A 161 59.51 6.59 23.13
N ASP A 162 60.00 6.72 24.36
CA ASP A 162 61.41 6.89 24.64
C ASP A 162 61.98 8.10 23.90
N ARG A 163 62.57 7.89 22.72
CA ARG A 163 63.12 8.99 21.94
C ARG A 163 62.62 8.97 20.49
N SER A 164 61.54 8.25 20.21
CA SER A 164 60.93 8.22 18.89
C SER A 164 59.71 9.12 18.86
N LEU A 165 59.75 10.17 18.03
CA LEU A 165 58.62 11.09 17.93
C LEU A 165 57.43 10.39 17.31
N LEU A 166 56.34 10.28 18.07
CA LEU A 166 55.13 9.63 17.59
C LEU A 166 54.16 10.61 16.94
N LEU A 167 53.98 11.79 17.53
CA LEU A 167 52.92 12.69 17.09
C LEU A 167 53.17 14.09 17.67
N SER A 168 52.73 15.11 16.93
CA SER A 168 52.85 16.49 17.34
C SER A 168 51.50 17.18 17.28
N VAL A 169 51.29 18.13 18.19
CA VAL A 169 50.06 18.90 18.30
C VAL A 169 50.40 20.36 18.07
N ASN A 170 49.62 21.02 17.21
CA ASN A 170 49.79 22.44 16.87
C ASN A 170 51.15 22.70 16.22
N ALA A 171 51.71 21.69 15.54
CA ALA A 171 53.00 21.88 14.88
C ALA A 171 52.89 22.84 13.70
N ARG A 172 51.73 22.86 13.04
CA ARG A 172 51.48 23.80 11.95
C ARG A 172 50.84 25.10 12.44
N GLY A 173 50.70 25.28 13.75
CA GLY A 173 50.19 26.52 14.29
C GLY A 173 48.74 26.82 13.96
N LEU A 174 47.92 25.80 13.74
CA LEU A 174 46.53 25.97 13.32
C LEU A 174 45.55 26.01 14.48
N MET A 175 46.03 26.05 15.73
CA MET A 175 45.12 26.11 16.86
C MET A 175 44.32 27.40 16.83
N ALA A 176 43.02 27.29 17.11
CA ALA A 176 42.12 28.44 17.13
C ALA A 176 41.03 28.19 18.15
N PHE A 177 40.85 29.13 19.07
CA PHE A 177 39.84 29.03 20.13
C PHE A 177 39.10 30.35 20.22
N GLU A 178 37.94 30.43 19.57
CA GLU A 178 37.12 31.65 19.60
C GLU A 178 36.43 31.75 20.96
N HIS A 179 36.88 32.67 21.80
CA HIS A 179 36.28 32.85 23.11
C HIS A 179 34.91 33.51 22.99
N GLN A 180 34.09 33.31 24.03
CA GLN A 180 32.71 33.79 24.05
C GLN A 180 32.68 35.30 24.29
N ARG A 181 32.16 36.02 23.30
CA ARG A 181 32.12 37.48 23.35
C ARG A 181 30.90 37.87 24.19
N GLY B 3 28.75 35.41 8.11
CA GLY B 3 27.88 35.67 9.25
C GLY B 3 28.42 35.14 10.55
N ALA B 4 29.22 35.96 11.24
CA ALA B 4 29.78 35.56 12.52
C ALA B 4 28.72 35.48 13.62
N TRP B 5 27.71 36.35 13.57
CA TRP B 5 26.60 36.31 14.51
C TRP B 5 25.34 35.86 13.78
N GLU B 6 24.32 36.73 13.68
CA GLU B 6 23.12 36.37 12.95
C GLU B 6 23.48 35.96 11.54
N GLU B 7 23.04 34.76 11.14
CA GLU B 7 23.44 34.16 9.88
C GLU B 7 22.24 33.48 9.23
N THR B 8 22.13 33.63 7.92
CA THR B 8 21.05 33.00 7.16
C THR B 8 21.66 32.19 6.03
N PHE B 9 21.09 31.01 5.79
CA PHE B 9 21.47 30.14 4.69
C PHE B 9 20.19 29.72 3.98
N LYS B 10 20.16 29.92 2.66
CA LYS B 10 18.93 29.78 1.90
C LYS B 10 17.87 30.68 2.52
N THR B 11 16.78 30.09 3.03
CA THR B 11 15.73 30.86 3.68
C THR B 11 15.70 30.69 5.19
N HIS B 12 16.65 29.97 5.77
CA HIS B 12 16.65 29.67 7.21
C HIS B 12 17.60 30.61 7.92
N SER B 13 17.20 31.07 9.11
CA SER B 13 17.95 32.05 9.89
C SER B 13 18.41 31.44 11.20
N ASP B 14 19.70 31.65 11.52
CA ASP B 14 20.30 31.23 12.77
C ASP B 14 20.56 32.50 13.59
N SER B 15 19.83 32.65 14.70
CA SER B 15 19.98 33.86 15.51
C SER B 15 21.32 33.90 16.25
N LYS B 16 21.97 32.76 16.43
CA LYS B 16 23.33 32.62 16.96
C LYS B 16 23.58 33.59 18.12
N PRO B 17 22.85 33.46 19.23
CA PRO B 17 22.94 34.46 20.30
C PRO B 17 24.30 34.53 20.98
N TYR B 18 25.15 33.50 20.85
CA TYR B 18 26.43 33.47 21.53
C TYR B 18 27.61 33.84 20.62
N GLY B 19 27.36 34.04 19.33
CA GLY B 19 28.39 34.48 18.41
C GLY B 19 29.38 33.39 18.07
N PRO B 20 30.51 33.79 17.49
CA PRO B 20 31.53 32.80 17.10
C PRO B 20 32.15 32.15 18.32
N THR B 21 32.15 30.80 18.34
CA THR B 21 32.68 30.04 19.45
C THR B 21 33.45 28.81 18.98
N SER B 22 33.90 28.79 17.74
CA SER B 22 34.48 27.57 17.18
C SER B 22 35.86 27.30 17.75
N VAL B 23 36.26 26.02 17.68
CA VAL B 23 37.56 25.56 18.18
C VAL B 23 38.19 24.66 17.13
N GLY B 24 39.52 24.68 17.07
CA GLY B 24 40.24 23.91 16.08
C GLY B 24 41.65 23.60 16.54
N LEU B 25 42.20 22.51 16.02
CA LEU B 25 43.53 22.03 16.40
C LEU B 25 44.05 21.10 15.33
N ASP B 26 45.37 21.12 15.12
CA ASP B 26 46.02 20.31 14.11
C ASP B 26 46.97 19.29 14.74
N PHE B 27 47.21 18.21 14.01
CA PHE B 27 47.99 17.07 14.50
C PHE B 27 48.89 16.58 13.38
N SER B 28 50.16 16.30 13.72
CA SER B 28 51.15 15.87 12.76
C SER B 28 51.55 14.43 13.07
N LEU B 29 51.56 13.58 12.03
CA LEU B 29 51.79 12.14 12.17
C LEU B 29 52.98 11.75 11.31
N PRO B 30 54.21 11.86 11.85
CA PRO B 30 55.39 11.49 11.05
C PRO B 30 55.42 10.00 10.78
N GLY B 31 55.74 9.65 9.53
CA GLY B 31 55.77 8.27 9.10
C GLY B 31 54.46 7.70 8.62
N MET B 32 53.37 8.45 8.76
CA MET B 32 52.04 7.98 8.38
C MET B 32 51.67 8.51 7.00
N GLU B 33 51.28 7.59 6.11
CA GLU B 33 50.79 7.93 4.78
C GLU B 33 49.37 7.48 4.53
N HIS B 34 48.75 6.78 5.49
CA HIS B 34 47.43 6.19 5.30
C HIS B 34 46.59 6.46 6.53
N VAL B 35 45.46 7.15 6.35
CA VAL B 35 44.53 7.40 7.45
C VAL B 35 43.16 6.87 7.05
N TYR B 36 42.37 6.52 8.05
CA TYR B 36 41.11 5.83 7.84
C TYR B 36 40.09 6.33 8.86
N GLY B 37 38.82 6.06 8.57
CA GLY B 37 37.78 6.32 9.55
C GLY B 37 36.90 7.52 9.30
N ILE B 38 36.67 8.30 10.35
CA ILE B 38 35.68 9.39 10.42
C ILE B 38 34.46 9.13 9.53
N PRO B 39 33.72 8.05 9.75
CA PRO B 39 32.44 7.88 9.05
C PRO B 39 31.45 8.93 9.53
N GLU B 40 30.42 9.19 8.72
CA GLU B 40 30.06 8.39 7.55
C GLU B 40 30.13 9.19 6.25
N HIS B 41 30.83 8.63 5.28
CA HIS B 41 30.96 9.24 3.96
C HIS B 41 30.91 8.14 2.92
N ALA B 42 30.26 8.45 1.79
CA ALA B 42 30.27 7.55 0.64
C ALA B 42 31.58 7.75 -0.12
N ASP B 43 32.66 7.25 0.48
CA ASP B 43 34.00 7.46 -0.05
C ASP B 43 34.85 6.22 0.24
N SER B 44 36.07 6.24 -0.30
CA SER B 44 36.96 5.09 -0.20
C SER B 44 37.40 4.86 1.25
N LEU B 45 37.86 3.63 1.51
CA LEU B 45 38.34 3.30 2.85
C LEU B 45 39.51 4.18 3.25
N ARG B 46 40.52 4.28 2.40
CA ARG B 46 41.64 5.17 2.66
C ARG B 46 41.24 6.61 2.36
N LEU B 47 41.29 7.46 3.39
CA LEU B 47 40.84 8.85 3.25
C LEU B 47 41.77 9.64 2.34
N LYS B 48 41.19 10.56 1.58
CA LYS B 48 41.94 11.38 0.63
C LYS B 48 42.37 12.68 1.29
N VAL B 49 43.41 13.31 0.70
CA VAL B 49 43.79 14.64 1.14
C VAL B 49 42.71 15.63 0.71
N THR B 50 42.48 16.65 1.53
CA THR B 50 41.42 17.61 1.29
C THR B 50 41.94 18.96 0.78
N GLU B 51 43.25 19.09 0.54
CA GLU B 51 43.83 20.39 0.24
C GLU B 51 43.22 21.00 -1.01
N GLY B 52 43.00 20.20 -2.04
CA GLY B 52 42.45 20.72 -3.28
C GLY B 52 40.95 20.88 -3.33
N GLY B 53 40.21 20.57 -2.25
CA GLY B 53 38.76 20.58 -2.27
C GLY B 53 38.17 20.80 -0.90
N GLU B 54 37.04 20.14 -0.63
CA GLU B 54 36.30 20.28 0.62
C GLU B 54 36.93 19.44 1.72
N PRO B 55 36.84 19.89 2.97
CA PRO B 55 37.18 19.01 4.09
C PRO B 55 36.09 17.96 4.28
N TYR B 56 36.45 16.88 4.98
CA TYR B 56 35.45 15.91 5.37
C TYR B 56 34.56 16.52 6.45
N ARG B 57 33.25 16.36 6.29
CA ARG B 57 32.29 16.95 7.20
C ARG B 57 31.64 15.89 8.07
N LEU B 58 31.52 16.18 9.35
CA LEU B 58 30.84 15.31 10.32
C LEU B 58 29.64 16.09 10.86
N TYR B 59 28.47 15.83 10.31
CA TYR B 59 27.23 16.47 10.75
C TYR B 59 26.10 15.57 10.28
N ASN B 60 25.41 14.95 11.22
CA ASN B 60 24.39 13.96 10.88
C ASN B 60 23.29 14.60 10.04
N LEU B 61 23.23 14.23 8.76
CA LEU B 61 22.32 14.86 7.81
C LEU B 61 21.65 13.80 6.95
N ASP B 62 20.42 14.10 6.54
CA ASP B 62 19.61 13.23 5.68
C ASP B 62 19.75 13.73 4.25
N VAL B 63 20.55 13.03 3.45
CA VAL B 63 20.87 13.44 2.08
C VAL B 63 20.08 12.56 1.13
N PHE B 64 19.11 13.16 0.44
CA PHE B 64 18.24 12.43 -0.48
C PHE B 64 19.02 12.00 -1.72
N GLN B 65 19.01 10.70 -2.01
CA GLN B 65 19.71 10.12 -3.16
C GLN B 65 21.19 10.52 -3.15
N TYR B 66 21.87 10.19 -2.05
CA TYR B 66 23.26 10.59 -1.92
C TYR B 66 24.13 9.92 -2.97
N GLU B 67 25.20 10.60 -3.37
CA GLU B 67 26.10 10.14 -4.41
C GLU B 67 27.40 9.60 -3.81
N LEU B 68 28.22 9.02 -4.69
CA LEU B 68 29.45 8.34 -4.29
C LEU B 68 30.67 9.20 -4.57
N ASN B 69 31.75 8.90 -3.83
CA ASN B 69 33.06 9.53 -4.01
C ASN B 69 32.98 11.05 -3.81
N ASN B 70 32.51 11.45 -2.63
CA ASN B 70 32.51 12.85 -2.24
C ASN B 70 32.48 12.93 -0.73
N PRO B 71 32.98 14.04 -0.16
CA PRO B 71 33.12 14.12 1.31
C PRO B 71 31.90 14.69 2.03
N MET B 72 30.74 14.72 1.37
CA MET B 72 29.55 15.26 2.01
C MET B 72 29.18 14.44 3.24
N ALA B 73 28.72 15.14 4.28
CA ALA B 73 28.29 14.46 5.50
C ALA B 73 27.01 13.66 5.26
N LEU B 74 26.99 12.43 5.79
CA LEU B 74 25.83 11.58 5.72
C LEU B 74 25.21 11.42 7.12
N TYR B 75 24.55 10.29 7.37
CA TYR B 75 23.62 10.20 8.50
C TYR B 75 24.33 10.10 9.84
N GLY B 76 25.55 9.56 9.86
CA GLY B 76 26.24 9.36 11.13
C GLY B 76 27.59 10.03 11.19
N SER B 77 28.12 10.21 12.40
CA SER B 77 29.40 10.89 12.60
C SER B 77 30.14 10.23 13.75
N VAL B 78 31.29 9.63 13.45
CA VAL B 78 32.19 9.08 14.45
C VAL B 78 33.54 9.78 14.30
N PRO B 79 33.87 10.70 15.20
CA PRO B 79 35.10 11.52 15.04
C PRO B 79 36.36 10.79 15.50
N VAL B 80 36.68 9.71 14.79
CA VAL B 80 37.82 8.87 15.13
C VAL B 80 38.61 8.58 13.86
N LEU B 81 39.90 8.88 13.89
CA LEU B 81 40.79 8.67 12.75
C LEU B 81 41.91 7.73 13.16
N LEU B 82 42.17 6.74 12.30
CA LEU B 82 43.24 5.77 12.51
C LEU B 82 44.34 6.01 11.49
N ALA B 83 45.59 5.97 11.94
CA ALA B 83 46.75 6.11 11.07
C ALA B 83 47.57 4.83 11.14
N HIS B 84 47.89 4.28 9.97
CA HIS B 84 48.59 3.00 9.88
C HIS B 84 49.82 3.13 9.00
N SER B 85 50.93 2.58 9.47
CA SER B 85 52.14 2.45 8.67
C SER B 85 52.71 1.05 8.91
N PHE B 86 53.76 0.74 8.15
CA PHE B 86 54.52 -0.50 8.35
C PHE B 86 55.00 -0.61 9.80
N HIS B 87 55.31 0.51 10.44
CA HIS B 87 55.95 0.49 11.74
C HIS B 87 55.00 0.59 12.93
N ARG B 88 53.89 1.31 12.80
CA ARG B 88 53.06 1.59 13.96
C ARG B 88 51.63 1.88 13.54
N ASP B 89 50.76 1.97 14.55
CA ASP B 89 49.37 2.36 14.41
C ASP B 89 49.05 3.39 15.48
N LEU B 90 48.24 4.38 15.11
CA LEU B 90 47.84 5.45 16.02
C LEU B 90 46.37 5.76 15.79
N GLY B 91 45.75 6.37 16.80
CA GLY B 91 44.36 6.78 16.69
C GLY B 91 44.13 8.12 17.36
N ILE B 92 43.22 8.89 16.77
CA ILE B 92 42.82 10.20 17.29
C ILE B 92 41.31 10.19 17.48
N PHE B 93 40.86 10.53 18.69
CA PHE B 93 39.45 10.54 19.05
C PHE B 93 39.10 11.96 19.48
N TRP B 94 38.41 12.70 18.61
CA TRP B 94 38.07 14.11 18.83
C TRP B 94 36.66 14.18 19.42
N LEU B 95 36.58 14.22 20.75
CA LEU B 95 35.31 14.14 21.46
C LEU B 95 34.60 15.49 21.41
N ASN B 96 33.89 15.73 20.31
CA ASN B 96 33.11 16.95 20.12
C ASN B 96 31.82 16.57 19.42
N ALA B 97 30.70 17.11 19.90
CA ALA B 97 29.38 16.75 19.39
C ALA B 97 28.80 17.77 18.42
N ALA B 98 29.52 18.85 18.14
CA ALA B 98 29.05 19.88 17.22
C ALA B 98 29.50 19.57 15.79
N GLU B 99 29.00 20.38 14.86
CA GLU B 99 29.43 20.29 13.47
C GLU B 99 30.95 20.38 13.38
N THR B 100 31.56 19.43 12.68
CA THR B 100 33.01 19.29 12.66
C THR B 100 33.48 19.06 11.23
N TRP B 101 34.51 19.80 10.83
CA TRP B 101 35.17 19.61 9.55
C TRP B 101 36.60 19.13 9.79
N VAL B 102 37.09 18.27 8.91
CA VAL B 102 38.38 17.61 9.08
C VAL B 102 39.20 17.78 7.81
N ASP B 103 40.37 18.39 7.93
CA ASP B 103 41.28 18.59 6.80
C ASP B 103 42.44 17.60 6.90
N ILE B 104 42.83 17.04 5.76
CA ILE B 104 43.88 16.04 5.68
C ILE B 104 44.86 16.49 4.61
N SER B 105 46.14 16.62 4.97
CA SER B 105 47.19 17.06 4.05
C SER B 105 48.42 16.18 4.20
N SER B 106 49.10 15.92 3.08
CA SER B 106 50.28 15.09 3.04
C SER B 106 51.55 15.94 2.99
N ASN B 107 52.69 15.27 3.11
CA ASN B 107 54.00 15.90 3.05
C ASN B 107 54.99 15.01 2.32
N THR C 1 60.34 10.54 6.58
CA THR C 1 59.94 11.81 5.98
C THR C 1 58.44 11.91 5.65
N PRO C 2 57.83 10.86 5.08
CA PRO C 2 56.39 10.94 4.78
C PRO C 2 55.60 11.25 6.03
N GLN C 3 54.66 12.18 5.90
CA GLN C 3 53.91 12.65 7.06
C GLN C 3 52.51 13.06 6.63
N THR C 4 51.56 12.90 7.54
CA THR C 4 50.18 13.30 7.32
C THR C 4 49.75 14.22 8.45
N ASP C 5 49.12 15.34 8.10
CA ASP C 5 48.62 16.30 9.07
C ASP C 5 47.09 16.25 9.09
N ILE C 6 46.52 16.32 10.27
CA ILE C 6 45.07 16.26 10.48
C ILE C 6 44.67 17.50 11.25
N ARG C 7 43.56 18.12 10.85
CA ARG C 7 43.06 19.32 11.49
C ARG C 7 41.56 19.19 11.70
N TRP C 8 41.12 19.34 12.96
CA TRP C 8 39.72 19.27 13.33
C TRP C 8 39.20 20.67 13.59
N MET C 9 38.01 20.98 13.08
CA MET C 9 37.38 22.28 13.28
C MET C 9 35.93 22.07 13.67
N SER C 10 35.56 22.52 14.87
CA SER C 10 34.24 22.29 15.45
C SER C 10 33.59 23.61 15.81
N GLU C 11 32.24 23.64 15.77
CA GLU C 11 31.51 24.90 15.91
C GLU C 11 31.46 25.40 17.33
N SER C 12 31.36 24.51 18.31
CA SER C 12 31.31 24.92 19.71
C SER C 12 31.90 23.81 20.57
N GLY C 13 31.68 23.89 21.88
CA GLY C 13 32.25 22.96 22.81
C GLY C 13 33.69 23.29 23.15
N ILE C 14 34.31 22.40 23.90
CA ILE C 14 35.71 22.54 24.27
C ILE C 14 36.55 21.73 23.30
N ILE C 15 37.86 21.91 23.36
CA ILE C 15 38.79 20.98 22.72
C ILE C 15 38.96 19.79 23.65
N ASP C 16 38.67 18.60 23.14
CA ASP C 16 38.73 17.38 23.94
C ASP C 16 39.10 16.25 22.99
N VAL C 17 40.34 15.77 23.09
CA VAL C 17 40.88 14.82 22.12
C VAL C 17 41.69 13.76 22.85
N PHE C 18 41.52 12.51 22.43
CA PHE C 18 42.28 11.39 22.96
C PHE C 18 43.29 10.94 21.91
N LEU C 19 44.55 10.80 22.33
CA LEU C 19 45.59 10.24 21.47
C LEU C 19 45.86 8.81 21.92
N MET C 20 45.67 7.87 21.00
CA MET C 20 45.77 6.43 21.28
C MET C 20 46.99 5.89 20.57
N LEU C 21 48.00 5.49 21.34
CA LEU C 21 49.37 5.38 20.86
C LEU C 21 49.73 3.98 20.35
N GLY C 22 48.78 3.05 20.31
CA GLY C 22 49.06 1.72 19.82
C GLY C 22 49.92 0.93 20.78
N PRO C 23 51.00 0.30 20.26
CA PRO C 23 51.55 0.47 18.90
C PRO C 23 50.87 -0.32 17.77
N SER C 24 50.16 -1.39 18.07
CA SER C 24 49.47 -2.17 17.06
C SER C 24 48.02 -1.71 16.93
N VAL C 25 47.42 -2.03 15.78
CA VAL C 25 46.05 -1.60 15.53
C VAL C 25 45.08 -2.26 16.51
N PHE C 26 45.41 -3.47 16.98
CA PHE C 26 44.58 -4.10 18.00
C PHE C 26 44.75 -3.40 19.35
N ASP C 27 45.92 -2.83 19.61
CA ASP C 27 46.08 -1.99 20.80
C ASP C 27 45.18 -0.75 20.70
N VAL C 28 45.07 -0.17 19.51
CA VAL C 28 44.21 0.99 19.32
C VAL C 28 42.74 0.59 19.51
N PHE C 29 42.36 -0.57 18.97
CA PHE C 29 41.02 -1.10 19.23
C PHE C 29 40.74 -1.20 20.73
N ARG C 30 41.67 -1.78 21.48
CA ARG C 30 41.50 -1.90 22.92
C ARG C 30 41.43 -0.53 23.59
N GLN C 31 42.28 0.41 23.13
CA GLN C 31 42.31 1.73 23.75
C GLN C 31 41.00 2.47 23.52
N TYR C 32 40.48 2.46 22.30
CA TYR C 32 39.22 3.13 22.02
C TYR C 32 38.06 2.45 22.74
N ALA C 33 38.06 1.11 22.79
CA ALA C 33 36.98 0.39 23.45
C ALA C 33 36.92 0.71 24.95
N SER C 34 38.09 0.88 25.58
CA SER C 34 38.10 1.26 26.99
C SER C 34 37.46 2.62 27.22
N LEU C 35 37.42 3.48 26.20
CA LEU C 35 36.82 4.79 26.33
C LEU C 35 35.32 4.79 26.08
N THR C 36 34.88 4.20 24.96
CA THR C 36 33.49 4.30 24.54
C THR C 36 32.74 2.99 24.59
N GLY C 37 33.38 1.91 25.03
CA GLY C 37 32.70 0.64 25.16
C GLY C 37 32.82 -0.23 23.92
N THR C 38 32.12 -1.35 23.96
CA THR C 38 32.24 -2.37 22.93
C THR C 38 30.87 -2.63 22.30
N GLN C 39 30.92 -3.33 21.17
CA GLN C 39 29.71 -3.74 20.46
C GLN C 39 28.81 -4.58 21.36
N ALA C 40 27.55 -4.16 21.50
CA ALA C 40 26.59 -4.97 22.21
C ALA C 40 26.43 -6.32 21.53
N LEU C 41 26.37 -7.38 22.32
CA LEU C 41 26.20 -8.73 21.78
C LEU C 41 24.82 -8.84 21.15
N PRO C 42 24.71 -9.02 19.83
CA PRO C 42 23.40 -9.13 19.20
C PRO C 42 22.72 -10.42 19.59
N PRO C 43 21.40 -10.41 19.80
CA PRO C 43 20.66 -11.67 19.84
C PRO C 43 20.84 -12.42 18.54
N LEU C 44 20.95 -13.75 18.63
CA LEU C 44 21.36 -14.56 17.49
C LEU C 44 20.49 -14.31 16.26
N PHE C 45 19.18 -14.17 16.44
CA PHE C 45 18.27 -14.01 15.30
C PHE C 45 18.63 -12.79 14.46
N SER C 46 19.13 -11.73 15.09
CA SER C 46 19.44 -10.51 14.37
C SER C 46 20.67 -10.64 13.48
N LEU C 47 21.40 -11.75 13.59
CA LEU C 47 22.49 -12.04 12.68
C LEU C 47 22.05 -12.91 11.51
N GLY C 48 20.78 -13.31 11.47
CA GLY C 48 20.22 -13.99 10.31
C GLY C 48 19.85 -13.00 9.22
N TYR C 49 18.93 -13.43 8.36
CA TYR C 49 18.50 -12.63 7.22
C TYR C 49 17.22 -11.88 7.56
N HIS C 50 17.19 -10.59 7.20
CA HIS C 50 16.05 -9.73 7.42
C HIS C 50 15.40 -9.38 6.09
N GLN C 51 14.08 -9.59 5.99
CA GLN C 51 13.33 -9.26 4.80
C GLN C 51 12.49 -8.01 5.07
N SER C 52 12.72 -6.96 4.29
CA SER C 52 12.09 -5.67 4.54
C SER C 52 11.73 -5.00 3.22
N ARG C 53 10.80 -4.05 3.31
CA ARG C 53 10.53 -3.10 2.23
C ARG C 53 9.57 -2.03 2.77
N TRP C 54 9.51 -0.93 2.04
CA TRP C 54 8.51 0.12 2.22
C TRP C 54 7.50 -0.11 1.10
N ASN C 55 6.34 -0.67 1.40
CA ASN C 55 5.93 -1.17 2.71
C ASN C 55 5.23 -2.51 2.49
N TYR C 56 5.20 -3.38 3.50
CA TYR C 56 4.29 -4.53 3.45
C TYR C 56 2.87 -4.10 3.80
N ARG C 57 1.92 -4.61 3.03
CA ARG C 57 0.61 -3.98 2.89
C ARG C 57 -0.24 -4.13 4.14
N ASP C 58 -0.32 -5.34 4.67
CA ASP C 58 -1.19 -5.61 5.81
C ASP C 58 -0.73 -6.91 6.46
N GLU C 59 -1.49 -7.36 7.46
CA GLU C 59 -1.16 -8.61 8.14
C GLU C 59 -1.15 -9.77 7.15
N ALA C 60 -2.11 -9.81 6.24
CA ALA C 60 -2.15 -10.89 5.25
C ALA C 60 -0.89 -10.90 4.39
N ASP C 61 -0.42 -9.72 3.99
CA ASP C 61 0.79 -9.66 3.18
C ASP C 61 1.99 -10.18 3.97
N VAL C 62 2.11 -9.79 5.24
CA VAL C 62 3.21 -10.26 6.07
C VAL C 62 3.19 -11.78 6.19
N LEU C 63 2.00 -12.35 6.44
CA LEU C 63 1.88 -13.79 6.55
C LEU C 63 2.17 -14.48 5.22
N GLU C 64 1.79 -13.83 4.11
CA GLU C 64 2.10 -14.36 2.79
C GLU C 64 3.60 -14.37 2.53
N VAL C 65 4.29 -13.28 2.91
CA VAL C 65 5.74 -13.24 2.79
C VAL C 65 6.37 -14.35 3.64
N ASP C 66 5.88 -14.50 4.87
CA ASP C 66 6.37 -15.57 5.74
C ASP C 66 6.20 -16.93 5.09
N GLN C 67 5.01 -17.20 4.54
CA GLN C 67 4.76 -18.48 3.90
C GLN C 67 5.60 -18.66 2.63
N GLY C 68 5.86 -17.57 1.92
CA GLY C 68 6.66 -17.68 0.70
C GLY C 68 8.06 -18.20 0.97
N PHE C 69 8.68 -17.75 2.07
CA PHE C 69 10.01 -18.24 2.40
C PHE C 69 10.02 -19.74 2.65
N ASP C 70 9.00 -20.25 3.34
CA ASP C 70 8.92 -21.67 3.62
C ASP C 70 8.57 -22.46 2.36
N ASP C 71 7.67 -21.92 1.53
CA ASP C 71 7.27 -22.62 0.32
C ASP C 71 8.41 -22.72 -0.69
N HIS C 72 9.36 -21.78 -0.66
CA HIS C 72 10.48 -21.78 -1.59
C HIS C 72 11.79 -22.15 -0.90
N ASN C 73 11.68 -22.71 0.31
CA ASN C 73 12.80 -23.20 1.11
CA ASN C 73 12.83 -23.22 1.06
C ASN C 73 13.96 -22.19 1.14
N MET C 74 13.65 -21.04 1.74
CA MET C 74 14.63 -20.00 1.95
C MET C 74 14.56 -19.57 3.42
N PRO C 75 15.68 -19.51 4.12
CA PRO C 75 15.66 -19.13 5.53
C PRO C 75 15.49 -17.63 5.69
N CYS C 76 14.84 -17.25 6.79
CA CYS C 76 14.59 -15.86 7.13
C CYS C 76 14.18 -15.78 8.59
N ASP C 77 14.72 -14.81 9.31
CA ASP C 77 14.44 -14.65 10.73
C ASP C 77 13.45 -13.53 11.03
N VAL C 78 13.50 -12.42 10.29
CA VAL C 78 12.72 -11.24 10.63
C VAL C 78 12.05 -10.67 9.38
N ILE C 79 10.79 -10.26 9.53
CA ILE C 79 10.08 -9.47 8.53
C ILE C 79 9.83 -8.09 9.12
N TRP C 80 10.08 -7.04 8.34
CA TRP C 80 10.08 -5.68 8.84
C TRP C 80 8.84 -4.91 8.38
N LEU C 81 8.37 -4.03 9.25
CA LEU C 81 7.20 -3.19 9.00
C LEU C 81 7.64 -1.72 8.99
N ASP C 82 7.57 -1.09 7.82
CA ASP C 82 7.96 0.31 7.66
C ASP C 82 6.78 1.20 8.06
N ILE C 83 6.89 2.50 7.77
CA ILE C 83 6.03 3.52 8.38
C ILE C 83 4.55 3.36 8.02
N GLU C 84 4.22 2.66 6.94
CA GLU C 84 2.80 2.54 6.59
C GLU C 84 2.03 1.60 7.52
N HIS C 85 2.70 0.92 8.44
CA HIS C 85 2.00 0.03 9.36
C HIS C 85 1.28 0.80 10.46
N ALA C 86 1.69 2.02 10.75
CA ALA C 86 1.09 2.83 11.80
C ALA C 86 -0.10 3.63 11.28
N ASP C 87 -0.80 4.29 12.20
CA ASP C 87 -1.95 5.14 11.87
C ASP C 87 -1.41 6.50 11.43
N GLY C 88 -1.25 6.68 10.12
CA GLY C 88 -0.81 7.94 9.58
C GLY C 88 0.51 8.43 10.15
N LYS C 89 1.46 7.51 10.33
CA LYS C 89 2.79 7.82 10.84
C LYS C 89 2.74 8.38 12.27
N ARG C 90 1.72 7.99 13.03
CA ARG C 90 1.71 8.17 14.48
C ARG C 90 2.36 6.92 15.08
N TYR C 91 3.60 7.06 15.54
CA TYR C 91 4.35 5.90 15.98
C TYR C 91 3.80 5.35 17.29
N PHE C 92 4.04 4.06 17.51
CA PHE C 92 3.46 3.24 18.57
C PHE C 92 2.00 2.89 18.31
N THR C 93 1.49 3.13 17.11
CA THR C 93 0.12 2.79 16.75
C THR C 93 0.10 1.83 15.57
N TRP C 94 -1.10 1.35 15.23
CA TRP C 94 -1.32 0.40 14.16
C TRP C 94 -2.49 0.88 13.31
N ASP C 95 -2.36 0.73 12.00
CA ASP C 95 -3.45 1.12 11.12
C ASP C 95 -4.69 0.28 11.41
N PRO C 96 -5.84 0.89 11.71
CA PRO C 96 -7.00 0.11 12.16
C PRO C 96 -7.59 -0.80 11.09
N THR C 97 -7.28 -0.59 9.81
CA THR C 97 -7.78 -1.44 8.74
C THR C 97 -6.79 -2.52 8.33
N ARG C 98 -5.52 -2.15 8.12
CA ARG C 98 -4.54 -3.07 7.57
C ARG C 98 -3.77 -3.85 8.64
N PHE C 99 -3.74 -3.36 9.87
CA PHE C 99 -3.12 -4.10 10.99
C PHE C 99 -4.04 -4.07 12.20
N PRO C 100 -5.25 -4.65 12.10
CA PRO C 100 -6.21 -4.56 13.20
C PRO C 100 -5.92 -5.47 14.38
N GLN C 101 -5.13 -6.53 14.19
CA GLN C 101 -4.83 -7.49 15.26
C GLN C 101 -3.33 -7.80 15.28
N PRO C 102 -2.51 -6.82 15.66
CA PRO C 102 -1.04 -7.07 15.67
C PRO C 102 -0.64 -8.26 16.53
N LEU C 103 -1.29 -8.46 17.68
CA LEU C 103 -0.93 -9.58 18.54
C LEU C 103 -1.10 -10.91 17.83
N ASN C 104 -2.17 -11.06 17.05
CA ASN C 104 -2.39 -12.30 16.31
C ASN C 104 -1.34 -12.48 15.22
N MET C 105 -0.97 -11.41 14.54
CA MET C 105 0.11 -11.48 13.55
C MET C 105 1.42 -11.89 14.20
N LEU C 106 1.76 -11.27 15.34
CA LEU C 106 2.98 -11.62 16.04
C LEU C 106 2.93 -13.06 16.54
N GLU C 107 1.75 -13.52 16.97
CA GLU C 107 1.61 -14.91 17.40
C GLU C 107 1.89 -15.87 16.24
N HIS C 108 1.35 -15.57 15.05
CA HIS C 108 1.59 -16.46 13.92
CA HIS C 108 1.58 -16.43 13.89
C HIS C 108 3.07 -16.51 13.57
N LEU C 109 3.77 -15.38 13.63
CA LEU C 109 5.21 -15.38 13.37
C LEU C 109 5.96 -16.13 14.45
N ALA C 110 5.52 -16.02 15.70
CA ALA C 110 6.15 -16.79 16.78
C ALA C 110 5.99 -18.28 16.55
N SER C 111 4.85 -18.71 16.00
CA SER C 111 4.63 -20.12 15.68
C SER C 111 5.55 -20.62 14.58
N LYS C 112 6.08 -19.72 13.74
CA LYS C 112 7.12 -20.05 12.79
C LYS C 112 8.51 -19.76 13.33
N ARG C 113 8.60 -19.34 14.59
CA ARG C 113 9.87 -19.03 15.25
C ARG C 113 10.62 -17.93 14.51
N ARG C 114 9.88 -16.90 14.10
CA ARG C 114 10.40 -15.72 13.44
C ARG C 114 10.00 -14.48 14.22
N LYS C 115 10.69 -13.39 13.94
CA LYS C 115 10.47 -12.12 14.62
C LYS C 115 9.94 -11.08 13.65
N LEU C 116 9.56 -9.93 14.20
CA LEU C 116 9.14 -8.78 13.42
C LEU C 116 9.83 -7.54 13.96
N VAL C 117 10.14 -6.61 13.05
CA VAL C 117 10.67 -5.31 13.43
C VAL C 117 9.71 -4.24 12.94
N ALA C 118 9.34 -3.32 13.83
CA ALA C 118 8.49 -2.18 13.51
C ALA C 118 9.30 -0.91 13.65
N ILE C 119 9.06 0.04 12.75
CA ILE C 119 9.78 1.31 12.76
C ILE C 119 9.14 2.25 13.76
N VAL C 120 9.98 2.96 14.51
CA VAL C 120 9.56 4.01 15.45
C VAL C 120 10.53 5.17 15.25
N ASP C 121 10.03 6.27 14.71
CA ASP C 121 10.87 7.43 14.43
C ASP C 121 10.71 8.46 15.54
N PRO C 122 11.71 9.33 15.74
CA PRO C 122 11.65 10.25 16.88
C PRO C 122 10.66 11.39 16.72
N HIS C 123 10.24 11.73 15.51
CA HIS C 123 9.34 12.88 15.33
C HIS C 123 7.91 12.49 15.64
N ILE C 124 7.20 13.37 16.35
CA ILE C 124 5.88 13.09 16.88
C ILE C 124 4.87 14.03 16.23
N LYS C 125 3.86 13.46 15.58
CA LYS C 125 2.86 14.26 14.89
C LYS C 125 2.17 15.22 15.84
N VAL C 126 2.07 16.48 15.43
CA VAL C 126 1.34 17.48 16.21
C VAL C 126 -0.15 17.20 16.01
N ASP C 127 -0.79 16.65 17.03
CA ASP C 127 -2.15 16.14 16.89
C ASP C 127 -2.70 15.95 18.30
N SER C 128 -3.72 16.74 18.66
CA SER C 128 -4.27 16.69 20.01
C SER C 128 -4.97 15.38 20.32
N GLY C 129 -5.25 14.55 19.32
CA GLY C 129 -5.78 13.22 19.54
C GLY C 129 -4.75 12.14 19.69
N TYR C 130 -3.47 12.49 19.53
CA TYR C 130 -2.37 11.54 19.60
C TYR C 130 -1.82 11.61 21.02
N ARG C 131 -2.04 10.53 21.78
CA ARG C 131 -1.73 10.54 23.21
C ARG C 131 -0.23 10.75 23.45
N VAL C 132 0.63 10.23 22.57
CA VAL C 132 2.06 10.46 22.73
C VAL C 132 2.37 11.95 22.66
N HIS C 133 1.78 12.65 21.69
CA HIS C 133 2.01 14.09 21.58
C HIS C 133 1.48 14.84 22.79
N GLU C 134 0.29 14.45 23.28
CA GLU C 134 -0.31 15.17 24.40
C GLU C 134 0.54 15.03 25.66
N GLU C 135 1.04 13.82 25.93
CA GLU C 135 1.88 13.62 27.10
C GLU C 135 3.17 14.41 27.01
N LEU C 136 3.86 14.32 25.86
CA LEU C 136 5.14 14.99 25.72
C LEU C 136 4.97 16.50 25.84
N ARG C 137 3.88 17.03 25.28
CA ARG C 137 3.63 18.46 25.39
C ARG C 137 3.26 18.85 26.82
N ASN C 138 2.41 18.05 27.47
CA ASN C 138 1.97 18.36 28.83
C ASN C 138 3.09 18.25 29.85
N HIS C 139 4.11 17.45 29.59
CA HIS C 139 5.23 17.29 30.50
C HIS C 139 6.45 18.11 30.09
N GLY C 140 6.33 18.91 29.05
CA GLY C 140 7.41 19.81 28.65
C GLY C 140 8.67 19.09 28.20
N LEU C 141 8.52 17.98 27.48
CA LEU C 141 9.64 17.15 27.08
C LEU C 141 10.03 17.34 25.63
N TYR C 142 9.55 18.39 24.97
CA TYR C 142 9.88 18.66 23.58
C TYR C 142 11.07 19.61 23.47
N VAL C 143 11.80 19.49 22.36
CA VAL C 143 12.79 20.50 22.03
C VAL C 143 12.07 21.82 21.81
N LYS C 144 12.64 22.90 22.32
CA LYS C 144 11.99 24.20 22.35
C LYS C 144 12.75 25.21 21.50
N THR C 145 12.07 26.32 21.19
CA THR C 145 12.68 27.46 20.55
C THR C 145 13.01 28.52 21.59
N ARG C 146 13.73 29.56 21.15
CA ARG C 146 14.20 30.57 22.10
C ARG C 146 13.06 31.30 22.80
N ASP C 147 11.88 31.35 22.19
CA ASP C 147 10.76 32.02 22.84
C ASP C 147 10.04 31.13 23.84
N GLY C 148 10.48 29.88 24.01
CA GLY C 148 9.88 28.98 24.96
C GLY C 148 8.77 28.09 24.43
N SER C 149 8.41 28.22 23.16
CA SER C 149 7.39 27.34 22.58
C SER C 149 8.04 26.06 22.08
N ASP C 150 7.24 25.01 21.95
CA ASP C 150 7.74 23.75 21.44
C ASP C 150 8.08 23.87 19.96
N TYR C 151 9.26 23.38 19.59
CA TYR C 151 9.68 23.40 18.19
C TYR C 151 8.75 22.54 17.35
N GLU C 152 8.40 23.04 16.16
CA GLU C 152 7.55 22.32 15.23
C GLU C 152 8.21 22.34 13.86
N GLY C 153 8.42 21.16 13.28
CA GLY C 153 8.93 21.04 11.94
C GLY C 153 8.03 20.19 11.07
N TRP C 154 8.57 19.63 9.98
CA TRP C 154 7.79 18.84 9.05
C TRP C 154 8.51 17.54 8.76
N CYS C 155 7.79 16.42 8.82
CA CYS C 155 8.34 15.12 8.43
C CYS C 155 7.25 14.22 7.87
N TRP C 156 7.39 12.90 8.03
CA TRP C 156 6.42 11.97 7.44
C TRP C 156 4.97 12.26 7.82
N PRO C 157 4.61 12.55 9.09
CA PRO C 157 3.19 12.76 9.40
C PRO C 157 2.74 14.20 9.19
N GLY C 158 3.55 14.98 8.47
CA GLY C 158 3.28 16.41 8.33
C GLY C 158 3.94 17.19 9.45
N SER C 159 3.19 18.11 10.05
CA SER C 159 3.72 18.92 11.14
C SER C 159 4.01 18.04 12.34
N ALA C 160 5.22 18.13 12.88
CA ALA C 160 5.63 17.26 13.97
C ALA C 160 6.58 18.00 14.91
N SER C 161 6.61 17.54 16.16
CA SER C 161 7.52 18.06 17.17
C SER C 161 8.56 16.99 17.52
N TYR C 162 9.64 17.44 18.15
CA TYR C 162 10.80 16.57 18.38
C TYR C 162 11.13 16.45 19.86
N PRO C 163 10.96 15.27 20.44
CA PRO C 163 11.34 15.07 21.85
C PRO C 163 12.80 15.39 22.10
N ASP C 164 13.08 15.93 23.29
CA ASP C 164 14.44 16.31 23.67
C ASP C 164 15.13 15.10 24.29
N PHE C 165 15.68 14.26 23.43
CA PHE C 165 16.32 13.03 23.88
C PHE C 165 17.60 13.27 24.67
N THR C 166 18.15 14.49 24.67
CA THR C 166 19.26 14.77 25.57
C THR C 166 18.80 14.92 27.02
N ASN C 167 17.49 14.95 27.27
CA ASN C 167 16.95 15.05 28.61
C ASN C 167 16.77 13.65 29.18
N PRO C 168 17.43 13.31 30.29
CA PRO C 168 17.23 11.97 30.88
C PRO C 168 15.79 11.67 31.22
N ARG C 169 15.01 12.68 31.62
CA ARG C 169 13.58 12.45 31.86
C ARG C 169 12.87 12.05 30.58
N MET C 170 13.30 12.58 29.45
CA MET C 170 12.70 12.19 28.17
C MET C 170 13.07 10.76 27.80
N ARG C 171 14.35 10.38 27.97
CA ARG C 171 14.76 9.03 27.64
C ARG C 171 14.07 8.00 28.53
N ALA C 172 13.86 8.35 29.80
CA ALA C 172 13.13 7.46 30.69
C ALA C 172 11.68 7.31 30.23
N TRP C 173 11.06 8.41 29.82
CA TRP C 173 9.70 8.34 29.27
C TRP C 173 9.66 7.45 28.04
N TRP C 174 10.60 7.66 27.12
CA TRP C 174 10.65 6.89 25.88
C TRP C 174 10.82 5.40 26.18
N SER C 175 11.76 5.06 27.06
CA SER C 175 11.99 3.66 27.39
CA SER C 175 12.00 3.66 27.40
C SER C 175 10.74 3.02 27.99
N ASN C 176 10.03 3.74 28.85
CA ASN C 176 8.83 3.19 29.46
C ASN C 176 7.69 3.02 28.46
N MET C 177 7.71 3.78 27.36
CA MET C 177 6.66 3.64 26.34
C MET C 177 6.71 2.28 25.65
N PHE C 178 7.84 1.58 25.73
CA PHE C 178 7.98 0.28 25.06
C PHE C 178 7.50 -0.88 25.93
N SER C 179 7.00 -0.62 27.14
CA SER C 179 6.41 -1.68 27.93
C SER C 179 5.19 -2.25 27.21
N PHE C 180 4.91 -3.53 27.45
CA PHE C 180 3.82 -4.19 26.74
C PHE C 180 2.46 -3.60 27.09
N ASP C 181 2.35 -2.91 28.23
CA ASP C 181 1.10 -2.21 28.56
C ASP C 181 0.97 -0.90 27.81
N ASN C 182 2.08 -0.20 27.55
CA ASN C 182 2.03 1.09 26.89
C ASN C 182 2.00 0.96 25.37
N TYR C 183 2.89 0.12 24.82
CA TYR C 183 2.93 -0.12 23.38
C TYR C 183 1.98 -1.27 23.07
N GLU C 184 0.69 -0.94 23.01
CA GLU C 184 -0.32 -1.96 22.79
C GLU C 184 -0.14 -2.61 21.43
N GLY C 185 -0.32 -3.93 21.38
CA GLY C 185 -0.09 -4.71 20.19
C GLY C 185 1.31 -5.27 20.07
N SER C 186 2.25 -4.85 20.91
CA SER C 186 3.60 -5.36 20.88
C SER C 186 3.72 -6.64 21.69
N ALA C 187 4.76 -7.41 21.40
CA ALA C 187 4.98 -8.72 22.00
C ALA C 187 6.48 -8.94 22.07
N PRO C 188 6.93 -9.98 22.80
CA PRO C 188 8.38 -10.18 22.96
C PRO C 188 9.14 -10.42 21.66
N ASN C 189 8.47 -10.85 20.58
CA ASN C 189 9.16 -11.08 19.32
C ASN C 189 9.04 -9.90 18.36
N LEU C 190 8.70 -8.72 18.89
CA LEU C 190 8.68 -7.48 18.11
CA LEU C 190 8.67 -7.49 18.11
C LEU C 190 9.85 -6.61 18.53
N TYR C 191 10.64 -6.17 17.55
CA TYR C 191 11.80 -5.33 17.79
C TYR C 191 11.65 -4.03 17.01
N VAL C 192 12.65 -3.15 17.09
CA VAL C 192 12.45 -1.75 16.73
C VAL C 192 13.53 -1.26 15.76
N TRP C 193 13.14 -0.33 14.90
CA TRP C 193 14.01 0.34 13.93
C TRP C 193 13.84 1.84 14.13
N ASN C 194 14.94 2.54 14.44
CA ASN C 194 14.95 3.99 14.58
C ASN C 194 15.50 4.61 13.31
N ASP C 195 14.66 5.33 12.58
CA ASP C 195 15.04 6.01 11.36
C ASP C 195 14.88 7.52 11.55
N MET C 196 15.46 8.29 10.64
CA MET C 196 15.28 9.73 10.57
C MET C 196 15.73 10.46 11.83
N ASN C 197 16.65 9.87 12.61
CA ASN C 197 16.99 10.41 13.92
C ASN C 197 18.24 11.28 13.89
N GLU C 198 18.51 11.95 12.78
CA GLU C 198 19.63 12.87 12.69
C GLU C 198 19.50 14.11 13.57
N PRO C 199 18.29 14.70 13.74
CA PRO C 199 16.94 14.40 13.26
C PRO C 199 16.68 14.99 11.88
N SER C 200 15.88 14.29 11.09
CA SER C 200 15.49 14.76 9.78
C SER C 200 14.30 15.69 9.91
N VAL C 201 14.40 16.89 9.35
CA VAL C 201 13.35 17.90 9.39
C VAL C 201 13.22 18.44 7.97
N PHE C 202 12.10 18.12 7.31
CA PHE C 202 11.99 18.34 5.87
C PHE C 202 12.06 19.82 5.51
N ASN C 203 11.54 20.70 6.38
CA ASN C 203 11.53 22.14 6.13
C ASN C 203 12.59 22.87 6.95
N GLY C 204 13.56 22.16 7.51
CA GLY C 204 14.61 22.77 8.29
C GLY C 204 15.86 23.03 7.46
N PRO C 205 16.79 23.80 8.01
CA PRO C 205 18.06 24.06 7.30
C PRO C 205 18.85 22.78 7.12
N GLU C 206 19.22 22.50 5.87
CA GLU C 206 19.92 21.27 5.49
C GLU C 206 19.13 20.04 5.91
N VAL C 207 17.81 20.15 5.90
CA VAL C 207 16.89 19.06 6.21
C VAL C 207 17.11 18.58 7.64
N THR C 208 17.46 19.48 8.55
CA THR C 208 17.63 19.12 9.96
C THR C 208 17.16 20.28 10.83
N MET C 209 17.37 20.13 12.13
CA MET C 209 16.84 21.06 13.12
C MET C 209 17.62 22.37 13.12
N LEU C 210 16.93 23.46 13.49
CA LEU C 210 17.55 24.76 13.56
C LEU C 210 18.69 24.77 14.58
N LYS C 211 19.77 25.48 14.25
CA LYS C 211 20.94 25.52 15.12
C LYS C 211 20.63 26.14 16.47
N ASP C 212 19.67 27.07 16.54
CA ASP C 212 19.39 27.80 17.76
C ASP C 212 18.16 27.27 18.50
N ALA C 213 17.74 26.04 18.21
CA ALA C 213 16.80 25.38 19.08
C ALA C 213 17.44 25.10 20.43
N VAL C 214 16.61 24.88 21.45
CA VAL C 214 17.08 24.85 22.84
C VAL C 214 16.76 23.48 23.44
N HIS C 215 17.72 22.92 24.15
CA HIS C 215 17.60 21.60 24.76
C HIS C 215 17.71 21.69 26.28
N TYR C 216 17.61 20.53 26.91
CA TYR C 216 17.78 20.38 28.36
C TYR C 216 19.03 21.10 28.85
N GLY C 217 18.86 21.91 29.90
CA GLY C 217 19.95 22.67 30.46
C GLY C 217 20.27 23.96 29.75
N GLY C 218 19.46 24.36 28.77
CA GLY C 218 19.72 25.57 28.02
C GLY C 218 20.72 25.44 26.90
N TRP C 219 21.25 24.24 26.65
CA TRP C 219 22.20 24.06 25.56
C TRP C 219 21.52 24.20 24.21
N GLU C 220 22.24 24.77 23.25
CA GLU C 220 21.72 24.94 21.90
C GLU C 220 21.83 23.64 21.12
N HIS C 221 21.01 23.53 20.07
CA HIS C 221 21.07 22.36 19.21
C HIS C 221 22.42 22.25 18.51
N ARG C 222 23.08 23.39 18.25
CA ARG C 222 24.40 23.36 17.64
C ARG C 222 25.43 22.69 18.54
N ASP C 223 25.20 22.68 19.85
CA ASP C 223 26.13 22.07 20.79
C ASP C 223 26.02 20.54 20.81
N ILE C 224 24.84 19.99 20.54
CA ILE C 224 24.55 18.60 20.84
C ILE C 224 24.25 17.76 19.61
N HIS C 225 24.24 18.36 18.42
CA HIS C 225 23.57 17.76 17.26
C HIS C 225 23.96 16.30 17.05
N ASN C 226 25.26 16.00 17.04
CA ASN C 226 25.69 14.70 16.55
C ASN C 226 25.42 13.55 17.52
N ILE C 227 24.94 13.82 18.74
CA ILE C 227 24.56 12.75 19.66
C ILE C 227 23.05 12.65 19.84
N TYR C 228 22.25 13.44 19.11
CA TYR C 228 20.80 13.32 19.21
C TYR C 228 20.34 11.93 18.79
N GLY C 229 20.88 11.43 17.67
CA GLY C 229 20.49 10.11 17.21
C GLY C 229 20.91 9.00 18.17
N LEU C 230 22.14 9.10 18.70
CA LEU C 230 22.61 8.11 19.67
C LEU C 230 21.66 8.02 20.86
N TYR C 231 21.15 9.16 21.32
CA TYR C 231 20.21 9.16 22.45
C TYR C 231 18.92 8.44 22.10
N VAL C 232 18.45 8.59 20.85
CA VAL C 232 17.28 7.84 20.41
C VAL C 232 17.56 6.35 20.43
N HIS C 233 18.71 5.96 19.85
CA HIS C 233 19.14 4.56 19.86
C HIS C 233 19.22 4.02 21.28
N MET C 234 19.85 4.80 22.18
CA MET C 234 20.04 4.36 23.56
C MET C 234 18.70 4.16 24.28
N ALA C 235 17.81 5.16 24.20
CA ALA C 235 16.54 5.08 24.92
C ALA C 235 15.66 3.96 24.38
N THR C 236 15.75 3.69 23.08
CA THR C 236 14.98 2.59 22.49
C THR C 236 15.50 1.24 22.96
N ALA C 237 16.83 1.05 22.93
CA ALA C 237 17.42 -0.20 23.37
C ALA C 237 17.11 -0.46 24.85
N ASP C 238 17.19 0.58 25.69
CA ASP C 238 16.87 0.41 27.10
CA ASP C 238 16.86 0.42 27.10
C ASP C 238 15.41 0.02 27.28
N GLY C 239 14.53 0.54 26.43
CA GLY C 239 13.11 0.20 26.54
C GLY C 239 12.84 -1.26 26.22
N LEU C 240 13.53 -1.80 25.22
CA LEU C 240 13.37 -3.22 24.90
C LEU C 240 13.92 -4.11 26.01
N ILE C 241 14.92 -3.63 26.74
CA ILE C 241 15.44 -4.38 27.89
C ILE C 241 14.46 -4.30 29.05
N GLN C 242 13.99 -3.09 29.35
CA GLN C 242 13.16 -2.88 30.53
C GLN C 242 11.78 -3.51 30.40
N ARG C 243 11.24 -3.59 29.17
CA ARG C 243 9.94 -4.22 28.98
C ARG C 243 9.97 -5.70 29.34
N SER C 244 11.14 -6.33 29.30
CA SER C 244 11.29 -7.74 29.62
C SER C 244 11.67 -7.99 31.08
N GLY C 245 11.78 -6.93 31.88
CA GLY C 245 12.32 -7.07 33.22
C GLY C 245 13.83 -7.16 33.29
N GLY C 246 14.54 -6.69 32.25
CA GLY C 246 15.98 -6.71 32.27
C GLY C 246 16.63 -8.01 31.83
N ILE C 247 15.88 -8.89 31.15
CA ILE C 247 16.37 -10.22 30.82
C ILE C 247 16.73 -10.34 29.34
N GLU C 248 15.95 -9.74 28.44
CA GLU C 248 16.13 -9.96 27.02
C GLU C 248 17.11 -8.95 26.43
N ARG C 249 17.97 -9.43 25.54
CA ARG C 249 18.86 -8.52 24.85
C ARG C 249 18.07 -7.76 23.77
N PRO C 250 18.36 -6.49 23.56
CA PRO C 250 17.63 -5.72 22.56
C PRO C 250 18.15 -5.97 21.16
N PHE C 251 17.32 -5.62 20.18
CA PHE C 251 17.80 -5.34 18.83
C PHE C 251 17.19 -4.03 18.34
N VAL C 252 18.04 -3.05 18.05
CA VAL C 252 17.60 -1.78 17.51
C VAL C 252 18.55 -1.40 16.37
N LEU C 253 18.00 -1.11 15.20
CA LEU C 253 18.75 -0.54 14.11
C LEU C 253 18.55 0.97 14.11
N SER C 254 19.64 1.71 13.91
CA SER C 254 19.61 3.17 13.90
C SER C 254 20.30 3.69 12.65
N ARG C 255 19.82 4.82 12.14
CA ARG C 255 20.44 5.43 10.97
C ARG C 255 21.51 6.44 11.36
N ALA C 256 21.20 7.33 12.29
CA ALA C 256 22.18 8.26 12.83
C ALA C 256 22.93 7.61 13.97
N PHE C 257 24.17 8.07 14.19
CA PHE C 257 25.00 7.47 15.22
C PHE C 257 26.17 8.39 15.55
N PHE C 258 26.88 8.02 16.60
CA PHE C 258 28.03 8.75 17.10
C PHE C 258 28.97 7.76 17.77
N SER C 259 30.12 8.24 18.21
CA SER C 259 30.98 7.46 19.09
C SER C 259 30.17 6.87 20.24
N GLY C 260 30.27 5.56 20.44
CA GLY C 260 29.51 4.88 21.46
C GLY C 260 28.25 4.19 21.00
N SER C 261 27.81 4.46 19.76
CA SER C 261 26.59 3.81 19.26
C SER C 261 26.71 2.30 19.19
N GLN C 262 27.93 1.76 19.14
CA GLN C 262 28.11 0.31 19.12
C GLN C 262 27.49 -0.36 20.35
N ARG C 263 27.30 0.37 21.45
CA ARG C 263 26.75 -0.22 22.66
C ARG C 263 25.26 -0.51 22.57
N PHE C 264 24.58 -0.01 21.54
CA PHE C 264 23.13 -0.05 21.51
C PHE C 264 22.54 -0.85 20.34
N GLY C 265 23.36 -1.32 19.41
CA GLY C 265 22.86 -2.21 18.39
C GLY C 265 23.52 -2.07 17.04
N ALA C 266 22.71 -1.94 16.00
CA ALA C 266 23.18 -1.94 14.62
C ALA C 266 22.96 -0.59 13.96
N VAL C 267 23.70 -0.37 12.87
CA VAL C 267 23.52 0.78 11.99
C VAL C 267 23.60 0.26 10.56
N TRP C 268 23.10 1.06 9.63
CA TRP C 268 23.24 0.75 8.21
C TRP C 268 23.45 2.05 7.45
N THR C 269 23.91 1.94 6.21
CA THR C 269 24.36 3.11 5.46
C THR C 269 23.21 3.90 4.82
N GLY C 270 21.98 3.76 5.31
CA GLY C 270 20.90 4.62 4.87
C GLY C 270 20.37 4.28 3.49
N ASP C 271 19.90 5.31 2.80
CA ASP C 271 19.15 5.13 1.54
C ASP C 271 20.11 5.12 0.36
N ASN C 272 20.60 3.92 0.03
CA ASN C 272 21.49 3.73 -1.11
C ASN C 272 20.66 3.50 -2.37
N THR C 273 21.32 3.13 -3.46
CA THR C 273 20.68 3.05 -4.78
C THR C 273 21.01 1.72 -5.43
N ALA C 274 20.04 1.17 -6.16
CA ALA C 274 20.22 -0.10 -6.85
C ALA C 274 21.16 0.02 -8.04
N GLU C 275 22.45 0.23 -7.79
CA GLU C 275 23.44 0.33 -8.85
C GLU C 275 24.71 -0.39 -8.43
N TRP C 276 25.48 -0.81 -9.43
CA TRP C 276 26.66 -1.64 -9.17
C TRP C 276 27.69 -0.92 -8.30
N ASP C 277 27.89 0.38 -8.53
CA ASP C 277 28.88 1.10 -7.74
C ASP C 277 28.42 1.26 -6.29
N HIS C 278 27.11 1.33 -6.05
CA HIS C 278 26.62 1.33 -4.68
C HIS C 278 26.84 -0.01 -4.00
N LEU C 279 26.75 -1.11 -4.75
CA LEU C 279 27.13 -2.41 -4.22
C LEU C 279 28.61 -2.43 -3.85
N LYS C 280 29.46 -1.92 -4.74
CA LYS C 280 30.90 -1.89 -4.47
C LYS C 280 31.21 -1.10 -3.20
N ILE C 281 30.57 0.06 -3.03
CA ILE C 281 30.95 0.97 -1.96
C ILE C 281 30.51 0.49 -0.59
N SER C 282 29.68 -0.56 -0.51
CA SER C 282 29.25 -1.05 0.80
C SER C 282 30.42 -1.56 1.62
N ILE C 283 31.46 -2.10 0.96
CA ILE C 283 32.62 -2.63 1.67
C ILE C 283 33.40 -1.52 2.34
N PRO C 284 33.88 -0.48 1.63
CA PRO C 284 34.64 0.57 2.33
C PRO C 284 33.82 1.32 3.36
N MET C 285 32.50 1.42 3.17
CA MET C 285 31.68 2.15 4.13
C MET C 285 31.55 1.38 5.45
N CYS C 286 31.24 0.08 5.37
CA CYS C 286 31.17 -0.71 6.60
C CYS C 286 32.55 -0.96 7.19
N LEU C 287 33.59 -1.02 6.35
CA LEU C 287 34.95 -1.17 6.88
C LEU C 287 35.38 0.08 7.66
N SER C 288 35.03 1.27 7.16
CA SER C 288 35.34 2.49 7.90
C SER C 288 34.58 2.54 9.22
N LEU C 289 33.39 1.95 9.27
CA LEU C 289 32.63 1.88 10.52
C LEU C 289 33.21 0.80 11.45
N ALA C 290 33.62 -0.34 10.90
CA ALA C 290 34.23 -1.39 11.72
C ALA C 290 35.48 -0.88 12.43
N LEU C 291 36.28 -0.07 11.73
CA LEU C 291 37.54 0.41 12.30
C LEU C 291 37.31 1.33 13.50
N VAL C 292 36.15 1.97 13.59
CA VAL C 292 35.85 2.89 14.68
C VAL C 292 34.86 2.27 15.66
N GLY C 293 34.71 0.95 15.67
CA GLY C 293 33.98 0.26 16.70
C GLY C 293 32.57 -0.17 16.34
N LEU C 294 32.05 0.26 15.19
CA LEU C 294 30.67 -0.07 14.81
C LEU C 294 30.71 -1.32 13.94
N SER C 295 30.71 -2.48 14.60
CA SER C 295 30.83 -3.76 13.90
C SER C 295 29.53 -4.25 13.29
N PHE C 296 28.38 -3.82 13.80
CA PHE C 296 27.09 -4.33 13.34
C PHE C 296 26.59 -3.42 12.21
N CYS C 297 27.21 -3.59 11.03
CA CYS C 297 27.02 -2.70 9.90
C CYS C 297 26.54 -3.46 8.68
N GLY C 298 25.78 -2.77 7.82
CA GLY C 298 25.36 -3.32 6.55
C GLY C 298 24.78 -2.26 5.66
N ALA C 299 24.40 -2.68 4.45
CA ALA C 299 23.74 -1.82 3.48
C ALA C 299 22.53 -2.54 2.91
N ASP C 300 21.55 -1.76 2.43
CA ASP C 300 20.34 -2.33 1.87
C ASP C 300 20.66 -3.27 0.71
N VAL C 301 20.27 -4.53 0.85
CA VAL C 301 20.55 -5.53 -0.18
C VAL C 301 19.61 -5.31 -1.35
N GLY C 302 20.18 -5.06 -2.53
CA GLY C 302 19.41 -4.71 -3.69
C GLY C 302 19.29 -3.21 -3.93
N GLY C 303 19.68 -2.39 -2.97
CA GLY C 303 19.55 -0.96 -3.12
C GLY C 303 18.19 -0.45 -2.70
N PHE C 304 18.15 0.70 -2.03
CA PHE C 304 16.87 1.26 -1.60
C PHE C 304 16.12 1.88 -2.78
N PHE C 305 16.76 2.83 -3.46
CA PHE C 305 16.12 3.48 -4.60
C PHE C 305 16.26 2.62 -5.86
N LYS C 306 15.23 2.71 -6.72
CA LYS C 306 15.22 2.12 -8.06
C LYS C 306 15.17 0.60 -8.03
N ASN C 307 15.08 -0.01 -9.21
CA ASN C 307 14.88 -1.45 -9.34
C ASN C 307 16.17 -2.09 -9.84
N PRO C 308 16.77 -3.00 -9.08
CA PRO C 308 17.97 -3.68 -9.57
C PRO C 308 17.64 -4.76 -10.58
N GLU C 309 18.52 -4.89 -11.57
CA GLU C 309 18.41 -6.02 -12.49
C GLU C 309 18.66 -7.32 -11.72
N PRO C 310 18.11 -8.45 -12.18
CA PRO C 310 18.23 -9.69 -11.41
C PRO C 310 19.66 -10.08 -11.08
N GLU C 311 20.61 -9.88 -12.01
CA GLU C 311 21.99 -10.24 -11.73
C GLU C 311 22.58 -9.38 -10.62
N LEU C 312 22.25 -8.08 -10.61
CA LEU C 312 22.70 -7.22 -9.54
C LEU C 312 22.13 -7.65 -8.19
N LEU C 313 20.87 -8.09 -8.18
CA LEU C 313 20.26 -8.55 -6.94
C LEU C 313 20.93 -9.81 -6.41
N VAL C 314 21.26 -10.75 -7.31
CA VAL C 314 21.98 -11.95 -6.91
C VAL C 314 23.33 -11.58 -6.29
N ARG C 315 24.11 -10.74 -6.98
CA ARG C 315 25.41 -10.34 -6.46
C ARG C 315 25.29 -9.58 -5.14
N TRP C 316 24.20 -8.84 -4.95
CA TRP C 316 24.04 -8.12 -3.68
C TRP C 316 23.66 -9.06 -2.54
N TYR C 317 22.91 -10.12 -2.83
CA TYR C 317 22.64 -11.12 -1.81
C TYR C 317 23.92 -11.84 -1.39
N GLN C 318 24.79 -12.13 -2.35
CA GLN C 318 26.05 -12.78 -2.02
C GLN C 318 26.94 -11.86 -1.21
N MET C 319 26.96 -10.57 -1.55
CA MET C 319 27.73 -9.59 -0.78
C MET C 319 27.15 -9.44 0.63
N GLY C 320 25.84 -9.24 0.74
CA GLY C 320 25.23 -9.05 2.04
C GLY C 320 25.33 -10.26 2.94
N ALA C 321 25.31 -11.47 2.36
CA ALA C 321 25.39 -12.68 3.16
C ALA C 321 26.68 -12.75 3.98
N TYR C 322 27.74 -12.07 3.52
CA TYR C 322 29.01 -12.04 4.24
C TYR C 322 29.28 -10.68 4.87
N GLN C 323 28.24 -9.90 5.13
CA GLN C 323 28.37 -8.65 5.86
C GLN C 323 27.56 -8.72 7.15
N PRO C 324 27.95 -7.95 8.18
CA PRO C 324 27.35 -8.18 9.52
C PRO C 324 25.83 -8.02 9.57
N PHE C 325 25.30 -6.88 9.13
CA PHE C 325 23.86 -6.66 9.13
C PHE C 325 23.32 -6.95 7.73
N PHE C 326 22.40 -7.91 7.65
CA PHE C 326 22.01 -8.56 6.41
C PHE C 326 20.51 -8.36 6.19
N ARG C 327 20.14 -7.25 5.55
CA ARG C 327 18.73 -6.90 5.34
C ARG C 327 18.53 -6.41 3.91
N ALA C 328 17.51 -6.96 3.24
CA ALA C 328 17.03 -6.42 1.98
C ALA C 328 15.92 -5.41 2.25
N HIS C 329 15.98 -4.27 1.56
CA HIS C 329 15.04 -3.18 1.76
C HIS C 329 14.86 -2.44 0.44
N ALA C 330 13.73 -1.74 0.30
CA ALA C 330 13.35 -1.18 -0.98
C ALA C 330 12.39 -0.01 -0.79
N HIS C 331 12.47 0.95 -1.70
CA HIS C 331 11.67 2.18 -1.67
C HIS C 331 10.22 1.87 -2.05
N LEU C 332 9.33 2.80 -1.66
CA LEU C 332 7.89 2.60 -1.83
C LEU C 332 7.49 2.33 -3.27
N ASP C 333 8.17 2.94 -4.23
CA ASP C 333 7.76 2.88 -5.62
C ASP C 333 8.52 1.84 -6.43
N THR C 334 9.34 1.01 -5.77
CA THR C 334 10.03 -0.08 -6.43
C THR C 334 9.09 -1.27 -6.61
N GLY C 335 9.41 -2.11 -7.60
CA GLY C 335 8.72 -3.38 -7.72
C GLY C 335 9.08 -4.33 -6.59
N ARG C 336 8.16 -5.26 -6.31
CA ARG C 336 8.41 -6.28 -5.30
C ARG C 336 9.59 -7.15 -5.71
N ARG C 337 10.50 -7.37 -4.77
CA ARG C 337 11.68 -8.19 -5.08
C ARG C 337 11.99 -9.18 -3.96
N GLU C 338 10.96 -9.82 -3.42
CA GLU C 338 11.20 -10.97 -2.57
C GLU C 338 11.94 -12.03 -3.39
N PRO C 339 12.90 -12.75 -2.80
CA PRO C 339 13.85 -13.52 -3.62
C PRO C 339 13.24 -14.63 -4.45
N TRP C 340 12.03 -15.10 -4.13
CA TRP C 340 11.41 -16.14 -4.92
C TRP C 340 10.64 -15.61 -6.13
N LEU C 341 10.60 -14.29 -6.33
CA LEU C 341 9.91 -13.72 -7.47
C LEU C 341 10.77 -13.69 -8.73
N LEU C 342 12.01 -14.18 -8.66
CA LEU C 342 12.93 -14.18 -9.79
C LEU C 342 12.94 -15.54 -10.46
N ALA C 343 13.54 -15.59 -11.65
CA ALA C 343 13.68 -16.83 -12.37
C ALA C 343 14.51 -17.84 -11.56
N SER C 344 14.30 -19.13 -11.87
CA SER C 344 14.84 -20.20 -11.03
C SER C 344 16.36 -20.10 -10.88
N GLN C 345 17.07 -19.75 -11.95
CA GLN C 345 18.52 -19.67 -11.87
C GLN C 345 18.95 -18.60 -10.86
N TYR C 346 18.23 -17.48 -10.82
CA TYR C 346 18.56 -16.43 -9.85
C TYR C 346 18.11 -16.82 -8.45
N GLN C 347 16.96 -17.49 -8.33
CA GLN C 347 16.50 -17.98 -7.04
C GLN C 347 17.53 -18.91 -6.41
N ASP C 348 18.07 -19.84 -7.19
CA ASP C 348 18.96 -20.86 -6.64
C ASP C 348 20.25 -20.24 -6.13
N ALA C 349 20.80 -19.26 -6.84
CA ALA C 349 22.01 -18.60 -6.37
C ALA C 349 21.75 -17.83 -5.08
N ILE C 350 20.56 -17.23 -4.96
CA ILE C 350 20.21 -16.48 -3.75
C ILE C 350 20.02 -17.44 -2.58
N ARG C 351 19.30 -18.54 -2.80
CA ARG C 351 19.14 -19.55 -1.77
C ARG C 351 20.49 -20.07 -1.29
N ASP C 352 21.42 -20.30 -2.23
CA ASP C 352 22.75 -20.77 -1.86
C ASP C 352 23.46 -19.76 -0.97
N ALA C 353 23.32 -18.47 -1.27
CA ALA C 353 23.89 -17.45 -0.41
C ALA C 353 23.25 -17.45 0.98
N LEU C 354 21.92 -17.61 1.04
CA LEU C 354 21.24 -17.65 2.34
C LEU C 354 21.68 -18.87 3.15
N PHE C 355 21.85 -20.03 2.49
CA PHE C 355 22.30 -21.23 3.19
C PHE C 355 23.70 -21.04 3.75
N GLN C 356 24.60 -20.41 2.99
CA GLN C 356 25.96 -20.18 3.48
C GLN C 356 25.94 -19.30 4.72
N ARG C 357 25.13 -18.25 4.72
CA ARG C 357 25.05 -17.36 5.87
C ARG C 357 24.54 -18.10 7.11
N TYR C 358 23.44 -18.85 6.98
CA TYR C 358 22.88 -19.54 8.13
C TYR C 358 23.82 -20.63 8.64
N SER C 359 24.49 -21.35 7.74
CA SER C 359 25.45 -22.35 8.18
C SER C 359 26.62 -21.74 8.95
N LEU C 360 26.97 -20.48 8.64
CA LEU C 360 28.08 -19.80 9.29
C LEU C 360 27.68 -19.05 10.56
N LEU C 361 26.43 -19.15 10.98
CA LEU C 361 25.97 -18.45 12.18
C LEU C 361 26.81 -18.71 13.43
N PRO C 362 27.24 -19.94 13.75
CA PRO C 362 28.12 -20.11 14.93
C PRO C 362 29.41 -19.34 14.81
N PHE C 363 29.92 -19.19 13.60
CA PHE C 363 31.14 -18.40 13.37
C PHE C 363 30.89 -16.91 13.56
N TRP C 364 29.79 -16.40 12.98
CA TRP C 364 29.41 -15.00 13.19
C TRP C 364 29.20 -14.70 14.66
N TYR C 365 28.47 -15.58 15.36
CA TYR C 365 28.15 -15.36 16.77
C TYR C 365 29.41 -15.27 17.60
N THR C 366 30.41 -16.12 17.32
CA THR C 366 31.66 -16.08 18.07
C THR C 366 32.45 -14.81 17.75
N LEU C 367 32.45 -14.37 16.49
CA LEU C 367 33.12 -13.13 16.15
C LEU C 367 32.52 -11.95 16.89
N PHE C 368 31.19 -11.91 17.02
CA PHE C 368 30.56 -10.80 17.72
C PHE C 368 30.78 -10.89 19.22
N TYR C 369 30.90 -12.11 19.76
CA TYR C 369 31.26 -12.23 21.17
C TYR C 369 32.67 -11.73 21.42
N GLN C 370 33.59 -12.00 20.49
CA GLN C 370 34.94 -11.46 20.60
C GLN C 370 34.93 -9.94 20.46
N ALA C 371 34.07 -9.41 19.59
CA ALA C 371 33.93 -7.96 19.51
C ALA C 371 33.35 -7.40 20.80
N HIS C 372 32.39 -8.11 21.40
CA HIS C 372 31.75 -7.63 22.62
C HIS C 372 32.72 -7.64 23.80
N LYS C 373 33.62 -8.61 23.86
CA LYS C 373 34.53 -8.74 24.99
C LYS C 373 35.83 -7.97 24.79
N GLU C 374 36.34 -7.88 23.56
CA GLU C 374 37.66 -7.30 23.31
C GLU C 374 37.63 -5.97 22.58
N GLY C 375 36.57 -5.67 21.84
CA GLY C 375 36.54 -4.48 21.01
C GLY C 375 37.17 -4.66 19.65
N PHE C 376 37.39 -5.89 19.21
CA PHE C 376 37.97 -6.16 17.89
C PHE C 376 36.87 -6.19 16.84
N PRO C 377 37.06 -5.53 15.70
CA PRO C 377 35.99 -5.51 14.68
C PRO C 377 35.77 -6.89 14.07
N VAL C 378 34.52 -7.11 13.65
CA VAL C 378 34.17 -8.38 13.01
C VAL C 378 34.62 -8.38 11.55
N MET C 379 34.16 -7.40 10.78
CA MET C 379 34.60 -7.22 9.40
C MET C 379 35.89 -6.41 9.39
N ARG C 380 36.90 -6.90 8.67
CA ARG C 380 38.23 -6.29 8.82
C ARG C 380 38.89 -6.01 7.49
N PRO C 381 39.53 -4.85 7.34
CA PRO C 381 40.40 -4.63 6.19
C PRO C 381 41.58 -5.57 6.23
N LEU C 382 42.11 -5.91 5.05
CA LEU C 382 43.24 -6.83 4.97
C LEU C 382 44.44 -6.31 5.74
N TRP C 383 44.67 -4.99 5.73
CA TRP C 383 45.85 -4.46 6.40
C TRP C 383 45.80 -4.62 7.91
N VAL C 384 44.62 -4.87 8.48
CA VAL C 384 44.54 -5.12 9.91
C VAL C 384 45.18 -6.46 10.24
N GLN C 385 45.01 -7.46 9.37
CA GLN C 385 45.61 -8.76 9.57
C GLN C 385 47.03 -8.86 9.01
N TYR C 386 47.40 -7.97 8.10
CA TYR C 386 48.73 -7.99 7.47
C TYR C 386 49.31 -6.57 7.50
N PRO C 387 49.65 -6.08 8.71
CA PRO C 387 50.05 -4.66 8.84
C PRO C 387 51.35 -4.30 8.14
N GLU C 388 52.14 -5.28 7.68
CA GLU C 388 53.41 -5.00 7.02
C GLU C 388 53.34 -5.18 5.52
N ASP C 389 52.22 -5.65 4.99
CA ASP C 389 52.05 -5.79 3.54
C ASP C 389 51.48 -4.48 3.00
N MET C 390 52.36 -3.63 2.47
CA MET C 390 51.95 -2.30 2.02
C MET C 390 50.96 -2.34 0.87
N SER C 391 50.93 -3.42 0.11
CA SER C 391 49.99 -3.53 -1.00
C SER C 391 48.55 -3.75 -0.55
N THR C 392 48.32 -3.95 0.74
CA THR C 392 46.96 -4.11 1.27
C THR C 392 46.39 -2.84 1.87
N PHE C 393 47.19 -1.78 1.99
CA PHE C 393 46.79 -0.61 2.78
C PHE C 393 45.58 0.11 2.20
N SER C 394 45.27 -0.07 0.92
CA SER C 394 44.15 0.61 0.30
C SER C 394 43.07 -0.32 -0.23
N ILE C 395 43.21 -1.64 -0.02
CA ILE C 395 42.28 -2.59 -0.63
C ILE C 395 40.87 -2.38 -0.07
N GLU C 396 39.88 -2.34 -0.97
CA GLU C 396 38.50 -2.16 -0.52
C GLU C 396 37.49 -2.94 -1.38
N ASP C 397 37.94 -3.79 -2.30
CA ASP C 397 37.06 -4.76 -2.95
C ASP C 397 37.22 -6.15 -2.35
N GLN C 398 37.77 -6.24 -1.14
CA GLN C 398 38.11 -7.45 -0.43
C GLN C 398 38.10 -7.16 1.06
N PHE C 399 37.71 -8.16 1.84
CA PHE C 399 37.73 -8.00 3.28
C PHE C 399 37.82 -9.36 3.94
N MET C 400 38.11 -9.35 5.23
CA MET C 400 38.18 -10.56 6.02
C MET C 400 37.15 -10.52 7.15
N LEU C 401 36.69 -11.70 7.55
CA LEU C 401 35.86 -11.90 8.72
C LEU C 401 36.74 -12.54 9.80
N GLY C 402 37.01 -11.79 10.87
CA GLY C 402 37.99 -12.26 11.83
C GLY C 402 39.34 -12.45 11.15
N ASP C 403 40.03 -13.51 11.56
CA ASP C 403 41.31 -13.87 10.95
C ASP C 403 41.20 -15.12 10.08
N ALA C 404 39.99 -15.60 9.82
CA ALA C 404 39.80 -16.93 9.25
C ALA C 404 39.31 -16.93 7.80
N LEU C 405 38.47 -15.99 7.41
CA LEU C 405 37.85 -16.00 6.09
C LEU C 405 38.19 -14.74 5.32
N LEU C 406 38.61 -14.91 4.07
CA LEU C 406 38.84 -13.80 3.14
C LEU C 406 37.75 -13.84 2.07
N ILE C 407 37.09 -12.70 1.87
CA ILE C 407 35.93 -12.61 0.99
C ILE C 407 36.22 -11.61 -0.12
N HIS C 408 35.95 -12.01 -1.36
CA HIS C 408 36.02 -11.12 -2.53
C HIS C 408 34.76 -11.31 -3.37
N PRO C 409 33.66 -10.65 -3.02
CA PRO C 409 32.42 -10.83 -3.77
C PRO C 409 32.53 -10.26 -5.18
N VAL C 410 31.81 -10.89 -6.11
CA VAL C 410 31.73 -10.36 -7.47
C VAL C 410 30.84 -9.13 -7.48
N SER C 411 31.35 -8.03 -8.04
CA SER C 411 30.64 -6.76 -8.04
C SER C 411 30.72 -6.10 -9.40
N ASP C 412 30.62 -6.90 -10.46
CA ASP C 412 30.60 -6.39 -11.83
C ASP C 412 29.67 -7.23 -12.68
N ALA C 413 28.84 -6.57 -13.48
CA ALA C 413 27.90 -7.26 -14.34
C ALA C 413 28.63 -8.10 -15.37
N GLY C 414 28.18 -9.34 -15.54
CA GLY C 414 28.74 -10.23 -16.54
C GLY C 414 30.19 -10.59 -16.33
N ALA C 415 30.68 -10.53 -15.09
CA ALA C 415 32.07 -10.87 -14.84
C ALA C 415 32.33 -12.35 -15.10
N HIS C 416 33.49 -12.64 -15.69
CA HIS C 416 33.92 -14.00 -15.93
C HIS C 416 34.93 -14.48 -14.90
N GLY C 417 35.48 -13.59 -14.10
CA GLY C 417 36.42 -13.94 -13.05
C GLY C 417 36.73 -12.74 -12.20
N VAL C 418 37.47 -12.99 -11.12
CA VAL C 418 37.93 -11.93 -10.23
C VAL C 418 39.40 -12.15 -9.95
N GLN C 419 40.08 -11.06 -9.58
CA GLN C 419 41.47 -11.15 -9.12
C GLN C 419 41.48 -11.01 -7.61
N VAL C 420 41.86 -12.09 -6.94
CA VAL C 420 41.85 -12.17 -5.48
C VAL C 420 43.29 -12.11 -5.01
N TYR C 421 43.59 -11.13 -4.15
CA TYR C 421 44.91 -11.04 -3.54
C TYR C 421 44.89 -11.88 -2.25
N LEU C 422 45.69 -12.96 -2.25
CA LEU C 422 45.82 -13.83 -1.09
C LEU C 422 47.12 -13.48 -0.39
N PRO C 423 47.11 -12.74 0.70
CA PRO C 423 48.34 -12.23 1.29
C PRO C 423 49.00 -13.25 2.22
N GLY C 424 50.15 -12.84 2.77
CA GLY C 424 50.83 -13.60 3.79
C GLY C 424 51.97 -14.48 3.31
N GLN C 425 53.20 -14.17 3.72
CA GLN C 425 54.32 -15.04 3.40
C GLN C 425 54.24 -16.30 4.26
N GLU C 426 54.49 -17.45 3.64
CA GLU C 426 54.36 -18.76 4.28
C GLU C 426 52.92 -19.05 4.69
N GLU C 427 51.96 -18.37 4.08
CA GLU C 427 50.55 -18.52 4.37
C GLU C 427 49.89 -19.37 3.29
N VAL C 428 48.88 -20.14 3.67
CA VAL C 428 48.09 -20.89 2.70
C VAL C 428 46.62 -20.53 2.87
N TRP C 429 45.89 -20.66 1.76
CA TRP C 429 44.47 -20.34 1.71
C TRP C 429 43.74 -21.48 1.00
N TYR C 430 42.57 -21.86 1.52
CA TYR C 430 41.76 -22.92 0.95
C TYR C 430 40.50 -22.33 0.34
N ASP C 431 40.27 -22.57 -0.94
CA ASP C 431 38.99 -22.27 -1.56
C ASP C 431 37.92 -23.14 -0.93
N ILE C 432 36.95 -22.52 -0.24
CA ILE C 432 36.01 -23.31 0.54
C ILE C 432 35.05 -24.10 -0.34
N GLN C 433 34.91 -23.74 -1.61
CA GLN C 433 34.04 -24.47 -2.52
C GLN C 433 34.73 -25.68 -3.14
N SER C 434 35.99 -25.52 -3.56
CA SER C 434 36.72 -26.58 -4.23
C SER C 434 37.78 -27.25 -3.37
N TYR C 435 38.13 -26.66 -2.22
CA TYR C 435 39.16 -27.14 -1.30
C TYR C 435 40.55 -27.05 -1.90
N GLN C 436 40.73 -26.34 -3.01
CA GLN C 436 42.04 -26.12 -3.57
C GLN C 436 42.87 -25.23 -2.64
N LYS C 437 44.12 -25.64 -2.39
CA LYS C 437 45.02 -24.88 -1.53
C LYS C 437 45.84 -23.91 -2.39
N HIS C 438 46.05 -22.70 -1.87
CA HIS C 438 46.79 -21.67 -2.58
C HIS C 438 47.80 -21.04 -1.65
N HIS C 439 49.05 -20.94 -2.11
CA HIS C 439 50.10 -20.32 -1.32
C HIS C 439 50.12 -18.81 -1.53
N GLY C 440 50.39 -18.08 -0.46
CA GLY C 440 50.53 -16.64 -0.54
C GLY C 440 51.97 -16.21 -0.36
N PRO C 441 52.29 -14.98 -0.76
CA PRO C 441 51.38 -14.01 -1.37
C PRO C 441 51.27 -14.14 -2.88
N GLN C 442 50.08 -13.87 -3.41
CA GLN C 442 49.84 -13.95 -4.85
C GLN C 442 48.53 -13.25 -5.16
N THR C 443 48.38 -12.82 -6.41
CA THR C 443 47.11 -12.39 -6.95
C THR C 443 46.60 -13.51 -7.84
N LEU C 444 45.51 -14.15 -7.44
CA LEU C 444 44.96 -15.30 -8.14
C LEU C 444 43.77 -14.88 -8.97
N TYR C 445 43.76 -15.28 -10.23
CA TYR C 445 42.62 -15.05 -11.11
C TYR C 445 41.68 -16.24 -10.95
N LEU C 446 40.49 -15.99 -10.40
CA LEU C 446 39.52 -17.03 -10.13
C LEU C 446 38.32 -16.87 -11.06
N PRO C 447 38.04 -17.84 -11.93
CA PRO C 447 36.83 -17.75 -12.76
C PRO C 447 35.58 -17.95 -11.91
N VAL C 448 34.51 -17.24 -12.28
CA VAL C 448 33.27 -17.24 -11.52
C VAL C 448 32.09 -17.50 -12.45
N THR C 449 31.01 -18.00 -11.86
CA THR C 449 29.69 -18.07 -12.49
C THR C 449 28.71 -17.27 -11.64
N LEU C 450 27.43 -17.35 -11.99
CA LEU C 450 26.42 -16.61 -11.24
C LEU C 450 26.37 -17.06 -9.79
N SER C 451 26.68 -18.32 -9.52
CA SER C 451 26.57 -18.89 -8.18
C SER C 451 27.82 -18.71 -7.33
N SER C 452 28.87 -18.11 -7.88
CA SER C 452 30.14 -18.03 -7.18
C SER C 452 30.13 -16.95 -6.11
N ILE C 453 30.65 -17.30 -4.93
CA ILE C 453 31.01 -16.33 -3.90
C ILE C 453 32.44 -16.62 -3.49
N PRO C 454 33.44 -15.90 -4.02
CA PRO C 454 34.83 -16.22 -3.69
C PRO C 454 35.16 -16.08 -2.22
N VAL C 455 35.29 -17.21 -1.52
CA VAL C 455 35.57 -17.24 -0.09
C VAL C 455 36.72 -18.19 0.15
N PHE C 456 37.71 -17.76 0.94
CA PHE C 456 38.88 -18.56 1.25
C PHE C 456 39.06 -18.62 2.76
N GLN C 457 39.37 -19.81 3.27
CA GLN C 457 39.69 -20.01 4.68
C GLN C 457 41.21 -20.01 4.85
N ARG C 458 41.67 -19.28 5.86
CA ARG C 458 43.10 -19.18 6.11
C ARG C 458 43.62 -20.45 6.77
N GLY C 459 44.82 -20.87 6.35
CA GLY C 459 45.46 -21.98 7.03
C GLY C 459 45.80 -21.62 8.47
N GLY C 460 45.58 -22.57 9.37
CA GLY C 460 45.77 -22.33 10.78
C GLY C 460 44.53 -21.92 11.55
N THR C 461 43.34 -22.08 10.97
CA THR C 461 42.10 -21.66 11.59
C THR C 461 41.08 -22.79 11.56
N ILE C 462 40.13 -22.74 12.50
CA ILE C 462 39.05 -23.71 12.62
C ILE C 462 37.73 -22.94 12.66
N VAL C 463 36.83 -23.28 11.74
CA VAL C 463 35.57 -22.56 11.56
C VAL C 463 34.41 -23.49 11.92
N PRO C 464 33.57 -23.13 12.88
CA PRO C 464 32.39 -23.95 13.20
C PRO C 464 31.17 -23.56 12.37
N ARG C 465 30.42 -24.58 11.95
CA ARG C 465 29.25 -24.39 11.12
C ARG C 465 28.10 -25.26 11.60
N TRP C 466 26.88 -24.76 11.38
CA TRP C 466 25.66 -25.56 11.48
C TRP C 466 25.33 -25.99 10.05
N MET C 467 25.58 -27.26 9.73
CA MET C 467 25.37 -27.71 8.36
C MET C 467 23.91 -28.08 8.08
N ARG C 468 23.05 -28.05 9.09
CA ARG C 468 21.63 -28.35 8.92
C ARG C 468 20.87 -27.03 8.88
N VAL C 469 20.71 -26.48 7.68
CA VAL C 469 20.03 -25.20 7.51
C VAL C 469 18.53 -25.41 7.68
N ARG C 470 17.93 -24.63 8.56
CA ARG C 470 16.49 -24.65 8.82
C ARG C 470 15.90 -23.29 8.43
N ARG C 471 14.61 -23.10 8.75
CA ARG C 471 13.89 -21.93 8.28
C ARG C 471 14.23 -20.66 9.04
N SER C 472 14.80 -20.77 10.24
CA SER C 472 15.21 -19.60 11.01
C SER C 472 16.26 -20.05 12.02
N SER C 473 16.95 -19.07 12.60
CA SER C 473 18.04 -19.38 13.53
C SER C 473 17.51 -20.01 14.81
N ASP C 474 16.33 -19.59 15.27
CA ASP C 474 15.76 -20.20 16.47
C ASP C 474 15.61 -21.70 16.29
N CYS C 475 15.25 -22.14 15.08
CA CYS C 475 15.11 -23.57 14.82
C CYS C 475 16.44 -24.30 14.91
N MET C 476 17.55 -23.60 14.70
CA MET C 476 18.87 -24.23 14.58
C MET C 476 19.68 -24.21 15.86
N LYS C 477 19.26 -23.47 16.88
CA LYS C 477 20.20 -23.13 17.96
C LYS C 477 20.50 -24.30 18.89
N ASP C 478 19.88 -25.46 18.72
CA ASP C 478 20.24 -26.66 19.47
C ASP C 478 20.86 -27.75 18.60
N ASP C 479 21.22 -27.42 17.37
CA ASP C 479 21.68 -28.41 16.40
C ASP C 479 23.18 -28.68 16.55
N PRO C 480 23.65 -29.82 16.02
CA PRO C 480 25.07 -30.15 16.13
C PRO C 480 25.95 -29.32 15.20
N ILE C 481 27.22 -29.27 15.57
CA ILE C 481 28.22 -28.42 14.94
C ILE C 481 29.15 -29.26 14.07
N THR C 482 29.53 -28.73 12.91
CA THR C 482 30.60 -29.28 12.10
C THR C 482 31.80 -28.35 12.16
N LEU C 483 32.99 -28.92 12.39
CA LEU C 483 34.21 -28.14 12.50
C LEU C 483 35.03 -28.27 11.21
N PHE C 484 35.42 -27.12 10.65
CA PHE C 484 36.22 -27.08 9.44
C PHE C 484 37.64 -26.65 9.82
N VAL C 485 38.58 -27.60 9.76
CA VAL C 485 39.96 -27.38 10.16
C VAL C 485 40.79 -27.16 8.90
N ALA C 486 41.36 -25.96 8.77
CA ALA C 486 42.26 -25.63 7.67
C ALA C 486 43.69 -25.65 8.22
N LEU C 487 44.46 -26.65 7.81
CA LEU C 487 45.78 -26.85 8.38
C LEU C 487 46.79 -25.86 7.82
N SER C 488 47.64 -25.34 8.71
CA SER C 488 48.73 -24.48 8.31
C SER C 488 49.84 -25.31 7.68
N PRO C 489 50.85 -24.66 7.08
CA PRO C 489 52.01 -25.44 6.59
C PRO C 489 52.71 -26.21 7.70
N GLN C 490 52.61 -25.75 8.94
CA GLN C 490 53.16 -26.46 10.09
C GLN C 490 52.20 -27.50 10.65
N GLY C 491 51.09 -27.76 9.96
CA GLY C 491 50.12 -28.73 10.42
C GLY C 491 49.38 -28.36 11.69
N THR C 492 49.12 -27.07 11.90
CA THR C 492 48.42 -26.59 13.09
C THR C 492 47.20 -25.75 12.71
N ALA C 493 46.32 -25.54 13.68
CA ALA C 493 45.14 -24.72 13.53
C ALA C 493 44.55 -24.44 14.90
N GLN C 494 43.76 -23.37 14.99
CA GLN C 494 43.07 -23.04 16.24
C GLN C 494 41.82 -22.23 15.91
N GLY C 495 40.86 -22.28 16.84
CA GLY C 495 39.59 -21.59 16.68
C GLY C 495 38.83 -21.57 17.98
N GLU C 496 37.81 -20.72 18.04
CA GLU C 496 36.96 -20.58 19.22
C GLU C 496 35.50 -20.75 18.83
N LEU C 497 34.66 -20.93 19.85
CA LEU C 497 33.22 -21.07 19.65
C LEU C 497 32.53 -20.59 20.91
N PHE C 498 31.61 -19.63 20.75
CA PHE C 498 30.79 -19.12 21.85
C PHE C 498 29.36 -19.61 21.68
N LEU C 499 28.77 -20.08 22.78
CA LEU C 499 27.39 -20.53 22.79
C LEU C 499 26.70 -20.03 24.05
N ASP C 500 25.42 -19.71 23.92
CA ASP C 500 24.58 -19.37 25.07
C ASP C 500 23.13 -19.66 24.67
N ASP C 501 22.16 -19.08 25.39
CA ASP C 501 20.77 -19.34 25.04
C ASP C 501 20.33 -18.56 23.81
N GLY C 502 21.11 -17.57 23.38
CA GLY C 502 20.88 -16.89 22.13
C GLY C 502 20.14 -15.57 22.20
N HIS C 503 19.69 -15.13 23.39
CA HIS C 503 18.87 -13.93 23.42
C HIS C 503 18.77 -13.22 24.78
N THR C 504 19.36 -13.77 25.83
CA THR C 504 19.27 -13.14 27.15
C THR C 504 20.63 -12.66 27.63
N PHE C 505 20.62 -11.96 28.77
CA PHE C 505 21.83 -11.56 29.45
C PHE C 505 22.32 -12.61 30.44
N ASN C 506 21.80 -13.85 30.36
CA ASN C 506 22.21 -14.89 31.30
C ASN C 506 23.70 -15.19 31.19
N TYR C 507 24.29 -15.05 30.01
CA TYR C 507 25.73 -15.27 29.86
C TYR C 507 26.52 -14.38 30.81
N GLN C 508 26.01 -13.18 31.10
CA GLN C 508 26.68 -12.20 31.94
C GLN C 508 26.20 -12.20 33.39
N THR C 509 24.89 -12.32 33.62
CA THR C 509 24.36 -12.30 34.98
C THR C 509 24.53 -13.64 35.69
N ARG C 510 24.59 -14.74 34.94
CA ARG C 510 24.65 -16.07 35.53
C ARG C 510 25.80 -16.91 34.99
N HIS C 511 26.63 -16.36 34.10
CA HIS C 511 27.74 -17.10 33.49
C HIS C 511 27.25 -18.36 32.79
N GLU C 512 26.08 -18.26 32.15
CA GLU C 512 25.47 -19.39 31.45
C GLU C 512 25.83 -19.25 29.97
N PHE C 513 26.95 -19.87 29.61
CA PHE C 513 27.50 -19.81 28.26
C PHE C 513 28.62 -20.84 28.18
N LEU C 514 29.08 -21.10 26.96
CA LEU C 514 30.29 -21.87 26.73
C LEU C 514 31.22 -21.08 25.83
N LEU C 515 32.51 -21.10 26.13
CA LEU C 515 33.55 -20.63 25.22
C LEU C 515 34.56 -21.75 25.09
N ARG C 516 34.58 -22.41 23.93
CA ARG C 516 35.45 -23.54 23.67
C ARG C 516 36.67 -23.10 22.87
N ARG C 517 37.80 -23.75 23.13
CA ARG C 517 39.01 -23.62 22.33
C ARG C 517 39.22 -24.91 21.57
N PHE C 518 39.30 -24.82 20.24
CA PHE C 518 39.68 -25.94 19.39
C PHE C 518 41.07 -25.69 18.86
N SER C 519 41.95 -26.68 19.01
CA SER C 519 43.34 -26.55 18.57
C SER C 519 43.82 -27.85 17.98
N PHE C 520 44.59 -27.75 16.90
CA PHE C 520 45.17 -28.89 16.20
C PHE C 520 46.67 -28.72 16.16
N SER C 521 47.40 -29.75 16.58
CA SER C 521 48.86 -29.79 16.46
C SER C 521 49.30 -31.24 16.54
N GLY C 522 50.45 -31.53 15.93
CA GLY C 522 50.87 -32.91 15.78
C GLY C 522 49.90 -33.62 14.87
N SER C 523 49.12 -34.55 15.42
CA SER C 523 48.04 -35.19 14.69
C SER C 523 46.82 -35.31 15.61
N THR C 524 46.60 -34.30 16.46
CA THR C 524 45.56 -34.36 17.48
C THR C 524 44.74 -33.08 17.44
N LEU C 525 43.41 -33.25 17.43
CA LEU C 525 42.47 -32.14 17.58
C LEU C 525 41.92 -32.18 19.00
N VAL C 526 42.08 -31.07 19.72
CA VAL C 526 41.73 -30.99 21.14
C VAL C 526 40.70 -29.91 21.33
N SER C 527 39.65 -30.22 22.10
CA SER C 527 38.69 -29.23 22.57
C SER C 527 38.91 -29.00 24.07
N SER C 528 39.10 -27.75 24.44
CA SER C 528 39.26 -27.37 25.84
C SER C 528 38.43 -26.12 26.10
N SER C 529 38.32 -25.76 27.38
CA SER C 529 37.58 -24.56 27.77
C SER C 529 38.46 -23.33 27.61
N ALA C 530 37.98 -22.34 26.88
CA ALA C 530 38.63 -21.04 26.80
C ALA C 530 38.19 -20.10 27.91
N ASP C 531 37.18 -20.48 28.69
CA ASP C 531 36.70 -19.72 29.84
C ASP C 531 36.01 -20.66 30.81
N PRO C 532 36.65 -21.00 31.93
CA PRO C 532 36.06 -21.98 32.85
C PRO C 532 34.84 -21.48 33.58
N LYS C 533 34.63 -20.16 33.68
CA LYS C 533 33.46 -19.63 34.36
C LYS C 533 32.16 -20.00 33.67
N GLY C 534 32.21 -20.37 32.39
CA GLY C 534 31.01 -20.61 31.64
C GLY C 534 30.54 -22.04 31.60
N HIS C 535 29.32 -22.28 32.09
CA HIS C 535 28.67 -23.58 31.98
C HIS C 535 27.31 -23.38 31.33
N LEU C 536 26.86 -24.39 30.59
CA LEU C 536 25.62 -24.26 29.85
C LEU C 536 24.98 -25.62 29.63
N GLU C 537 23.67 -25.70 29.87
CA GLU C 537 22.90 -26.90 29.52
C GLU C 537 22.48 -26.79 28.07
N THR C 538 22.96 -27.71 27.24
CA THR C 538 22.71 -27.63 25.82
C THR C 538 22.84 -29.01 25.21
N PRO C 539 22.00 -29.36 24.24
CA PRO C 539 22.17 -30.64 23.52
C PRO C 539 23.13 -30.59 22.34
N ILE C 540 23.82 -29.47 22.13
CA ILE C 540 24.68 -29.33 20.96
C ILE C 540 25.86 -30.29 21.07
N TRP C 541 26.13 -31.01 19.99
CA TRP C 541 27.22 -31.98 19.94
C TRP C 541 27.97 -31.80 18.63
N ILE C 542 29.13 -32.46 18.54
CA ILE C 542 29.97 -32.38 17.35
C ILE C 542 29.60 -33.55 16.43
N GLU C 543 29.00 -33.24 15.29
CA GLU C 543 28.53 -34.29 14.39
C GLU C 543 29.51 -34.60 13.26
N ARG C 544 30.53 -33.77 13.04
CA ARG C 544 31.40 -33.94 11.89
C ARG C 544 32.62 -33.06 12.05
N VAL C 545 33.75 -33.54 11.54
CA VAL C 545 34.98 -32.77 11.45
C VAL C 545 35.48 -32.85 10.02
N VAL C 546 35.80 -31.70 9.43
CA VAL C 546 36.35 -31.62 8.08
C VAL C 546 37.72 -30.99 8.18
N ILE C 547 38.75 -31.72 7.74
CA ILE C 547 40.13 -31.27 7.84
C ILE C 547 40.67 -31.07 6.43
N MET C 548 41.08 -29.84 6.13
CA MET C 548 41.63 -29.49 4.84
C MET C 548 43.15 -29.55 4.90
N GLY C 549 43.75 -30.28 3.95
CA GLY C 549 45.19 -30.36 3.88
C GLY C 549 45.81 -31.49 4.66
N ALA C 550 45.09 -32.59 4.86
CA ALA C 550 45.57 -33.72 5.64
C ALA C 550 45.74 -34.95 4.76
N GLY C 551 46.66 -35.82 5.17
CA GLY C 551 46.83 -37.11 4.53
C GLY C 551 45.84 -38.12 5.07
N LYS C 552 45.89 -39.31 4.48
CA LYS C 552 44.98 -40.38 4.91
C LYS C 552 45.54 -41.07 6.14
N PRO C 553 44.83 -41.07 7.26
CA PRO C 553 45.30 -41.79 8.45
C PRO C 553 45.02 -43.28 8.35
N ALA C 554 45.72 -44.03 9.19
CA ALA C 554 45.44 -45.46 9.29
C ALA C 554 44.26 -45.73 10.21
N ALA C 555 44.08 -44.91 11.24
CA ALA C 555 42.96 -45.03 12.16
C ALA C 555 42.74 -43.70 12.85
N VAL C 556 41.51 -43.48 13.30
CA VAL C 556 41.13 -42.26 13.99
C VAL C 556 40.53 -42.65 15.34
N VAL C 557 41.03 -42.07 16.42
CA VAL C 557 40.66 -42.46 17.77
C VAL C 557 40.17 -41.23 18.51
N LEU C 558 39.03 -41.36 19.18
CA LEU C 558 38.42 -40.27 19.95
C LEU C 558 38.50 -40.59 21.43
N GLN C 559 38.93 -39.61 22.22
CA GLN C 559 38.95 -39.72 23.68
C GLN C 559 38.21 -38.53 24.28
N THR C 560 37.25 -38.82 25.13
CA THR C 560 36.50 -37.80 25.86
C THR C 560 36.38 -38.24 27.31
N LYS C 561 36.51 -37.27 28.22
CA LYS C 561 36.44 -37.58 29.64
C LYS C 561 35.06 -38.08 30.01
N GLY C 562 35.02 -39.21 30.71
CA GLY C 562 33.77 -39.87 31.05
C GLY C 562 33.37 -41.00 30.13
N SER C 563 34.11 -41.26 29.06
CA SER C 563 33.74 -42.25 28.07
C SER C 563 34.93 -43.13 27.73
N PRO C 564 34.68 -44.37 27.32
CA PRO C 564 35.78 -45.22 26.83
C PRO C 564 36.31 -44.72 25.50
N GLU C 565 37.55 -45.09 25.21
CA GLU C 565 38.16 -44.74 23.94
C GLU C 565 37.37 -45.35 22.79
N SER C 566 37.09 -44.54 21.77
CA SER C 566 36.24 -44.93 20.66
C SER C 566 36.97 -44.76 19.34
N ARG C 567 36.59 -45.58 18.36
CA ARG C 567 37.10 -45.50 17.00
C ARG C 567 36.08 -44.79 16.12
N LEU C 568 36.58 -43.91 15.24
CA LEU C 568 35.74 -43.16 14.32
C LEU C 568 36.04 -43.59 12.89
N SER C 569 34.98 -43.80 12.12
CA SER C 569 35.17 -44.02 10.69
C SER C 569 35.41 -42.69 9.99
N PHE C 570 36.01 -42.76 8.81
CA PHE C 570 36.41 -41.53 8.12
C PHE C 570 36.44 -41.78 6.61
N GLN C 571 36.51 -40.68 5.87
CA GLN C 571 36.59 -40.69 4.42
C GLN C 571 37.65 -39.68 4.01
N HIS C 572 38.44 -40.04 3.00
CA HIS C 572 39.55 -39.21 2.56
C HIS C 572 39.52 -39.08 1.04
N ASP C 573 39.69 -37.86 0.55
CA ASP C 573 39.79 -37.59 -0.88
C ASP C 573 41.25 -37.31 -1.20
N PRO C 574 41.94 -38.20 -1.92
CA PRO C 574 43.36 -37.95 -2.20
C PRO C 574 43.60 -36.78 -3.14
N GLU C 575 42.63 -36.42 -3.97
CA GLU C 575 42.82 -35.31 -4.91
C GLU C 575 42.90 -33.98 -4.17
N THR C 576 42.00 -33.75 -3.21
CA THR C 576 41.89 -32.47 -2.53
C THR C 576 42.52 -32.47 -1.14
N SER C 577 43.00 -33.62 -0.67
CA SER C 577 43.57 -33.76 0.67
C SER C 577 42.58 -33.30 1.74
N VAL C 578 41.35 -33.82 1.64
CA VAL C 578 40.27 -33.48 2.56
C VAL C 578 39.90 -34.73 3.36
N LEU C 579 39.88 -34.60 4.68
CA LEU C 579 39.57 -35.69 5.59
C LEU C 579 38.27 -35.36 6.32
N ILE C 580 37.33 -36.30 6.29
CA ILE C 580 36.03 -36.14 6.93
C ILE C 580 35.90 -37.20 8.02
N LEU C 581 35.83 -36.75 9.28
CA LEU C 581 35.64 -37.65 10.41
C LEU C 581 34.14 -37.77 10.70
N ARG C 582 33.64 -39.00 10.69
CA ARG C 582 32.21 -39.23 10.83
C ARG C 582 31.79 -39.25 12.29
N LYS C 583 30.78 -38.43 12.62
CA LYS C 583 29.99 -38.50 13.84
C LYS C 583 30.82 -38.72 15.10
N PRO C 584 31.63 -37.74 15.52
CA PRO C 584 32.29 -37.87 16.83
C PRO C 584 31.29 -38.07 17.96
N GLY C 585 30.14 -37.41 17.90
CA GLY C 585 29.06 -37.68 18.83
C GLY C 585 29.29 -37.16 20.22
N VAL C 586 30.27 -36.27 20.41
CA VAL C 586 30.64 -35.79 21.73
C VAL C 586 29.92 -34.47 21.99
N SER C 587 29.55 -34.25 23.26
CA SER C 587 28.91 -33.00 23.63
C SER C 587 29.87 -31.84 23.49
N VAL C 588 29.35 -30.70 23.04
CA VAL C 588 30.18 -29.52 22.84
C VAL C 588 30.69 -28.95 24.16
N ALA C 589 30.07 -29.31 25.28
CA ALA C 589 30.50 -28.87 26.60
C ALA C 589 31.59 -29.74 27.21
N SER C 590 32.00 -30.81 26.52
CA SER C 590 32.95 -31.77 27.06
C SER C 590 34.34 -31.53 26.49
N ASP C 591 35.35 -31.77 27.33
CA ASP C 591 36.72 -31.87 26.83
C ASP C 591 36.88 -33.17 26.05
N TRP C 592 37.55 -33.10 24.91
CA TRP C 592 37.77 -34.30 24.10
C TRP C 592 38.99 -34.09 23.22
N SER C 593 39.47 -35.19 22.64
CA SER C 593 40.59 -35.16 21.72
C SER C 593 40.41 -36.25 20.68
N ILE C 594 40.82 -35.95 19.45
CA ILE C 594 40.79 -36.88 18.34
C ILE C 594 42.22 -37.02 17.82
N HIS C 595 42.71 -38.25 17.74
CA HIS C 595 44.07 -38.52 17.28
CA HIS C 595 44.07 -38.54 17.30
C HIS C 595 44.03 -39.22 15.94
N LEU C 596 44.84 -38.73 15.01
CA LEU C 596 44.98 -39.33 13.68
C LEU C 596 46.27 -40.17 13.69
N ARG C 597 46.12 -41.48 13.59
CA ARG C 597 47.27 -42.38 13.67
C ARG C 597 47.77 -42.77 12.29
N GLU D 50 22.94 -63.78 11.94
CA GLU D 50 22.69 -62.56 12.67
C GLU D 50 21.70 -61.66 11.92
N SER D 51 22.18 -60.53 11.43
CA SER D 51 21.33 -59.54 10.77
C SER D 51 22.07 -58.90 9.60
N LYS D 52 21.27 -58.35 8.63
CA LYS D 52 21.74 -57.82 7.35
C LYS D 52 21.82 -56.30 7.36
N PRO D 53 22.72 -55.72 6.58
CA PRO D 53 22.88 -54.26 6.54
C PRO D 53 21.88 -53.59 5.58
N PHE D 54 21.80 -52.27 5.71
CA PHE D 54 20.95 -51.43 4.88
C PHE D 54 21.75 -50.84 3.72
N THR D 55 21.09 -50.70 2.57
CA THR D 55 21.69 -50.13 1.36
C THR D 55 20.91 -48.90 0.91
N CYS D 56 21.62 -47.82 0.59
CA CYS D 56 20.97 -46.62 0.10
C CYS D 56 20.21 -46.91 -1.18
N LEU D 57 19.10 -46.19 -1.38
CA LEU D 57 18.26 -46.46 -2.55
C LEU D 57 18.93 -46.03 -3.85
N ASP D 58 19.73 -44.95 -3.81
CA ASP D 58 20.49 -44.57 -4.99
C ASP D 58 21.67 -45.50 -5.25
N GLY D 59 21.94 -46.46 -4.36
CA GLY D 59 23.09 -47.32 -4.52
C GLY D 59 24.39 -46.74 -4.03
N THR D 60 24.34 -45.66 -3.25
CA THR D 60 25.56 -44.94 -2.89
C THR D 60 26.50 -45.78 -2.05
N ALA D 61 25.96 -46.58 -1.13
CA ALA D 61 26.79 -47.36 -0.23
C ALA D 61 25.94 -48.40 0.49
N THR D 62 26.58 -49.14 1.39
CA THR D 62 25.94 -50.15 2.22
C THR D 62 26.47 -49.96 3.63
N ILE D 63 25.57 -49.67 4.56
CA ILE D 63 25.93 -49.33 5.93
C ILE D 63 25.17 -50.28 6.85
N PRO D 64 25.69 -50.52 8.06
CA PRO D 64 24.99 -51.36 9.02
C PRO D 64 23.61 -50.80 9.36
N PHE D 65 22.75 -51.68 9.88
CA PHE D 65 21.38 -51.25 10.22
C PHE D 65 21.36 -50.16 11.28
N ASP D 66 22.34 -50.14 12.20
CA ASP D 66 22.28 -49.19 13.30
C ASP D 66 22.70 -47.78 12.90
N GLN D 67 23.08 -47.57 11.64
CA GLN D 67 23.30 -46.24 11.11
C GLN D 67 22.10 -45.73 10.33
N VAL D 68 20.95 -46.37 10.47
CA VAL D 68 19.68 -45.86 9.97
C VAL D 68 19.00 -45.12 11.10
N ASN D 69 18.62 -43.86 10.84
CA ASN D 69 18.02 -42.98 11.86
C ASN D 69 18.94 -42.81 13.06
N ASP D 70 20.25 -42.74 12.82
CA ASP D 70 21.21 -42.50 13.87
C ASP D 70 21.63 -41.04 13.95
N ASP D 71 20.88 -40.15 13.30
CA ASP D 71 21.08 -38.70 13.36
C ASP D 71 22.41 -38.27 12.74
N TYR D 72 22.85 -38.98 11.71
CA TYR D 72 23.99 -38.58 10.89
C TYR D 72 23.70 -39.05 9.47
N CYS D 73 24.02 -38.22 8.49
CA CYS D 73 23.66 -38.50 7.11
C CYS D 73 24.75 -39.36 6.46
N ASP D 74 24.38 -40.57 6.05
CA ASP D 74 25.31 -41.48 5.40
C ASP D 74 25.01 -41.75 3.94
N CYS D 75 23.81 -41.45 3.47
CA CYS D 75 23.42 -41.69 2.09
C CYS D 75 23.31 -40.36 1.34
N LYS D 76 23.85 -40.33 0.12
CA LYS D 76 23.78 -39.12 -0.70
C LYS D 76 22.34 -38.70 -0.98
N ASP D 77 21.43 -39.65 -1.08
CA ASP D 77 20.02 -39.33 -1.33
C ASP D 77 19.23 -39.10 -0.04
N GLY D 78 19.85 -39.29 1.13
CA GLY D 78 19.19 -39.07 2.38
C GLY D 78 18.32 -40.20 2.88
N SER D 79 18.35 -41.36 2.21
CA SER D 79 17.40 -42.42 2.50
C SER D 79 17.66 -43.14 3.82
N ASP D 80 18.80 -42.89 4.46
CA ASP D 80 19.12 -43.57 5.71
C ASP D 80 18.59 -42.84 6.94
N GLU D 81 17.99 -41.66 6.78
CA GLU D 81 17.49 -40.86 7.89
C GLU D 81 16.08 -40.36 7.62
N PRO D 82 15.11 -41.26 7.40
CA PRO D 82 13.73 -40.80 7.18
C PRO D 82 13.09 -40.19 8.41
N GLY D 83 13.58 -40.48 9.61
CA GLY D 83 12.97 -40.02 10.83
C GLY D 83 13.65 -38.87 11.54
N THR D 84 14.74 -38.33 10.99
CA THR D 84 15.52 -37.31 11.65
C THR D 84 15.72 -36.12 10.71
N ALA D 85 16.43 -35.11 11.22
CA ALA D 85 16.76 -33.92 10.46
C ALA D 85 18.20 -33.93 9.95
N ALA D 86 18.82 -35.10 9.87
CA ALA D 86 20.27 -35.17 9.62
C ALA D 86 20.63 -34.99 8.16
N CYS D 87 19.73 -35.32 7.23
CA CYS D 87 20.12 -35.23 5.83
C CYS D 87 19.52 -33.99 5.18
N PRO D 88 20.29 -33.28 4.36
CA PRO D 88 19.77 -32.04 3.75
C PRO D 88 18.75 -32.28 2.67
N ASN D 89 18.74 -33.46 2.05
CA ASN D 89 17.81 -33.77 0.95
C ASN D 89 16.84 -34.89 1.31
N GLY D 90 16.69 -35.21 2.59
CA GLY D 90 15.76 -36.22 3.01
C GLY D 90 14.34 -35.70 3.09
N SER D 91 13.41 -36.64 3.32
CA SER D 91 12.02 -36.32 3.50
C SER D 91 11.46 -37.06 4.71
N PHE D 92 10.47 -36.45 5.36
CA PHE D 92 9.78 -37.04 6.50
C PHE D 92 8.31 -37.20 6.15
N HIS D 93 7.76 -38.38 6.45
CA HIS D 93 6.41 -38.73 6.04
C HIS D 93 5.44 -38.53 7.20
N CYS D 94 4.48 -37.63 7.01
CA CYS D 94 3.36 -37.48 7.93
C CYS D 94 2.25 -38.44 7.51
N THR D 95 1.94 -39.42 8.35
CA THR D 95 0.83 -40.33 8.02
C THR D 95 -0.50 -39.59 8.03
N ASN D 96 -0.68 -38.69 9.01
CA ASN D 96 -1.85 -37.82 9.14
C ASN D 96 -3.17 -38.57 9.04
N THR D 97 -3.34 -39.56 9.92
CA THR D 97 -4.59 -40.29 9.99
C THR D 97 -5.75 -39.32 10.18
N GLY D 98 -6.74 -39.41 9.30
CA GLY D 98 -7.88 -38.52 9.31
C GLY D 98 -7.77 -37.31 8.40
N TYR D 99 -6.73 -37.24 7.58
CA TYR D 99 -6.53 -36.16 6.61
C TYR D 99 -5.65 -36.73 5.50
N LYS D 100 -5.17 -35.86 4.63
CA LYS D 100 -4.25 -36.23 3.56
C LYS D 100 -2.83 -36.37 4.10
N PRO D 101 -2.15 -37.48 3.85
CA PRO D 101 -0.75 -37.58 4.27
C PRO D 101 0.15 -36.67 3.44
N LEU D 102 1.36 -36.43 3.95
CA LEU D 102 2.21 -35.39 3.40
C LEU D 102 3.66 -35.70 3.69
N TYR D 103 4.53 -35.32 2.75
CA TYR D 103 5.97 -35.35 2.94
C TYR D 103 6.47 -33.94 3.22
N ILE D 104 7.42 -33.82 4.15
CA ILE D 104 8.06 -32.54 4.46
C ILE D 104 9.56 -32.71 4.39
N LEU D 105 10.27 -31.58 4.31
CA LEU D 105 11.73 -31.60 4.32
C LEU D 105 12.23 -32.14 5.65
N SER D 106 13.36 -32.87 5.58
CA SER D 106 13.99 -33.37 6.80
C SER D 106 14.37 -32.24 7.74
N SER D 107 14.70 -31.07 7.18
CA SER D 107 15.11 -29.94 8.00
C SER D 107 13.99 -29.38 8.87
N ARG D 108 12.75 -29.83 8.66
CA ARG D 108 11.62 -29.39 9.46
C ARG D 108 11.21 -30.44 10.49
N VAL D 109 12.01 -31.48 10.68
CA VAL D 109 11.80 -32.43 11.77
C VAL D 109 12.43 -31.85 13.03
N ASN D 110 11.62 -31.71 14.07
CA ASN D 110 12.09 -31.19 15.36
C ASN D 110 12.74 -29.83 15.22
N ASP D 111 12.18 -28.98 14.36
CA ASP D 111 12.59 -27.58 14.29
C ASP D 111 11.78 -26.69 15.22
N GLY D 112 10.87 -27.27 16.01
CA GLY D 112 10.00 -26.51 16.88
C GLY D 112 8.76 -25.96 16.23
N VAL D 113 8.52 -26.28 14.95
CA VAL D 113 7.36 -25.78 14.23
C VAL D 113 6.49 -26.97 13.84
N CYS D 114 5.17 -26.81 13.99
CA CYS D 114 4.23 -27.89 13.67
C CYS D 114 3.96 -27.91 12.18
N ASP D 115 4.48 -28.91 11.49
CA ASP D 115 4.30 -29.04 10.04
C ASP D 115 3.27 -30.09 9.65
N CYS D 116 3.27 -31.25 10.32
CA CYS D 116 2.23 -32.24 10.10
C CYS D 116 1.01 -31.89 10.95
N CYS D 117 -0.19 -32.12 10.40
CA CYS D 117 -1.40 -31.90 11.17
C CYS D 117 -1.49 -32.86 12.35
N ASP D 118 -0.85 -34.04 12.25
CA ASP D 118 -0.85 -34.99 13.35
C ASP D 118 0.28 -34.75 14.35
N GLY D 119 1.17 -33.78 14.08
CA GLY D 119 2.18 -33.38 15.02
C GLY D 119 3.36 -34.31 15.18
N THR D 120 3.47 -35.37 14.36
CA THR D 120 4.52 -36.36 14.56
C THR D 120 5.91 -35.85 14.18
N ASP D 121 6.01 -34.73 13.47
CA ASP D 121 7.32 -34.18 13.12
C ASP D 121 8.02 -33.53 14.32
N GLU D 122 7.31 -33.29 15.41
CA GLU D 122 7.87 -32.68 16.62
C GLU D 122 7.73 -33.69 17.75
N TYR D 123 8.76 -34.52 17.94
CA TYR D 123 8.76 -35.51 18.99
C TYR D 123 9.88 -35.35 20.01
N ASN D 124 10.82 -34.42 19.78
CA ASN D 124 11.91 -34.19 20.71
C ASN D 124 12.45 -32.77 20.55
N SER D 125 11.55 -31.79 20.56
CA SER D 125 11.93 -30.41 20.28
C SER D 125 11.43 -29.40 21.30
N GLY D 126 10.65 -29.83 22.29
CA GLY D 126 10.05 -28.92 23.23
C GLY D 126 8.72 -28.33 22.79
N THR D 127 8.44 -28.31 21.49
CA THR D 127 7.14 -27.92 20.99
C THR D 127 6.23 -29.15 20.97
N VAL D 128 5.09 -29.06 21.64
CA VAL D 128 4.10 -30.12 21.65
C VAL D 128 3.00 -29.72 20.68
N CYS D 129 2.87 -30.45 19.59
CA CYS D 129 1.88 -30.17 18.55
C CYS D 129 0.64 -31.02 18.80
N GLU D 130 -0.52 -30.39 18.73
CA GLU D 130 -1.79 -31.09 18.86
C GLU D 130 -2.28 -31.52 17.48
N ASN D 131 -3.12 -32.55 17.47
CA ASN D 131 -3.66 -33.06 16.22
C ASN D 131 -4.70 -32.09 15.67
N THR D 132 -4.48 -31.61 14.45
CA THR D 132 -5.37 -30.65 13.80
C THR D 132 -5.82 -31.13 12.43
N CYS D 133 -5.82 -32.45 12.20
CA CYS D 133 -6.13 -33.00 10.89
C CYS D 133 -7.60 -32.86 10.53
N ARG D 134 -8.45 -32.51 11.49
CA ARG D 134 -9.87 -32.27 11.22
C ARG D 134 -10.07 -31.21 10.14
N VAL E 32 -20.46 -16.90 2.71
CA VAL E 32 -21.02 -15.90 3.61
C VAL E 32 -21.52 -16.57 4.88
N ASP E 33 -21.42 -15.84 6.00
CA ASP E 33 -21.90 -16.30 7.31
C ASP E 33 -23.38 -15.93 7.41
N ARG E 34 -24.24 -16.91 7.27
CA ARG E 34 -25.67 -16.63 7.26
C ARG E 34 -26.28 -16.57 8.65
N SER E 35 -25.56 -17.03 9.68
CA SER E 35 -26.05 -16.85 11.04
C SER E 35 -25.95 -15.41 11.49
N ASN E 36 -25.17 -14.59 10.79
CA ASN E 36 -25.06 -13.17 11.12
C ASN E 36 -26.36 -12.42 10.84
N PHE E 37 -27.15 -12.88 9.87
CA PHE E 37 -28.27 -12.12 9.36
C PHE E 37 -29.57 -12.86 9.66
N LYS E 38 -30.56 -12.11 10.12
CA LYS E 38 -31.82 -12.68 10.58
C LYS E 38 -32.59 -13.32 9.44
N THR E 39 -33.19 -14.48 9.73
CA THR E 39 -34.29 -14.99 8.92
C THR E 39 -35.59 -14.34 9.37
N CYS E 40 -36.67 -14.61 8.62
CA CYS E 40 -37.98 -14.07 8.99
C CYS E 40 -38.42 -14.58 10.36
N ASP E 41 -38.08 -15.83 10.69
CA ASP E 41 -38.42 -16.36 12.02
C ASP E 41 -37.66 -15.63 13.12
N GLU E 42 -36.43 -15.21 12.85
CA GLU E 42 -35.62 -14.48 13.82
C GLU E 42 -35.96 -13.00 13.88
N SER E 43 -36.73 -12.50 12.92
CA SER E 43 -37.29 -11.15 12.96
C SER E 43 -38.69 -11.28 13.54
N SER E 44 -38.89 -10.78 14.76
CA SER E 44 -40.14 -11.09 15.48
C SER E 44 -41.35 -10.51 14.77
N PHE E 45 -41.21 -9.32 14.18
CA PHE E 45 -42.34 -8.71 13.48
C PHE E 45 -42.67 -9.48 12.19
N CYS E 46 -41.64 -10.00 11.51
CA CYS E 46 -41.91 -10.86 10.35
C CYS E 46 -42.59 -12.15 10.77
N LYS E 47 -42.18 -12.74 11.89
CA LYS E 47 -42.79 -13.98 12.36
C LYS E 47 -44.25 -13.77 12.74
N ARG E 48 -44.55 -12.68 13.44
CA ARG E 48 -45.93 -12.37 13.78
C ARG E 48 -46.79 -12.19 12.53
N GLN E 49 -46.29 -11.38 11.57
CA GLN E 49 -47.05 -11.14 10.35
C GLN E 49 -47.24 -12.42 9.56
N ARG E 50 -46.17 -13.17 9.34
CA ARG E 50 -46.23 -14.36 8.49
C ARG E 50 -47.06 -15.48 9.13
N SER E 51 -47.31 -15.42 10.44
CA SER E 51 -48.13 -16.42 11.10
C SER E 51 -49.61 -16.27 10.80
N ILE E 52 -50.06 -15.08 10.39
CA ILE E 52 -51.43 -14.90 9.95
C ILE E 52 -51.66 -15.67 8.65
N ARG E 53 -52.68 -16.53 8.65
CA ARG E 53 -52.91 -17.40 7.50
C ARG E 53 -54.09 -16.90 6.67
N PRO E 54 -54.14 -17.26 5.39
CA PRO E 54 -55.20 -16.75 4.51
C PRO E 54 -56.60 -17.13 5.02
N GLY E 55 -57.46 -16.13 5.11
CA GLY E 55 -58.82 -16.37 5.57
C GLY E 55 -59.64 -15.09 5.51
N LEU E 56 -60.80 -15.15 6.13
CA LEU E 56 -61.68 -13.97 6.19
C LEU E 56 -61.04 -12.92 7.07
N SER E 57 -60.90 -11.69 6.55
CA SER E 57 -60.20 -10.66 7.30
C SER E 57 -61.07 -10.18 8.46
N PRO E 58 -60.46 -9.87 9.61
CA PRO E 58 -61.20 -9.28 10.73
C PRO E 58 -61.39 -7.77 10.62
N TYR E 59 -60.80 -7.15 9.61
CA TYR E 59 -60.97 -5.72 9.38
C TYR E 59 -62.21 -5.49 8.52
N ARG E 60 -62.93 -4.41 8.81
CA ARG E 60 -64.12 -4.08 8.03
C ARG E 60 -64.36 -2.58 8.09
N ALA E 61 -64.81 -2.02 6.98
CA ALA E 61 -65.02 -0.58 6.84
C ALA E 61 -66.39 -0.16 7.35
N LEU E 62 -66.41 0.94 8.10
CA LEU E 62 -67.65 1.51 8.63
C LEU E 62 -68.14 2.53 7.61
N LEU E 63 -69.03 2.09 6.71
CA LEU E 63 -69.51 2.96 5.64
C LEU E 63 -70.23 4.20 6.17
N ASP E 64 -70.64 4.19 7.44
CA ASP E 64 -71.20 5.39 8.05
C ASP E 64 -70.17 6.51 8.13
N THR E 65 -68.89 6.15 8.20
CA THR E 65 -67.81 7.12 8.40
C THR E 65 -67.31 7.76 7.10
N LEU E 66 -67.81 7.30 5.95
CA LEU E 66 -67.27 7.77 4.67
C LEU E 66 -67.44 9.27 4.50
N GLN E 67 -66.38 9.93 4.03
CA GLN E 67 -66.43 11.34 3.65
C GLN E 67 -65.72 11.48 2.30
N LEU E 68 -66.41 12.03 1.32
CA LEU E 68 -65.87 12.22 -0.02
C LEU E 68 -65.54 13.69 -0.27
N GLY E 69 -64.25 14.01 -0.33
CA GLY E 69 -63.82 15.34 -0.67
C GLY E 69 -63.36 15.38 -2.12
N PRO E 70 -62.99 16.56 -2.62
CA PRO E 70 -62.46 16.64 -3.99
C PRO E 70 -61.15 15.90 -4.15
N ASP E 71 -60.30 15.89 -3.12
CA ASP E 71 -58.98 15.31 -3.22
C ASP E 71 -58.88 13.89 -2.68
N ALA E 72 -59.71 13.51 -1.71
CA ALA E 72 -59.57 12.19 -1.11
C ALA E 72 -60.91 11.70 -0.59
N LEU E 73 -61.02 10.38 -0.44
CA LEU E 73 -62.08 9.74 0.31
C LEU E 73 -61.50 9.16 1.59
N THR E 74 -62.11 9.48 2.73
CA THR E 74 -61.71 8.94 4.02
C THR E 74 -62.81 8.03 4.57
N VAL E 75 -62.39 6.98 5.27
CA VAL E 75 -63.32 6.01 5.84
C VAL E 75 -62.63 5.28 6.98
N HIS E 76 -63.38 5.06 8.06
CA HIS E 76 -62.82 4.40 9.25
C HIS E 76 -62.85 2.89 9.09
N LEU E 77 -61.79 2.24 9.57
CA LEU E 77 -61.72 0.80 9.66
C LEU E 77 -61.66 0.39 11.13
N ILE E 78 -62.13 -0.81 11.41
CA ILE E 78 -62.15 -1.35 12.77
C ILE E 78 -61.73 -2.81 12.74
N HIS E 79 -60.89 -3.19 13.70
CA HIS E 79 -60.57 -4.59 13.91
C HIS E 79 -61.66 -5.22 14.77
N GLU E 80 -62.29 -6.28 14.25
CA GLU E 80 -63.49 -6.81 14.90
C GLU E 80 -63.19 -7.36 16.29
N VAL E 81 -62.02 -7.98 16.46
CA VAL E 81 -61.69 -8.58 17.75
C VAL E 81 -61.15 -7.52 18.71
N THR E 82 -60.24 -6.68 18.25
CA THR E 82 -59.54 -5.75 19.13
C THR E 82 -60.19 -4.37 19.22
N LYS E 83 -61.08 -4.02 18.30
CA LYS E 83 -61.77 -2.73 18.28
C LYS E 83 -60.83 -1.54 18.14
N VAL E 84 -59.63 -1.72 17.59
CA VAL E 84 -58.78 -0.59 17.24
C VAL E 84 -59.30 0.04 15.94
N LEU E 85 -59.30 1.36 15.89
CA LEU E 85 -59.88 2.11 14.78
C LEU E 85 -58.78 2.72 13.91
N LEU E 86 -58.85 2.45 12.61
CA LEU E 86 -57.93 2.99 11.62
C LEU E 86 -58.67 3.93 10.66
N VAL E 87 -57.89 4.70 9.90
CA VAL E 87 -58.42 5.62 8.90
C VAL E 87 -57.80 5.27 7.56
N LEU E 88 -58.66 4.99 6.57
CA LEU E 88 -58.23 4.75 5.19
C LEU E 88 -58.41 6.02 4.38
N GLU E 89 -57.33 6.48 3.75
CA GLU E 89 -57.37 7.62 2.83
C GLU E 89 -57.17 7.08 1.42
N LEU E 90 -58.22 7.15 0.60
CA LEU E 90 -58.21 6.61 -0.75
C LEU E 90 -58.20 7.77 -1.74
N GLN E 91 -57.31 7.68 -2.73
CA GLN E 91 -57.10 8.79 -3.66
C GLN E 91 -56.91 8.28 -5.08
N GLY E 92 -57.66 8.86 -6.01
CA GLY E 92 -57.35 8.73 -7.42
C GLY E 92 -56.39 9.84 -7.83
N LEU E 93 -55.39 9.48 -8.63
CA LEU E 93 -54.37 10.41 -9.05
C LEU E 93 -54.32 10.50 -10.57
N GLN E 94 -53.83 11.65 -11.05
CA GLN E 94 -53.55 11.81 -12.47
C GLN E 94 -52.56 10.76 -12.94
N LYS E 95 -52.62 10.45 -14.24
CA LYS E 95 -51.78 9.44 -14.89
C LYS E 95 -52.14 8.03 -14.42
N ASP E 96 -53.43 7.78 -14.18
CA ASP E 96 -53.94 6.44 -13.91
C ASP E 96 -53.26 5.81 -12.70
N MET E 97 -53.30 6.51 -11.58
CA MET E 97 -52.70 6.01 -10.35
C MET E 97 -53.69 6.12 -9.20
N THR E 98 -53.55 5.20 -8.25
CA THR E 98 -54.34 5.18 -7.02
C THR E 98 -53.38 5.12 -5.84
N ARG E 99 -53.69 5.89 -4.79
CA ARG E 99 -52.91 5.91 -3.56
C ARG E 99 -53.74 5.43 -2.39
N ILE E 100 -53.22 4.46 -1.64
CA ILE E 100 -53.87 3.94 -0.44
C ILE E 100 -52.98 4.28 0.76
N ARG E 101 -53.55 4.99 1.73
CA ARG E 101 -52.86 5.32 2.97
C ARG E 101 -53.74 4.93 4.14
N ILE E 102 -53.15 4.22 5.11
CA ILE E 102 -53.85 3.73 6.29
C ILE E 102 -53.03 4.07 7.52
N ASP E 103 -53.66 4.75 8.48
CA ASP E 103 -53.02 5.14 9.73
C ASP E 103 -53.99 4.84 10.88
N GLU E 104 -53.50 5.00 12.10
CA GLU E 104 -54.35 4.91 13.27
C GLU E 104 -55.25 6.14 13.36
N LEU E 105 -56.46 5.94 13.89
CA LEU E 105 -57.41 7.06 13.98
C LEU E 105 -56.92 8.11 14.95
N GLU E 106 -56.63 7.73 16.19
CA GLU E 106 -56.04 8.61 17.19
C GLU E 106 -54.86 7.90 17.81
N PRO E 107 -53.69 7.92 17.16
CA PRO E 107 -52.53 7.23 17.73
C PRO E 107 -51.96 8.00 18.91
N ARG E 108 -51.32 7.27 19.81
CA ARG E 108 -50.65 7.90 20.95
C ARG E 108 -49.56 8.85 20.46
N ARG E 109 -48.84 8.46 19.42
CA ARG E 109 -47.82 9.28 18.81
C ARG E 109 -47.91 9.14 17.30
N PRO E 110 -47.53 10.18 16.55
CA PRO E 110 -47.55 10.09 15.09
C PRO E 110 -46.61 9.00 14.59
N ARG E 111 -47.04 8.33 13.54
CA ARG E 111 -46.23 7.32 12.87
C ARG E 111 -45.39 7.98 11.77
N TYR E 112 -44.34 7.29 11.36
CA TYR E 112 -43.40 7.84 10.38
C TYR E 112 -43.99 7.81 8.99
N ARG E 113 -43.85 8.94 8.27
CA ARG E 113 -44.23 9.06 6.87
C ARG E 113 -43.00 9.52 6.10
N VAL E 114 -42.60 8.73 5.11
CA VAL E 114 -41.32 8.88 4.43
C VAL E 114 -41.21 10.23 3.73
N PRO E 115 -40.26 11.08 4.11
CA PRO E 115 -40.06 12.36 3.43
C PRO E 115 -39.01 12.27 2.33
N ASP E 116 -38.95 13.35 1.54
CA ASP E 116 -37.88 13.61 0.57
C ASP E 116 -37.78 12.60 -0.57
N VAL E 117 -38.65 11.59 -0.60
CA VAL E 117 -38.62 10.63 -1.70
C VAL E 117 -39.52 11.07 -2.84
N LEU E 118 -40.75 11.49 -2.52
CA LEU E 118 -41.64 12.03 -3.53
C LEU E 118 -41.18 13.42 -3.93
N VAL E 119 -41.12 13.68 -5.24
CA VAL E 119 -40.66 14.97 -5.71
C VAL E 119 -41.74 16.05 -5.65
N ALA E 120 -43.00 15.66 -5.53
CA ALA E 120 -44.09 16.64 -5.51
C ALA E 120 -45.32 16.01 -4.87
N ASP E 121 -46.27 16.86 -4.52
CA ASP E 121 -47.60 16.43 -4.13
C ASP E 121 -48.32 15.89 -5.35
N PRO E 122 -48.63 14.59 -5.43
CA PRO E 122 -49.21 14.01 -6.65
C PRO E 122 -50.57 14.64 -6.97
N PRO E 123 -50.76 15.12 -8.20
CA PRO E 123 -52.06 15.68 -8.58
C PRO E 123 -53.16 14.64 -8.51
N THR E 124 -54.28 15.02 -7.91
CA THR E 124 -55.37 14.10 -7.65
C THR E 124 -56.39 14.12 -8.79
N ALA E 125 -57.16 13.03 -8.89
CA ALA E 125 -58.32 12.93 -9.76
C ALA E 125 -59.55 12.72 -8.89
N ARG E 126 -60.65 13.34 -9.27
CA ARG E 126 -61.84 13.33 -8.42
C ARG E 126 -62.50 11.95 -8.40
N LEU E 127 -62.94 11.55 -7.21
CA LEU E 127 -63.70 10.33 -7.01
C LEU E 127 -65.18 10.67 -6.89
N SER E 128 -66.04 9.81 -7.42
CA SER E 128 -67.47 10.04 -7.42
C SER E 128 -68.20 8.73 -7.15
N VAL E 129 -69.25 8.80 -6.34
CA VAL E 129 -70.05 7.62 -6.02
C VAL E 129 -70.90 7.25 -7.23
N SER E 130 -70.74 6.01 -7.70
CA SER E 130 -71.50 5.50 -8.83
C SER E 130 -72.23 4.20 -8.54
N GLY E 131 -72.05 3.62 -7.36
CA GLY E 131 -72.74 2.39 -6.98
C GLY E 131 -72.74 2.18 -5.48
N ARG E 132 -73.86 1.70 -4.93
CA ARG E 132 -74.02 1.69 -3.49
C ARG E 132 -74.92 0.54 -3.06
N ASP E 133 -74.59 -0.03 -1.90
CA ASP E 133 -75.48 -0.91 -1.15
C ASP E 133 -75.00 -0.93 0.30
N ASP E 134 -75.53 -1.86 1.11
CA ASP E 134 -75.13 -1.91 2.50
C ASP E 134 -73.68 -2.33 2.68
N ASN E 135 -73.17 -3.22 1.83
CA ASN E 135 -71.85 -3.79 2.05
C ASN E 135 -70.83 -3.41 0.98
N SER E 136 -71.14 -2.45 0.11
CA SER E 136 -70.17 -2.08 -0.92
C SER E 136 -70.47 -0.68 -1.43
N VAL E 137 -69.42 0.00 -1.90
CA VAL E 137 -69.51 1.31 -2.53
C VAL E 137 -68.63 1.31 -3.77
N GLU E 138 -69.17 1.78 -4.89
CA GLU E 138 -68.41 1.90 -6.13
C GLU E 138 -68.10 3.37 -6.39
N LEU E 139 -66.83 3.66 -6.66
CA LEU E 139 -66.38 5.01 -6.96
C LEU E 139 -65.80 5.07 -8.38
N THR E 140 -66.03 6.19 -9.05
CA THR E 140 -65.52 6.43 -10.39
C THR E 140 -64.47 7.52 -10.33
N VAL E 141 -63.33 7.28 -10.96
CA VAL E 141 -62.23 8.24 -11.00
C VAL E 141 -62.43 9.17 -12.19
N ALA E 142 -62.52 10.47 -11.91
CA ALA E 142 -62.74 11.49 -12.93
C ALA E 142 -63.97 11.18 -13.78
N GLU E 143 -63.75 10.66 -14.99
CA GLU E 143 -64.83 10.29 -15.90
C GLU E 143 -64.63 8.89 -16.48
N GLY E 144 -63.91 8.03 -15.76
CA GLY E 144 -63.69 6.67 -16.22
C GLY E 144 -62.40 6.55 -17.00
N PRO E 145 -62.03 5.31 -17.37
CA PRO E 145 -62.76 4.06 -17.15
C PRO E 145 -62.45 3.34 -15.83
N TYR E 146 -61.62 3.93 -14.98
CA TYR E 146 -61.14 3.27 -13.78
C TYR E 146 -62.14 3.46 -12.64
N LYS E 147 -62.45 2.36 -11.95
CA LYS E 147 -63.39 2.38 -10.83
C LYS E 147 -62.86 1.50 -9.72
N ILE E 148 -63.17 1.89 -8.48
CA ILE E 148 -62.76 1.16 -7.28
C ILE E 148 -64.02 0.80 -6.50
N ILE E 149 -64.21 -0.49 -6.22
CA ILE E 149 -65.31 -0.97 -5.40
C ILE E 149 -64.79 -1.31 -4.02
N LEU E 150 -65.31 -0.63 -3.00
CA LEU E 150 -64.98 -0.88 -1.60
C LEU E 150 -66.05 -1.76 -0.97
N THR E 151 -65.68 -2.98 -0.60
CA THR E 151 -66.58 -3.85 0.15
C THR E 151 -66.32 -3.67 1.63
N ALA E 152 -67.38 -3.40 2.41
CA ALA E 152 -67.19 -3.05 3.80
C ALA E 152 -66.83 -4.25 4.66
N GLN E 153 -67.52 -5.37 4.48
CA GLN E 153 -67.29 -6.53 5.33
C GLN E 153 -67.24 -7.83 4.53
N PRO E 154 -66.09 -8.55 4.56
CA PRO E 154 -64.83 -8.07 5.11
C PRO E 154 -64.18 -6.99 4.24
N PHE E 155 -63.39 -6.11 4.86
CA PHE E 155 -62.74 -5.02 4.14
C PHE E 155 -61.97 -5.52 2.93
N ARG E 156 -62.16 -4.84 1.80
CA ARG E 156 -61.56 -5.23 0.54
C ARG E 156 -61.65 -4.05 -0.42
N LEU E 157 -60.74 -4.05 -1.40
CA LEU E 157 -60.74 -3.06 -2.47
C LEU E 157 -60.42 -3.76 -3.77
N ASP E 158 -61.19 -3.44 -4.82
CA ASP E 158 -60.96 -4.00 -6.15
C ASP E 158 -60.89 -2.86 -7.15
N LEU E 159 -59.94 -2.96 -8.07
CA LEU E 159 -59.72 -1.93 -9.10
C LEU E 159 -59.89 -2.53 -10.48
N LEU E 160 -60.73 -1.90 -11.30
CA LEU E 160 -61.03 -2.39 -12.63
C LEU E 160 -60.99 -1.24 -13.63
N GLU E 161 -60.61 -1.58 -14.86
CA GLU E 161 -60.82 -0.70 -16.01
C GLU E 161 -62.15 -1.09 -16.63
N ASP E 162 -63.13 -0.19 -16.56
CA ASP E 162 -64.51 -0.50 -16.90
C ASP E 162 -65.00 -1.64 -16.02
N ARG E 163 -64.94 -2.87 -16.54
CA ARG E 163 -65.37 -4.05 -15.76
C ARG E 163 -64.34 -5.16 -15.79
N SER E 164 -63.09 -4.87 -16.14
CA SER E 164 -62.02 -5.84 -16.12
C SER E 164 -61.22 -5.64 -14.84
N LEU E 165 -61.28 -6.61 -13.93
CA LEU E 165 -60.62 -6.51 -12.64
C LEU E 165 -59.11 -6.52 -12.80
N LEU E 166 -58.46 -5.42 -12.38
CA LEU E 166 -57.00 -5.31 -12.49
C LEU E 166 -56.29 -5.90 -11.29
N LEU E 167 -56.75 -5.60 -10.07
CA LEU E 167 -56.07 -6.04 -8.86
C LEU E 167 -57.01 -5.82 -7.68
N SER E 168 -56.82 -6.63 -6.64
CA SER E 168 -57.61 -6.57 -5.43
C SER E 168 -56.69 -6.38 -4.23
N VAL E 169 -57.20 -5.68 -3.22
CA VAL E 169 -56.46 -5.35 -2.01
C VAL E 169 -57.13 -6.04 -0.84
N ASN E 170 -56.32 -6.71 0.00
CA ASN E 170 -56.82 -7.42 1.16
C ASN E 170 -57.79 -8.55 0.76
N ALA E 171 -57.62 -9.06 -0.46
CA ALA E 171 -58.49 -10.13 -0.93
C ALA E 171 -58.24 -11.43 -0.17
N ARG E 172 -57.01 -11.68 0.25
CA ARG E 172 -56.69 -12.85 1.05
C ARG E 172 -56.77 -12.57 2.56
N GLY E 173 -57.20 -11.38 2.95
CA GLY E 173 -57.41 -11.07 4.36
C GLY E 173 -56.17 -11.06 5.21
N LEU E 174 -55.00 -10.78 4.63
CA LEU E 174 -53.74 -10.80 5.35
C LEU E 174 -53.35 -9.44 5.92
N MET E 175 -54.24 -8.45 5.86
CA MET E 175 -53.94 -7.14 6.41
C MET E 175 -53.73 -7.22 7.92
N ALA E 176 -52.71 -6.51 8.40
CA ALA E 176 -52.39 -6.47 9.81
C ALA E 176 -51.77 -5.12 10.13
N PHE E 177 -52.31 -4.43 11.14
CA PHE E 177 -51.84 -3.11 11.53
C PHE E 177 -51.68 -3.12 13.05
N GLU E 178 -50.47 -3.36 13.52
CA GLU E 178 -50.20 -3.36 14.96
C GLU E 178 -50.20 -1.93 15.47
N HIS E 179 -51.26 -1.55 16.18
CA HIS E 179 -51.34 -0.20 16.71
C HIS E 179 -50.34 -0.04 17.86
N GLN E 180 -50.02 1.21 18.16
CA GLN E 180 -49.04 1.49 19.18
C GLN E 180 -49.64 1.20 20.55
N ARG E 181 -49.09 0.20 21.24
CA ARG E 181 -49.59 -0.18 22.56
C ARG E 181 -48.96 0.69 23.65
N ALA E 182 -49.53 0.56 24.85
CA ALA E 182 -49.10 1.37 25.97
C ALA E 182 -47.71 0.94 26.43
N PRO E 183 -46.81 1.90 26.67
CA PRO E 183 -45.42 1.55 27.01
C PRO E 183 -45.33 0.80 28.33
N ARG E 184 -44.13 0.26 28.56
CA ARG E 184 -43.87 -0.54 29.76
C ARG E 184 -42.36 -0.63 30.03
N GLU F 1 -46.02 -13.11 21.37
CA GLU F 1 -45.51 -12.59 22.64
C GLU F 1 -43.97 -12.48 22.69
N PRO F 2 -43.23 -13.56 22.38
CA PRO F 2 -41.78 -13.49 22.49
C PRO F 2 -41.18 -12.58 21.43
N GLY F 3 -40.36 -11.63 21.88
CA GLY F 3 -39.73 -10.70 20.98
C GLY F 3 -40.60 -9.54 20.53
N ALA F 4 -41.82 -9.44 21.04
CA ALA F 4 -42.69 -8.33 20.67
C ALA F 4 -42.17 -7.01 21.23
N TRP F 5 -41.55 -7.04 22.40
CA TRP F 5 -40.93 -5.85 22.96
C TRP F 5 -39.41 -6.01 22.93
N GLU F 6 -38.76 -6.04 24.09
CA GLU F 6 -37.32 -6.25 24.13
C GLU F 6 -36.94 -7.56 23.43
N GLU F 7 -36.00 -7.47 22.50
CA GLU F 7 -35.65 -8.58 21.62
C GLU F 7 -34.14 -8.60 21.46
N THR F 8 -33.56 -9.80 21.46
CA THR F 8 -32.12 -9.97 21.31
C THR F 8 -31.82 -10.92 20.16
N PHE F 9 -30.78 -10.58 19.40
CA PHE F 9 -30.29 -11.42 18.32
C PHE F 9 -28.78 -11.51 18.46
N LYS F 10 -28.25 -12.74 18.48
CA LYS F 10 -26.85 -12.98 18.82
C LYS F 10 -26.53 -12.35 20.17
N THR F 11 -25.63 -11.37 20.17
CA THR F 11 -25.25 -10.66 21.38
C THR F 11 -25.85 -9.26 21.47
N HIS F 12 -26.67 -8.86 20.50
CA HIS F 12 -27.21 -7.52 20.43
C HIS F 12 -28.64 -7.49 20.97
N SER F 13 -28.96 -6.42 21.69
CA SER F 13 -30.26 -6.25 22.32
C SER F 13 -30.97 -5.04 21.73
N ASP F 14 -32.24 -5.20 21.39
CA ASP F 14 -33.10 -4.12 20.93
C ASP F 14 -34.08 -3.81 22.05
N SER F 15 -33.93 -2.63 22.67
CA SER F 15 -34.79 -2.27 23.79
C SER F 15 -36.23 -2.01 23.34
N LYS F 16 -36.45 -1.75 22.06
CA LYS F 16 -37.77 -1.64 21.43
C LYS F 16 -38.79 -0.91 22.30
N PRO F 17 -38.57 0.38 22.59
CA PRO F 17 -39.46 1.08 23.52
C PRO F 17 -40.90 1.19 23.04
N TYR F 18 -41.16 0.99 21.75
CA TYR F 18 -42.50 1.17 21.19
C TYR F 18 -43.27 -0.13 20.98
N GLY F 19 -42.63 -1.28 21.17
CA GLY F 19 -43.32 -2.54 21.06
C GLY F 19 -43.68 -2.88 19.62
N PRO F 20 -44.57 -3.85 19.43
CA PRO F 20 -44.96 -4.24 18.06
C PRO F 20 -45.72 -3.11 17.38
N THR F 21 -45.25 -2.74 16.18
CA THR F 21 -45.86 -1.64 15.42
C THR F 21 -45.91 -1.96 13.92
N SER F 22 -45.82 -3.24 13.55
CA SER F 22 -45.67 -3.57 12.14
C SER F 22 -46.98 -3.38 11.38
N VAL F 23 -46.86 -3.22 10.07
CA VAL F 23 -47.98 -3.03 9.16
C VAL F 23 -47.81 -3.96 7.96
N GLY F 24 -48.93 -4.43 7.43
CA GLY F 24 -48.89 -5.38 6.34
C GLY F 24 -50.15 -5.35 5.51
N LEU F 25 -50.02 -5.73 4.24
CA LEU F 25 -51.12 -5.70 3.30
C LEU F 25 -50.79 -6.62 2.13
N ASP F 26 -51.81 -7.27 1.59
CA ASP F 26 -51.63 -8.18 0.46
C ASP F 26 -52.37 -7.67 -0.76
N PHE F 27 -51.89 -8.07 -1.94
CA PHE F 27 -52.41 -7.61 -3.22
C PHE F 27 -52.50 -8.80 -4.16
N SER F 28 -53.60 -8.90 -4.89
CA SER F 28 -53.83 -9.99 -5.83
C SER F 28 -53.83 -9.45 -7.25
N LEU F 29 -53.12 -10.13 -8.14
CA LEU F 29 -52.90 -9.67 -9.50
C LEU F 29 -53.43 -10.72 -10.47
N PRO F 30 -54.71 -10.65 -10.83
CA PRO F 30 -55.26 -11.65 -11.76
C PRO F 30 -54.66 -11.49 -13.15
N GLY F 31 -54.27 -12.62 -13.73
CA GLY F 31 -53.64 -12.64 -15.04
C GLY F 31 -52.14 -12.47 -15.04
N MET F 32 -51.54 -12.18 -13.89
CA MET F 32 -50.10 -11.95 -13.79
C MET F 32 -49.39 -13.23 -13.34
N GLU F 33 -48.40 -13.63 -14.10
CA GLU F 33 -47.56 -14.78 -13.77
C GLU F 33 -46.10 -14.42 -13.63
N HIS F 34 -45.73 -13.16 -13.90
CA HIS F 34 -44.34 -12.71 -13.88
C HIS F 34 -44.25 -11.39 -13.15
N VAL F 35 -43.48 -11.34 -12.07
CA VAL F 35 -43.24 -10.10 -11.33
C VAL F 35 -41.74 -9.86 -11.25
N TYR F 36 -41.38 -8.58 -11.11
CA TYR F 36 -39.99 -8.16 -11.19
C TYR F 36 -39.75 -7.02 -10.22
N GLY F 37 -38.47 -6.77 -9.94
CA GLY F 37 -38.08 -5.59 -9.18
C GLY F 37 -37.63 -5.84 -7.76
N ILE F 38 -38.10 -5.01 -6.83
CA ILE F 38 -37.66 -4.91 -5.43
C ILE F 38 -36.18 -5.26 -5.26
N PRO F 39 -35.26 -4.53 -5.89
CA PRO F 39 -33.85 -4.71 -5.59
C PRO F 39 -33.53 -4.25 -4.17
N GLU F 40 -32.42 -4.73 -3.63
CA GLU F 40 -31.36 -5.43 -4.34
C GLU F 40 -31.14 -6.83 -3.80
N HIS F 41 -31.13 -7.81 -4.71
CA HIS F 41 -30.90 -9.20 -4.36
C HIS F 41 -30.04 -9.82 -5.44
N ALA F 42 -29.14 -10.71 -5.04
CA ALA F 42 -28.37 -11.52 -5.99
C ALA F 42 -29.26 -12.68 -6.43
N ASP F 43 -30.25 -12.35 -7.24
CA ASP F 43 -31.27 -13.30 -7.65
C ASP F 43 -31.71 -13.01 -9.08
N SER F 44 -32.56 -13.87 -9.61
CA SER F 44 -32.97 -13.79 -11.01
C SER F 44 -33.81 -12.54 -11.27
N LEU F 45 -33.86 -12.15 -12.54
CA LEU F 45 -34.68 -11.02 -12.94
C LEU F 45 -36.15 -11.26 -12.62
N ARG F 46 -36.67 -12.40 -13.06
CA ARG F 46 -38.02 -12.80 -12.72
C ARG F 46 -38.03 -13.32 -11.28
N LEU F 47 -38.79 -12.66 -10.41
CA LEU F 47 -38.81 -13.02 -9.00
C LEU F 47 -39.47 -14.38 -8.80
N LYS F 48 -38.96 -15.12 -7.83
CA LYS F 48 -39.45 -16.46 -7.52
C LYS F 48 -40.54 -16.41 -6.46
N VAL F 49 -41.33 -17.49 -6.42
CA VAL F 49 -42.32 -17.66 -5.36
C VAL F 49 -41.60 -17.92 -4.05
N THR F 50 -42.16 -17.39 -2.95
CA THR F 50 -41.56 -17.48 -1.63
C THR F 50 -42.26 -18.48 -0.72
N GLU F 51 -43.24 -19.23 -1.24
CA GLU F 51 -44.09 -20.05 -0.38
C GLU F 51 -43.29 -21.09 0.38
N GLY F 52 -42.34 -21.74 -0.28
CA GLY F 52 -41.54 -22.77 0.36
C GLY F 52 -40.35 -22.29 1.16
N GLY F 53 -40.13 -20.99 1.25
CA GLY F 53 -38.92 -20.49 1.87
C GLY F 53 -39.01 -19.09 2.45
N GLU F 54 -37.92 -18.34 2.35
CA GLU F 54 -37.86 -17.00 2.89
C GLU F 54 -38.54 -16.00 1.96
N PRO F 55 -39.17 -14.98 2.52
CA PRO F 55 -39.60 -13.85 1.68
C PRO F 55 -38.40 -12.99 1.30
N TYR F 56 -38.61 -12.19 0.25
CA TYR F 56 -37.57 -11.22 -0.12
C TYR F 56 -37.50 -10.12 0.92
N ARG F 57 -36.29 -9.79 1.34
CA ARG F 57 -36.05 -8.82 2.40
C ARG F 57 -35.49 -7.54 1.81
N LEU F 58 -36.00 -6.41 2.28
CA LEU F 58 -35.51 -5.09 1.90
C LEU F 58 -34.99 -4.42 3.17
N TYR F 59 -33.67 -4.51 3.37
CA TYR F 59 -33.03 -3.90 4.54
C TYR F 59 -31.57 -3.71 4.17
N ASN F 60 -31.15 -2.45 4.03
CA ASN F 60 -29.81 -2.15 3.52
C ASN F 60 -28.73 -2.71 4.43
N LEU F 61 -28.04 -3.74 3.96
CA LEU F 61 -27.08 -4.47 4.78
C LEU F 61 -25.81 -4.73 4.00
N ASP F 62 -24.70 -4.78 4.73
CA ASP F 62 -23.36 -5.06 4.19
C ASP F 62 -23.08 -6.53 4.40
N VAL F 63 -23.19 -7.32 3.34
CA VAL F 63 -23.05 -8.77 3.39
C VAL F 63 -21.68 -9.13 2.83
N PHE F 64 -20.79 -9.59 3.70
CA PHE F 64 -19.43 -9.94 3.30
C PHE F 64 -19.43 -11.20 2.44
N GLN F 65 -18.87 -11.10 1.23
CA GLN F 65 -18.79 -12.21 0.28
C GLN F 65 -20.16 -12.82 0.05
N TYR F 66 -21.09 -11.97 -0.40
CA TYR F 66 -22.46 -12.42 -0.63
C TYR F 66 -22.51 -13.48 -1.72
N GLU F 67 -23.47 -14.39 -1.60
CA GLU F 67 -23.65 -15.49 -2.54
C GLU F 67 -24.81 -15.22 -3.48
N LEU F 68 -24.96 -16.11 -4.46
CA LEU F 68 -25.93 -15.94 -5.53
C LEU F 68 -27.16 -16.82 -5.29
N ASN F 69 -28.27 -16.42 -5.93
CA ASN F 69 -29.51 -17.20 -5.94
C ASN F 69 -30.05 -17.42 -4.52
N ASN F 70 -30.27 -16.31 -3.81
CA ASN F 70 -30.90 -16.35 -2.50
C ASN F 70 -31.53 -15.00 -2.22
N PRO F 71 -32.56 -14.93 -1.37
CA PRO F 71 -33.30 -13.68 -1.18
C PRO F 71 -32.75 -12.79 -0.07
N MET F 72 -31.52 -13.03 0.38
CA MET F 72 -30.94 -12.20 1.43
C MET F 72 -30.87 -10.74 0.98
N ALA F 73 -31.16 -9.83 1.91
CA ALA F 73 -31.10 -8.41 1.62
C ALA F 73 -29.66 -7.95 1.43
N LEU F 74 -29.43 -7.13 0.41
CA LEU F 74 -28.13 -6.56 0.13
C LEU F 74 -28.14 -5.06 0.44
N TYR F 75 -27.29 -4.30 -0.27
CA TYR F 75 -26.95 -2.95 0.18
C TYR F 75 -28.09 -1.95 -0.06
N GLY F 76 -28.95 -2.20 -1.05
CA GLY F 76 -29.98 -1.24 -1.37
C GLY F 76 -31.38 -1.80 -1.33
N SER F 77 -32.39 -0.92 -1.27
CA SER F 77 -33.77 -1.35 -1.18
C SER F 77 -34.65 -0.39 -1.97
N VAL F 78 -35.29 -0.87 -3.03
CA VAL F 78 -36.27 -0.08 -3.77
C VAL F 78 -37.60 -0.82 -3.71
N PRO F 79 -38.55 -0.35 -2.90
CA PRO F 79 -39.83 -1.09 -2.70
C PRO F 79 -40.82 -0.86 -3.83
N VAL F 80 -40.45 -1.33 -5.02
CA VAL F 80 -41.26 -1.16 -6.22
C VAL F 80 -41.29 -2.51 -6.94
N LEU F 81 -42.50 -3.01 -7.22
CA LEU F 81 -42.67 -4.29 -7.88
C LEU F 81 -43.45 -4.08 -9.16
N LEU F 82 -43.00 -4.69 -10.25
CA LEU F 82 -43.64 -4.59 -11.55
C LEU F 82 -44.24 -5.94 -11.93
N ALA F 83 -45.46 -5.91 -12.46
CA ALA F 83 -46.16 -7.11 -12.91
C ALA F 83 -46.42 -6.99 -14.41
N HIS F 84 -46.04 -8.01 -15.17
CA HIS F 84 -46.15 -7.99 -16.62
C HIS F 84 -46.90 -9.22 -17.11
N SER F 85 -47.84 -9.00 -18.03
CA SER F 85 -48.50 -10.07 -18.75
C SER F 85 -48.59 -9.68 -20.23
N PHE F 86 -49.05 -10.63 -21.04
CA PHE F 86 -49.33 -10.33 -22.45
C PHE F 86 -50.30 -9.17 -22.60
N HIS F 87 -51.23 -9.02 -21.65
CA HIS F 87 -52.29 -8.03 -21.79
C HIS F 87 -51.98 -6.68 -21.17
N ARG F 88 -51.24 -6.65 -20.06
CA ARG F 88 -51.10 -5.40 -19.32
C ARG F 88 -49.82 -5.40 -18.50
N ASP F 89 -49.51 -4.24 -17.93
CA ASP F 89 -48.41 -4.05 -17.00
C ASP F 89 -48.92 -3.25 -15.81
N LEU F 90 -48.44 -3.60 -14.62
CA LEU F 90 -48.83 -2.93 -13.39
C LEU F 90 -47.60 -2.73 -12.51
N GLY F 91 -47.72 -1.77 -11.60
CA GLY F 91 -46.65 -1.51 -10.66
C GLY F 91 -47.20 -1.15 -9.29
N ILE F 92 -46.47 -1.57 -8.26
CA ILE F 92 -46.82 -1.30 -6.87
C ILE F 92 -45.63 -0.62 -6.20
N PHE F 93 -45.86 0.52 -5.58
CA PHE F 93 -44.84 1.31 -4.92
C PHE F 93 -45.21 1.42 -3.44
N TRP F 94 -44.50 0.66 -2.60
CA TRP F 94 -44.77 0.58 -1.17
C TRP F 94 -43.84 1.56 -0.47
N LEU F 95 -44.33 2.79 -0.25
CA LEU F 95 -43.51 3.87 0.28
C LEU F 95 -43.35 3.70 1.80
N ASN F 96 -42.38 2.86 2.17
CA ASN F 96 -42.07 2.62 3.58
C ASN F 96 -40.55 2.51 3.73
N ALA F 97 -40.01 3.17 4.74
CA ALA F 97 -38.56 3.25 4.93
C ALA F 97 -38.02 2.26 5.97
N ALA F 98 -38.89 1.48 6.61
CA ALA F 98 -38.45 0.53 7.61
C ALA F 98 -38.15 -0.82 6.97
N GLU F 99 -37.62 -1.74 7.78
CA GLU F 99 -37.38 -3.12 7.33
C GLU F 99 -38.66 -3.72 6.76
N THR F 100 -38.55 -4.27 5.55
CA THR F 100 -39.71 -4.76 4.82
C THR F 100 -39.45 -6.14 4.25
N TRP F 101 -40.41 -7.05 4.42
CA TRP F 101 -40.37 -8.37 3.83
C TRP F 101 -41.48 -8.48 2.79
N VAL F 102 -41.21 -9.21 1.70
CA VAL F 102 -42.15 -9.31 0.59
C VAL F 102 -42.33 -10.78 0.25
N ASP F 103 -43.57 -11.26 0.33
CA ASP F 103 -43.91 -12.64 -0.02
C ASP F 103 -44.62 -12.67 -1.36
N ILE F 104 -44.28 -13.69 -2.17
CA ILE F 104 -44.82 -13.84 -3.51
C ILE F 104 -45.34 -15.26 -3.65
N SER F 105 -46.61 -15.40 -4.01
CA SER F 105 -47.24 -16.72 -4.14
C SER F 105 -48.00 -16.81 -5.45
N SER F 106 -48.00 -18.00 -6.04
CA SER F 106 -48.64 -18.26 -7.31
C SER F 106 -50.01 -18.89 -7.11
N ASN F 107 -50.79 -18.94 -8.20
CA ASN F 107 -52.11 -19.54 -8.16
C ASN F 107 -52.40 -20.32 -9.44
N THR G 1 -57.50 -17.39 -15.32
CA THR G 1 -57.21 -18.10 -14.06
C THR G 1 -55.86 -17.85 -13.35
N PRO G 2 -54.72 -17.84 -14.07
CA PRO G 2 -53.44 -17.58 -13.38
C PRO G 2 -53.46 -16.24 -12.64
N GLN G 3 -52.93 -16.26 -11.42
CA GLN G 3 -52.93 -15.09 -10.54
C GLN G 3 -51.67 -15.12 -9.68
N THR G 4 -51.19 -13.94 -9.31
CA THR G 4 -50.02 -13.80 -8.44
C THR G 4 -50.42 -12.91 -7.26
N ASP G 5 -50.06 -13.34 -6.06
CA ASP G 5 -50.35 -12.60 -4.83
C ASP G 5 -49.07 -12.01 -4.26
N ILE G 6 -49.15 -10.76 -3.82
CA ILE G 6 -48.02 -10.03 -3.26
C ILE G 6 -48.41 -9.51 -1.87
N ARG G 7 -47.49 -9.64 -0.92
CA ARG G 7 -47.73 -9.19 0.44
C ARG G 7 -46.52 -8.43 0.98
N TRP G 8 -46.75 -7.21 1.45
CA TRP G 8 -45.71 -6.37 2.02
C TRP G 8 -45.86 -6.34 3.54
N MET G 9 -44.74 -6.48 4.25
CA MET G 9 -44.72 -6.45 5.71
C MET G 9 -43.57 -5.56 6.17
N SER G 10 -43.90 -4.48 6.87
CA SER G 10 -42.94 -3.48 7.30
C SER G 10 -42.99 -3.30 8.81
N GLU G 11 -41.85 -2.92 9.40
CA GLU G 11 -41.70 -2.90 10.85
C GLU G 11 -42.42 -1.72 11.49
N SER G 12 -42.44 -0.56 10.84
CA SER G 12 -43.09 0.62 11.41
C SER G 12 -43.58 1.50 10.27
N GLY G 13 -43.96 2.73 10.60
CA GLY G 13 -44.53 3.63 9.61
C GLY G 13 -46.00 3.33 9.37
N ILE G 14 -46.54 4.03 8.38
CA ILE G 14 -47.93 3.84 7.98
C ILE G 14 -47.97 2.92 6.76
N ILE G 15 -49.18 2.51 6.39
CA ILE G 15 -49.39 1.89 5.09
C ILE G 15 -49.53 3.01 4.05
N ASP G 16 -48.66 2.99 3.04
CA ASP G 16 -48.66 4.02 2.01
C ASP G 16 -48.18 3.35 0.74
N VAL G 17 -49.10 3.14 -0.21
CA VAL G 17 -48.82 2.36 -1.40
C VAL G 17 -49.43 3.06 -2.60
N PHE G 18 -48.67 3.08 -3.70
CA PHE G 18 -49.13 3.62 -4.97
C PHE G 18 -49.39 2.46 -5.92
N LEU G 19 -50.56 2.47 -6.55
CA LEU G 19 -50.90 1.50 -7.57
C LEU G 19 -50.76 2.19 -8.93
N MET G 20 -49.88 1.66 -9.77
CA MET G 20 -49.56 2.26 -11.06
C MET G 20 -50.10 1.33 -12.13
N LEU G 21 -51.15 1.79 -12.82
CA LEU G 21 -52.04 0.90 -13.56
C LEU G 21 -51.66 0.73 -15.03
N GLY G 22 -50.53 1.29 -15.47
CA GLY G 22 -50.12 1.15 -16.83
C GLY G 22 -50.99 1.96 -17.78
N PRO G 23 -51.50 1.32 -18.85
CA PRO G 23 -51.48 -0.13 -19.11
C PRO G 23 -50.19 -0.68 -19.69
N SER G 24 -49.35 0.17 -20.29
CA SER G 24 -48.09 -0.30 -20.83
C SER G 24 -46.97 -0.08 -19.83
N VAL G 25 -45.88 -0.83 -20.00
CA VAL G 25 -44.77 -0.74 -19.06
C VAL G 25 -44.12 0.64 -19.11
N PHE G 26 -44.18 1.30 -20.27
CA PHE G 26 -43.68 2.67 -20.36
C PHE G 26 -44.60 3.65 -19.63
N ASP G 27 -45.90 3.33 -19.56
CA ASP G 27 -46.80 4.12 -18.72
C ASP G 27 -46.41 3.99 -17.26
N VAL G 28 -46.02 2.79 -16.83
CA VAL G 28 -45.60 2.59 -15.45
C VAL G 28 -44.31 3.37 -15.16
N PHE G 29 -43.37 3.35 -16.10
CA PHE G 29 -42.17 4.17 -15.98
C PHE G 29 -42.54 5.64 -15.78
N ARG G 30 -43.44 6.16 -16.61
CA ARG G 30 -43.86 7.56 -16.48
C ARG G 30 -44.56 7.79 -15.15
N GLN G 31 -45.39 6.84 -14.72
CA GLN G 31 -46.14 7.02 -13.48
C GLN G 31 -45.19 7.07 -12.29
N TYR G 32 -44.24 6.15 -12.22
CA TYR G 32 -43.29 6.15 -11.12
C TYR G 32 -42.38 7.38 -11.16
N ALA G 33 -41.91 7.76 -12.35
CA ALA G 33 -41.02 8.92 -12.47
C ALA G 33 -41.71 10.20 -12.02
N SER G 34 -43.01 10.34 -12.31
CA SER G 34 -43.75 11.50 -11.82
C SER G 34 -43.79 11.55 -10.31
N LEU G 35 -43.64 10.41 -9.64
CA LEU G 35 -43.65 10.33 -8.19
C LEU G 35 -42.26 10.56 -7.59
N THR G 36 -41.24 9.85 -8.07
CA THR G 36 -39.92 9.86 -7.45
C THR G 36 -38.83 10.49 -8.31
N GLY G 37 -39.15 10.99 -9.49
CA GLY G 37 -38.18 11.67 -10.32
C GLY G 37 -37.48 10.76 -11.30
N THR G 38 -36.51 11.33 -12.01
CA THR G 38 -35.82 10.65 -13.09
C THR G 38 -34.31 10.61 -12.82
N GLN G 39 -33.63 9.78 -13.60
CA GLN G 39 -32.18 9.66 -13.53
C GLN G 39 -31.51 11.01 -13.79
N ALA G 40 -30.65 11.42 -12.86
CA ALA G 40 -29.83 12.61 -13.07
C ALA G 40 -28.94 12.43 -14.29
N LEU G 41 -28.84 13.46 -15.10
CA LEU G 41 -28.00 13.42 -16.29
C LEU G 41 -26.53 13.33 -15.91
N PRO G 42 -25.85 12.22 -16.19
CA PRO G 42 -24.44 12.10 -15.83
C PRO G 42 -23.59 13.02 -16.67
N PRO G 43 -22.55 13.63 -16.08
CA PRO G 43 -21.51 14.26 -16.90
C PRO G 43 -20.86 13.23 -17.81
N LEU G 44 -20.53 13.65 -19.03
CA LEU G 44 -20.08 12.72 -20.06
C LEU G 44 -18.95 11.82 -19.59
N PHE G 45 -17.98 12.38 -18.86
CA PHE G 45 -16.82 11.59 -18.46
C PHE G 45 -17.21 10.38 -17.62
N SER G 46 -18.28 10.50 -16.83
CA SER G 46 -18.68 9.40 -15.96
C SER G 46 -19.29 8.24 -16.72
N LEU G 47 -19.55 8.39 -18.02
CA LEU G 47 -19.97 7.29 -18.87
C LEU G 47 -18.81 6.62 -19.58
N GLY G 48 -17.59 7.11 -19.38
CA GLY G 48 -16.41 6.43 -19.86
C GLY G 48 -16.01 5.29 -18.96
N TYR G 49 -14.74 4.92 -19.05
CA TYR G 49 -14.19 3.80 -18.29
C TYR G 49 -13.50 4.32 -17.04
N HIS G 50 -13.77 3.67 -15.90
CA HIS G 50 -13.19 4.02 -14.62
C HIS G 50 -12.20 2.95 -14.20
N GLN G 51 -10.98 3.35 -13.85
CA GLN G 51 -9.97 2.42 -13.37
C GLN G 51 -9.80 2.62 -11.86
N SER G 52 -10.04 1.56 -11.09
CA SER G 52 -10.07 1.65 -9.65
C SER G 52 -9.44 0.39 -9.04
N ARG G 53 -9.01 0.53 -7.80
CA ARG G 53 -8.67 -0.60 -6.95
C ARG G 53 -8.44 -0.09 -5.54
N TRP G 54 -8.46 -1.02 -4.59
CA TRP G 54 -8.01 -0.81 -3.22
C TRP G 54 -6.62 -1.43 -3.13
N ASN G 55 -5.56 -0.61 -3.13
CA ASN G 55 -5.58 0.83 -3.27
C ASN G 55 -4.42 1.23 -4.21
N TYR G 56 -4.48 2.38 -4.86
CA TYR G 56 -3.29 2.93 -5.49
C TYR G 56 -2.46 3.64 -4.42
N ARG G 57 -1.16 3.34 -4.38
CA ARG G 57 -0.39 3.57 -3.16
C ARG G 57 -0.10 5.04 -2.92
N ASP G 58 0.23 5.79 -3.97
CA ASP G 58 0.60 7.19 -3.79
C ASP G 58 0.39 7.94 -5.10
N GLU G 59 0.76 9.23 -5.08
CA GLU G 59 0.64 10.07 -6.26
C GLU G 59 1.46 9.51 -7.43
N ALA G 60 2.66 9.01 -7.16
CA ALA G 60 3.48 8.42 -8.21
C ALA G 60 2.79 7.23 -8.84
N ASP G 61 2.13 6.41 -8.03
CA ASP G 61 1.40 5.26 -8.57
C ASP G 61 0.24 5.71 -9.45
N VAL G 62 -0.50 6.73 -9.02
CA VAL G 62 -1.61 7.26 -9.82
C VAL G 62 -1.11 7.77 -11.15
N LEU G 63 -0.02 8.54 -11.14
CA LEU G 63 0.53 9.06 -12.38
C LEU G 63 1.08 7.94 -13.27
N GLU G 64 1.64 6.88 -12.67
CA GLU G 64 2.10 5.75 -13.47
C GLU G 64 0.94 5.04 -14.16
N VAL G 65 -0.16 4.84 -13.44
CA VAL G 65 -1.35 4.24 -14.05
C VAL G 65 -1.86 5.11 -15.19
N ASP G 66 -1.92 6.42 -14.97
CA ASP G 66 -2.34 7.34 -16.03
C ASP G 66 -1.46 7.19 -17.27
N GLN G 67 -0.14 7.15 -17.06
CA GLN G 67 0.78 7.00 -18.20
C GLN G 67 0.64 5.63 -18.85
N GLY G 68 0.34 4.60 -18.07
CA GLY G 68 0.20 3.27 -18.62
C GLY G 68 -0.92 3.18 -19.66
N PHE G 69 -2.04 3.85 -19.39
CA PHE G 69 -3.13 3.85 -20.36
C PHE G 69 -2.71 4.47 -21.68
N ASP G 70 -1.95 5.57 -21.63
CA ASP G 70 -1.51 6.22 -22.85
C ASP G 70 -0.42 5.40 -23.55
N ASP G 71 0.50 4.83 -22.78
CA ASP G 71 1.59 4.05 -23.37
C ASP G 71 1.09 2.77 -24.03
N HIS G 72 -0.04 2.24 -23.58
CA HIS G 72 -0.59 1.02 -24.13
C HIS G 72 -1.85 1.26 -24.96
N ASN G 73 -2.15 2.52 -25.26
CA ASN G 73 -3.19 2.86 -26.23
C ASN G 73 -4.58 2.38 -25.77
N MET G 74 -4.92 2.68 -24.52
CA MET G 74 -6.22 2.32 -23.96
C MET G 74 -6.87 3.56 -23.37
N PRO G 75 -8.14 3.83 -23.69
CA PRO G 75 -8.80 5.02 -23.15
C PRO G 75 -9.24 4.82 -21.70
N CYS G 76 -9.26 5.92 -20.96
CA CYS G 76 -9.69 5.91 -19.56
C CYS G 76 -9.99 7.35 -19.14
N ASP G 77 -11.10 7.53 -18.43
CA ASP G 77 -11.51 8.86 -18.00
C ASP G 77 -11.20 9.16 -16.55
N VAL G 78 -11.31 8.18 -15.65
CA VAL G 78 -11.19 8.43 -14.21
C VAL G 78 -10.31 7.37 -13.57
N ILE G 79 -9.46 7.82 -12.64
CA ILE G 79 -8.69 6.95 -11.76
C ILE G 79 -9.20 7.20 -10.34
N TRP G 80 -9.43 6.12 -9.60
CA TRP G 80 -10.11 6.19 -8.31
C TRP G 80 -9.14 5.97 -7.17
N LEU G 81 -9.39 6.66 -6.05
CA LEU G 81 -8.58 6.56 -4.84
C LEU G 81 -9.45 5.98 -3.72
N ASP G 82 -9.12 4.77 -3.27
CA ASP G 82 -9.86 4.13 -2.20
C ASP G 82 -9.35 4.62 -0.85
N ILE G 83 -9.75 3.97 0.24
CA ILE G 83 -9.62 4.54 1.58
C ILE G 83 -8.18 4.76 2.03
N GLU G 84 -7.21 4.08 1.42
CA GLU G 84 -5.84 4.27 1.88
C GLU G 84 -5.25 5.62 1.47
N HIS G 85 -5.95 6.41 0.67
CA HIS G 85 -5.42 7.72 0.27
C HIS G 85 -5.53 8.75 1.38
N ALA G 86 -6.43 8.55 2.34
CA ALA G 86 -6.62 9.50 3.43
C ALA G 86 -5.68 9.20 4.59
N ASP G 87 -5.67 10.10 5.57
CA ASP G 87 -4.86 9.95 6.77
C ASP G 87 -5.57 9.03 7.74
N GLY G 88 -5.22 7.74 7.68
CA GLY G 88 -5.79 6.76 8.58
C GLY G 88 -7.30 6.68 8.55
N LYS G 89 -7.90 6.73 7.35
CA LYS G 89 -9.34 6.64 7.16
C LYS G 89 -10.08 7.78 7.85
N ARG G 90 -9.42 8.93 7.98
CA ARG G 90 -10.08 10.19 8.30
C ARG G 90 -10.46 10.85 6.99
N TYR G 91 -11.74 10.79 6.65
CA TYR G 91 -12.17 11.25 5.33
C TYR G 91 -12.09 12.77 5.25
N PHE G 92 -11.97 13.25 4.01
CA PHE G 92 -11.66 14.64 3.64
C PHE G 92 -10.20 15.00 3.92
N THR G 93 -9.34 14.03 4.22
CA THR G 93 -7.93 14.29 4.46
C THR G 93 -7.09 13.51 3.46
N TRP G 94 -5.78 13.76 3.50
CA TRP G 94 -4.81 13.14 2.60
C TRP G 94 -3.63 12.63 3.43
N ASP G 95 -3.14 11.45 3.10
CA ASP G 95 -1.99 10.92 3.81
C ASP G 95 -0.81 11.86 3.63
N PRO G 96 -0.20 12.37 4.70
CA PRO G 96 0.84 13.38 4.54
C PRO G 96 2.11 12.89 3.86
N THR G 97 2.32 11.58 3.78
CA THR G 97 3.51 11.02 3.12
C THR G 97 3.24 10.60 1.69
N ARG G 98 2.16 9.86 1.46
CA ARG G 98 1.91 9.27 0.14
C ARG G 98 1.08 10.17 -0.77
N PHE G 99 0.34 11.14 -0.22
CA PHE G 99 -0.40 12.12 -1.01
C PHE G 99 -0.16 13.51 -0.45
N PRO G 100 1.09 13.99 -0.47
CA PRO G 100 1.39 15.29 0.13
C PRO G 100 0.97 16.48 -0.70
N GLN G 101 0.74 16.31 -2.01
CA GLN G 101 0.41 17.41 -2.91
C GLN G 101 -0.75 17.01 -3.80
N PRO G 102 -1.95 16.84 -3.22
CA PRO G 102 -3.10 16.43 -4.05
C PRO G 102 -3.39 17.39 -5.19
N LEU G 103 -3.23 18.70 -4.98
CA LEU G 103 -3.49 19.66 -6.05
C LEU G 103 -2.57 19.43 -7.24
N ASN G 104 -1.30 19.12 -6.99
CA ASN G 104 -0.37 18.86 -8.08
C ASN G 104 -0.76 17.60 -8.85
N MET G 105 -1.17 16.56 -8.14
CA MET G 105 -1.62 15.34 -8.79
C MET G 105 -2.86 15.58 -9.66
N LEU G 106 -3.82 16.33 -9.12
CA LEU G 106 -5.04 16.62 -9.88
C LEU G 106 -4.74 17.49 -11.10
N GLU G 107 -3.82 18.45 -10.96
CA GLU G 107 -3.46 19.29 -12.11
C GLU G 107 -2.83 18.45 -13.21
N HIS G 108 -2.00 17.47 -12.85
CA HIS G 108 -1.42 16.60 -13.87
CA HIS G 108 -1.41 16.59 -13.85
C HIS G 108 -2.49 15.79 -14.58
N LEU G 109 -3.47 15.27 -13.84
CA LEU G 109 -4.55 14.54 -14.47
C LEU G 109 -5.38 15.46 -15.37
N ALA G 110 -5.57 16.72 -14.94
CA ALA G 110 -6.28 17.68 -15.78
C ALA G 110 -5.53 17.95 -17.08
N SER G 111 -4.19 17.97 -17.02
CA SER G 111 -3.40 18.17 -18.23
C SER G 111 -3.52 16.99 -19.19
N LYS G 112 -3.93 15.82 -18.69
CA LYS G 112 -4.30 14.69 -19.51
C LYS G 112 -5.80 14.64 -19.76
N ARG G 113 -6.55 15.64 -19.28
CA ARG G 113 -8.00 15.73 -19.49
C ARG G 113 -8.71 14.52 -18.87
N ARG G 114 -8.26 14.12 -17.69
CA ARG G 114 -8.84 13.03 -16.94
C ARG G 114 -9.25 13.52 -15.55
N LYS G 115 -10.10 12.74 -14.90
CA LYS G 115 -10.64 13.07 -13.59
C LYS G 115 -10.14 12.08 -12.54
N LEU G 116 -10.46 12.38 -11.29
CA LEU G 116 -10.17 11.50 -10.18
C LEU G 116 -11.39 11.41 -9.28
N VAL G 117 -11.60 10.24 -8.69
CA VAL G 117 -12.66 10.04 -7.69
C VAL G 117 -12.00 9.62 -6.39
N ALA G 118 -12.37 10.28 -5.30
CA ALA G 118 -11.89 9.95 -3.96
C ALA G 118 -13.05 9.47 -3.11
N ILE G 119 -12.80 8.46 -2.29
CA ILE G 119 -13.85 7.88 -1.48
C ILE G 119 -14.06 8.73 -0.23
N VAL G 120 -15.33 8.95 0.13
CA VAL G 120 -15.72 9.62 1.36
C VAL G 120 -16.85 8.80 1.97
N ASP G 121 -16.58 8.14 3.09
CA ASP G 121 -17.56 7.28 3.73
C ASP G 121 -18.25 8.03 4.86
N PRO G 122 -19.45 7.61 5.25
CA PRO G 122 -20.20 8.39 6.25
C PRO G 122 -19.65 8.28 7.67
N HIS G 123 -18.89 7.24 8.00
CA HIS G 123 -18.43 7.08 9.38
C HIS G 123 -17.21 7.97 9.64
N ILE G 124 -17.20 8.61 10.81
CA ILE G 124 -16.20 9.61 11.17
C ILE G 124 -15.41 9.10 12.36
N LYS G 125 -14.08 9.03 12.22
CA LYS G 125 -13.23 8.52 13.29
C LYS G 125 -13.37 9.35 14.56
N VAL G 126 -13.55 8.68 15.69
CA VAL G 126 -13.62 9.34 16.98
C VAL G 126 -12.20 9.75 17.37
N ASP G 127 -11.90 11.04 17.25
CA ASP G 127 -10.53 11.51 17.38
C ASP G 127 -10.58 13.02 17.59
N SER G 128 -10.15 13.47 18.77
CA SER G 128 -10.20 14.89 19.13
C SER G 128 -9.25 15.75 18.30
N GLY G 129 -8.31 15.15 17.58
CA GLY G 129 -7.47 15.90 16.67
C GLY G 129 -8.02 15.99 15.26
N TYR G 130 -9.14 15.33 15.00
CA TYR G 130 -9.78 15.28 13.69
C TYR G 130 -10.86 16.35 13.65
N ARG G 131 -10.62 17.40 12.85
CA ARG G 131 -11.49 18.57 12.87
C ARG G 131 -12.93 18.21 12.51
N VAL G 132 -13.12 17.27 11.58
CA VAL G 132 -14.47 16.87 11.20
C VAL G 132 -15.22 16.30 12.41
N HIS G 133 -14.55 15.42 13.16
CA HIS G 133 -15.19 14.82 14.34
C HIS G 133 -15.53 15.89 15.38
N GLU G 134 -14.61 16.83 15.61
CA GLU G 134 -14.84 17.84 16.63
C GLU G 134 -16.03 18.72 16.28
N GLU G 135 -16.13 19.12 15.01
CA GLU G 135 -17.25 19.97 14.59
C GLU G 135 -18.58 19.25 14.74
N LEU G 136 -18.66 18.01 14.25
CA LEU G 136 -19.91 17.27 14.32
C LEU G 136 -20.30 16.99 15.77
N ARG G 137 -19.31 16.74 16.63
CA ARG G 137 -19.59 16.50 18.04
C ARG G 137 -20.05 17.78 18.73
N ASN G 138 -19.38 18.90 18.45
CA ASN G 138 -19.73 20.16 19.09
C ASN G 138 -21.08 20.71 18.64
N HIS G 139 -21.53 20.34 17.44
CA HIS G 139 -22.80 20.83 16.91
C HIS G 139 -23.92 19.81 17.04
N GLY G 140 -23.67 18.67 17.67
CA GLY G 140 -24.71 17.69 17.92
C GLY G 140 -25.30 17.07 16.67
N LEU G 141 -24.46 16.79 15.67
CA LEU G 141 -24.94 16.31 14.38
C LEU G 141 -24.76 14.81 14.20
N TYR G 142 -24.46 14.09 15.27
CA TYR G 142 -24.27 12.64 15.23
C TYR G 142 -25.55 11.91 15.57
N VAL G 143 -25.65 10.68 15.05
CA VAL G 143 -26.68 9.75 15.51
C VAL G 143 -26.51 9.48 17.00
N LYS G 144 -27.62 9.38 17.73
CA LYS G 144 -27.61 9.33 19.17
C LYS G 144 -28.09 7.99 19.70
N THR G 145 -27.73 7.72 20.95
CA THR G 145 -28.26 6.60 21.71
C THR G 145 -29.31 7.10 22.69
N ARG G 146 -30.01 6.14 23.31
CA ARG G 146 -31.09 6.51 24.22
C ARG G 146 -30.62 7.28 25.44
N ASP G 147 -29.34 7.15 25.83
CA ASP G 147 -28.82 7.88 26.97
C ASP G 147 -28.34 9.29 26.62
N GLY G 148 -28.47 9.72 25.37
CA GLY G 148 -28.07 11.05 24.98
C GLY G 148 -26.64 11.18 24.49
N SER G 149 -25.88 10.09 24.47
CA SER G 149 -24.53 10.11 23.96
C SER G 149 -24.51 9.89 22.45
N ASP G 150 -23.42 10.31 21.83
CA ASP G 150 -23.25 10.06 20.41
C ASP G 150 -22.98 8.57 20.19
N TYR G 151 -23.66 7.99 19.21
CA TYR G 151 -23.45 6.57 18.92
C TYR G 151 -22.03 6.35 18.46
N GLU G 152 -21.42 5.26 18.94
CA GLU G 152 -20.06 4.88 18.56
C GLU G 152 -20.05 3.43 18.14
N GLY G 153 -19.59 3.17 16.93
CA GLY G 153 -19.42 1.82 16.45
C GLY G 153 -18.00 1.60 15.96
N TRP G 154 -17.79 0.58 15.15
CA TRP G 154 -16.47 0.22 14.65
C TRP G 154 -16.53 0.08 13.15
N CYS G 155 -15.58 0.71 12.46
CA CYS G 155 -15.48 0.56 11.01
C CYS G 155 -14.02 0.67 10.59
N TRP G 156 -13.77 1.16 9.37
CA TRP G 156 -12.39 1.23 8.87
C TRP G 156 -11.43 1.98 9.79
N PRO G 157 -11.78 3.15 10.38
CA PRO G 157 -10.80 3.85 11.22
C PRO G 157 -10.82 3.41 12.68
N GLY G 158 -11.45 2.28 12.96
CA GLY G 158 -11.64 1.85 14.34
C GLY G 158 -12.93 2.41 14.91
N SER G 159 -12.85 2.98 16.11
CA SER G 159 -14.02 3.59 16.73
CA SER G 159 -14.03 3.58 16.72
C SER G 159 -14.47 4.79 15.90
N ALA G 160 -15.74 4.81 15.53
CA ALA G 160 -16.27 5.88 14.69
C ALA G 160 -17.70 6.20 15.08
N SER G 161 -18.09 7.44 14.80
CA SER G 161 -19.45 7.91 15.01
C SER G 161 -20.10 8.18 13.65
N TYR G 162 -21.42 8.27 13.66
CA TYR G 162 -22.20 8.31 12.42
C TYR G 162 -23.02 9.59 12.34
N PRO G 163 -22.71 10.48 11.40
CA PRO G 163 -23.52 11.68 11.23
C PRO G 163 -24.97 11.33 10.94
N ASP G 164 -25.87 12.16 11.45
CA ASP G 164 -27.30 11.92 11.27
C ASP G 164 -27.72 12.59 9.97
N PHE G 165 -27.56 11.86 8.87
CA PHE G 165 -27.87 12.41 7.57
C PHE G 165 -29.36 12.65 7.34
N THR G 166 -30.22 12.12 8.21
CA THR G 166 -31.64 12.49 8.16
C THR G 166 -31.89 13.89 8.69
N ASN G 167 -30.89 14.54 9.29
CA ASN G 167 -31.04 15.89 9.80
C ASN G 167 -30.71 16.88 8.69
N PRO G 168 -31.64 17.75 8.30
CA PRO G 168 -31.33 18.73 7.25
C PRO G 168 -30.14 19.63 7.57
N ARG G 169 -29.93 19.98 8.85
CA ARG G 169 -28.74 20.75 9.21
C ARG G 169 -27.47 19.94 8.99
N MET G 170 -27.55 18.62 9.14
CA MET G 170 -26.38 17.79 8.88
C MET G 170 -26.08 17.71 7.40
N ARG G 171 -27.10 17.52 6.56
CA ARG G 171 -26.88 17.48 5.11
C ARG G 171 -26.31 18.79 4.61
N ALA G 172 -26.76 19.92 5.17
CA ALA G 172 -26.20 21.21 4.79
C ALA G 172 -24.74 21.33 5.19
N TRP G 173 -24.39 20.87 6.39
CA TRP G 173 -22.99 20.87 6.81
C TRP G 173 -22.15 20.00 5.86
N TRP G 174 -22.62 18.79 5.57
CA TRP G 174 -21.90 17.88 4.69
C TRP G 174 -21.70 18.50 3.31
N SER G 175 -22.75 19.10 2.76
CA SER G 175 -22.65 19.72 1.45
CA SER G 175 -22.66 19.73 1.45
C SER G 175 -21.61 20.84 1.45
N ASN G 176 -21.61 21.67 2.50
CA ASN G 176 -20.65 22.76 2.56
C ASN G 176 -19.23 22.28 2.81
N MET G 177 -19.05 21.07 3.35
CA MET G 177 -17.71 20.53 3.56
C MET G 177 -16.97 20.27 2.25
N PHE G 178 -17.69 20.15 1.13
CA PHE G 178 -17.07 19.87 -0.15
C PHE G 178 -16.62 21.13 -0.90
N SER G 179 -16.81 22.31 -0.31
CA SER G 179 -16.27 23.51 -0.92
C SER G 179 -14.75 23.42 -0.98
N PHE G 180 -14.17 24.11 -1.98
CA PHE G 180 -12.73 24.02 -2.19
C PHE G 180 -11.95 24.62 -1.03
N ASP G 181 -12.57 25.48 -0.23
CA ASP G 181 -11.91 26.00 0.96
C ASP G 181 -11.92 25.00 2.11
N ASN G 182 -12.98 24.20 2.23
CA ASN G 182 -13.10 23.25 3.33
C ASN G 182 -12.43 21.92 3.01
N TYR G 183 -12.67 21.38 1.82
CA TYR G 183 -12.05 20.14 1.38
C TYR G 183 -10.71 20.49 0.74
N GLU G 184 -9.73 20.75 1.60
CA GLU G 184 -8.42 21.18 1.12
C GLU G 184 -7.76 20.09 0.29
N GLY G 185 -7.14 20.49 -0.82
CA GLY G 185 -6.55 19.59 -1.76
C GLY G 185 -7.46 19.15 -2.90
N SER G 186 -8.75 19.45 -2.83
CA SER G 186 -9.69 19.09 -3.89
C SER G 186 -9.72 20.14 -4.99
N ALA G 187 -10.20 19.73 -6.15
CA ALA G 187 -10.21 20.56 -7.36
C ALA G 187 -11.43 20.18 -8.18
N PRO G 188 -11.76 20.98 -9.21
CA PRO G 188 -12.98 20.68 -10.00
C PRO G 188 -12.98 19.33 -10.67
N ASN G 189 -11.83 18.71 -10.92
CA ASN G 189 -11.80 17.39 -11.55
C ASN G 189 -11.71 16.26 -10.54
N LEU G 190 -12.08 16.51 -9.29
CA LEU G 190 -12.16 15.49 -8.26
CA LEU G 190 -12.16 15.49 -8.26
C LEU G 190 -13.62 15.22 -7.93
N TYR G 191 -14.03 13.97 -8.01
CA TYR G 191 -15.40 13.56 -7.72
C TYR G 191 -15.37 12.53 -6.57
N VAL G 192 -16.55 12.04 -6.19
CA VAL G 192 -16.70 11.40 -4.89
C VAL G 192 -17.39 10.04 -5.02
N TRP G 193 -17.01 9.13 -4.13
CA TRP G 193 -17.58 7.80 -4.02
C TRP G 193 -18.04 7.61 -2.59
N ASN G 194 -19.34 7.33 -2.40
CA ASN G 194 -19.91 7.04 -1.08
C ASN G 194 -20.05 5.54 -0.91
N ASP G 195 -19.28 4.98 0.01
CA ASP G 195 -19.32 3.56 0.33
C ASP G 195 -19.80 3.39 1.76
N MET G 196 -20.19 2.16 2.12
CA MET G 196 -20.51 1.77 3.49
C MET G 196 -21.68 2.55 4.08
N ASN G 197 -22.57 3.10 3.25
CA ASN G 197 -23.60 4.01 3.73
C ASN G 197 -24.93 3.31 3.98
N GLU G 198 -24.90 2.04 4.36
CA GLU G 198 -26.13 1.34 4.70
C GLU G 198 -26.80 1.86 5.97
N PRO G 199 -26.06 2.24 7.04
CA PRO G 199 -24.61 2.32 7.29
C PRO G 199 -24.00 1.00 7.75
N SER G 200 -22.75 0.78 7.39
CA SER G 200 -22.02 -0.41 7.82
C SER G 200 -21.39 -0.17 9.18
N VAL G 201 -21.65 -1.07 10.12
CA VAL G 201 -21.12 -1.01 11.48
C VAL G 201 -20.59 -2.40 11.81
N PHE G 202 -19.26 -2.54 11.91
CA PHE G 202 -18.66 -3.87 11.95
C PHE G 202 -19.09 -4.66 13.19
N ASN G 203 -19.30 -3.99 14.33
CA ASN G 203 -19.71 -4.66 15.55
C ASN G 203 -21.18 -4.46 15.87
N GLY G 204 -21.97 -4.03 14.89
CA GLY G 204 -23.39 -3.83 15.09
C GLY G 204 -24.21 -5.03 14.69
N PRO G 205 -25.48 -5.05 15.07
CA PRO G 205 -26.35 -6.17 14.68
C PRO G 205 -26.52 -6.23 13.18
N GLU G 206 -26.24 -7.41 12.61
CA GLU G 206 -26.26 -7.61 11.16
C GLU G 206 -25.33 -6.64 10.45
N VAL G 207 -24.24 -6.26 11.12
CA VAL G 207 -23.21 -5.38 10.59
C VAL G 207 -23.79 -4.01 10.23
N THR G 208 -24.79 -3.57 11.01
CA THR G 208 -25.37 -2.24 10.79
C THR G 208 -25.76 -1.66 12.14
N MET G 209 -26.41 -0.49 12.10
CA MET G 209 -26.68 0.29 13.29
C MET G 209 -27.82 -0.32 14.12
N LEU G 210 -27.76 -0.10 15.43
CA LEU G 210 -28.79 -0.61 16.34
C LEU G 210 -30.16 -0.02 16.01
N LYS G 211 -31.19 -0.86 16.15
CA LYS G 211 -32.55 -0.44 15.82
C LYS G 211 -33.02 0.73 16.68
N ASP G 212 -32.55 0.81 17.93
CA ASP G 212 -33.06 1.80 18.88
C ASP G 212 -32.12 3.00 19.03
N ALA G 213 -31.23 3.23 18.08
CA ALA G 213 -30.57 4.52 18.00
C ALA G 213 -31.59 5.60 17.59
N VAL G 214 -31.25 6.85 17.87
CA VAL G 214 -32.20 7.95 17.77
C VAL G 214 -31.68 8.99 16.78
N HIS G 215 -32.57 9.46 15.91
CA HIS G 215 -32.26 10.39 14.85
C HIS G 215 -33.02 11.70 15.02
N TYR G 216 -32.81 12.60 14.08
CA TYR G 216 -33.52 13.88 13.99
C TYR G 216 -35.02 13.69 14.16
N GLY G 217 -35.61 14.50 15.03
CA GLY G 217 -37.03 14.41 15.31
C GLY G 217 -37.43 13.32 16.30
N GLY G 218 -36.46 12.64 16.91
CA GLY G 218 -36.75 11.60 17.86
C GLY G 218 -37.07 10.26 17.23
N TRP G 219 -37.04 10.15 15.91
CA TRP G 219 -37.34 8.89 15.24
C TRP G 219 -36.24 7.87 15.51
N GLU G 220 -36.64 6.61 15.63
CA GLU G 220 -35.69 5.53 15.81
C GLU G 220 -35.04 5.17 14.48
N HIS G 221 -33.88 4.52 14.58
CA HIS G 221 -33.20 4.07 13.37
C HIS G 221 -34.03 3.04 12.61
N ARG G 222 -34.86 2.27 13.32
CA ARG G 222 -35.73 1.31 12.66
C ARG G 222 -36.75 1.98 11.76
N ASP G 223 -37.07 3.25 12.03
CA ASP G 223 -38.05 3.97 11.21
C ASP G 223 -37.46 4.45 9.90
N ILE G 224 -36.16 4.76 9.87
CA ILE G 224 -35.55 5.51 8.78
C ILE G 224 -34.50 4.73 8.02
N HIS G 225 -34.21 3.48 8.42
CA HIS G 225 -32.98 2.81 8.01
C HIS G 225 -32.73 2.87 6.51
N ASN G 226 -33.74 2.55 5.71
CA ASN G 226 -33.50 2.32 4.29
C ASN G 226 -33.30 3.61 3.50
N ILE G 227 -33.46 4.78 4.10
CA ILE G 227 -33.17 6.04 3.41
C ILE G 227 -31.94 6.74 3.97
N TYR G 228 -31.22 6.13 4.92
CA TYR G 228 -29.98 6.73 5.42
C TYR G 228 -28.96 6.89 4.30
N GLY G 229 -28.76 5.84 3.50
CA GLY G 229 -27.79 5.91 2.42
C GLY G 229 -28.18 6.93 1.36
N LEU G 230 -29.47 6.98 1.00
CA LEU G 230 -29.93 7.97 0.03
C LEU G 230 -29.58 9.38 0.48
N TYR G 231 -29.72 9.65 1.78
CA TYR G 231 -29.40 10.99 2.29
C TYR G 231 -27.90 11.28 2.15
N VAL G 232 -27.05 10.27 2.34
CA VAL G 232 -25.62 10.44 2.12
C VAL G 232 -25.36 10.77 0.64
N HIS G 233 -25.94 9.97 -0.25
CA HIS G 233 -25.82 10.23 -1.69
C HIS G 233 -26.31 11.62 -2.04
N MET G 234 -27.46 12.01 -1.50
CA MET G 234 -28.04 13.33 -1.80
C MET G 234 -27.12 14.45 -1.35
N ALA G 235 -26.68 14.41 -0.09
CA ALA G 235 -25.88 15.50 0.46
C ALA G 235 -24.53 15.61 -0.24
N THR G 236 -23.97 14.48 -0.69
CA THR G 236 -22.70 14.53 -1.41
C THR G 236 -22.86 15.17 -2.78
N ALA G 237 -23.90 14.76 -3.52
CA ALA G 237 -24.15 15.35 -4.82
C ALA G 237 -24.42 16.84 -4.72
N ASP G 238 -25.19 17.25 -3.71
CA ASP G 238 -25.44 18.66 -3.49
CA ASP G 238 -25.44 18.67 -3.49
C ASP G 238 -24.16 19.43 -3.20
N GLY G 239 -23.20 18.80 -2.51
CA GLY G 239 -21.95 19.47 -2.22
C GLY G 239 -21.11 19.69 -3.47
N LEU G 240 -21.10 18.70 -4.37
CA LEU G 240 -20.36 18.87 -5.62
C LEU G 240 -21.01 19.94 -6.51
N ILE G 241 -22.32 20.14 -6.36
CA ILE G 241 -22.98 21.18 -7.14
C ILE G 241 -22.66 22.56 -6.60
N GLN G 242 -22.84 22.76 -5.29
CA GLN G 242 -22.69 24.11 -4.74
C GLN G 242 -21.23 24.56 -4.69
N ARG G 243 -20.28 23.61 -4.60
CA ARG G 243 -18.88 24.01 -4.60
C ARG G 243 -18.51 24.74 -5.89
N SER G 244 -19.25 24.51 -6.97
CA SER G 244 -19.03 25.17 -8.24
C SER G 244 -19.90 26.41 -8.42
N GLY G 245 -20.70 26.76 -7.42
CA GLY G 245 -21.68 27.82 -7.59
C GLY G 245 -22.93 27.39 -8.32
N GLY G 246 -23.23 26.10 -8.34
CA GLY G 246 -24.44 25.61 -8.99
C GLY G 246 -24.33 25.38 -10.48
N ILE G 247 -23.13 25.27 -11.01
CA ILE G 247 -22.93 25.18 -12.45
C ILE G 247 -22.61 23.76 -12.90
N GLU G 248 -21.78 23.03 -12.14
CA GLU G 248 -21.27 21.74 -12.58
C GLU G 248 -22.20 20.62 -12.15
N ARG G 249 -22.39 19.65 -13.04
CA ARG G 249 -23.15 18.47 -12.67
C ARG G 249 -22.31 17.56 -11.79
N PRO G 250 -22.92 16.92 -10.80
CA PRO G 250 -22.14 16.05 -9.91
C PRO G 250 -21.92 14.68 -10.53
N PHE G 251 -20.93 13.98 -9.98
CA PHE G 251 -20.87 12.53 -10.07
C PHE G 251 -20.59 11.95 -8.70
N VAL G 252 -21.52 11.14 -8.20
CA VAL G 252 -21.35 10.44 -6.92
C VAL G 252 -21.84 9.01 -7.12
N LEU G 253 -21.00 8.04 -6.79
CA LEU G 253 -21.38 6.64 -6.73
C LEU G 253 -21.74 6.29 -5.30
N SER G 254 -22.85 5.55 -5.14
CA SER G 254 -23.34 5.15 -3.82
C SER G 254 -23.58 3.66 -3.79
N ARG G 255 -23.38 3.05 -2.62
CA ARG G 255 -23.63 1.63 -2.46
C ARG G 255 -25.05 1.36 -1.96
N ALA G 256 -25.48 2.08 -0.92
CA ALA G 256 -26.85 2.00 -0.44
C ALA G 256 -27.73 2.97 -1.23
N PHE G 257 -29.02 2.65 -1.30
CA PHE G 257 -29.93 3.47 -2.08
C PHE G 257 -31.37 3.13 -1.71
N PHE G 258 -32.29 3.95 -2.21
CA PHE G 258 -33.71 3.79 -1.97
C PHE G 258 -34.44 4.38 -3.17
N SER G 259 -35.78 4.25 -3.17
CA SER G 259 -36.60 4.96 -4.14
C SER G 259 -36.21 6.42 -4.19
N GLY G 260 -35.92 6.92 -5.38
CA GLY G 260 -35.50 8.29 -5.57
C GLY G 260 -34.00 8.49 -5.66
N SER G 261 -33.20 7.44 -5.37
CA SER G 261 -31.75 7.57 -5.45
C SER G 261 -31.27 7.87 -6.87
N GLN G 262 -32.09 7.55 -7.88
CA GLN G 262 -31.72 7.86 -9.26
C GLN G 262 -31.46 9.34 -9.48
N ARG G 263 -31.99 10.20 -8.62
CA ARG G 263 -31.84 11.65 -8.80
C ARG G 263 -30.43 12.14 -8.45
N PHE G 264 -29.59 11.30 -7.86
CA PHE G 264 -28.32 11.77 -7.29
C PHE G 264 -27.08 11.15 -7.91
N GLY G 265 -27.21 10.16 -8.79
CA GLY G 265 -26.06 9.66 -9.50
C GLY G 265 -26.09 8.18 -9.78
N ALA G 266 -25.01 7.48 -9.44
CA ALA G 266 -24.84 6.08 -9.80
C ALA G 266 -24.85 5.19 -8.57
N VAL G 267 -25.10 3.90 -8.81
CA VAL G 267 -24.99 2.85 -7.80
C VAL G 267 -24.31 1.66 -8.46
N TRP G 268 -23.78 0.76 -7.62
CA TRP G 268 -23.20 -0.48 -8.12
C TRP G 268 -23.52 -1.59 -7.14
N THR G 269 -23.31 -2.83 -7.60
CA THR G 269 -23.77 -4.01 -6.86
C THR G 269 -22.82 -4.42 -5.73
N GLY G 270 -21.96 -3.53 -5.27
CA GLY G 270 -21.17 -3.82 -4.08
C GLY G 270 -20.01 -4.77 -4.34
N ASP G 271 -19.69 -5.56 -3.32
CA ASP G 271 -18.48 -6.38 -3.30
C ASP G 271 -18.79 -7.75 -3.90
N ASN G 272 -18.65 -7.86 -5.22
CA ASN G 272 -18.87 -9.12 -5.90
C ASN G 272 -17.57 -9.94 -5.90
N THR G 273 -17.55 -11.06 -6.61
CA THR G 273 -16.44 -12.00 -6.55
C THR G 273 -16.00 -12.37 -7.95
N ALA G 274 -14.69 -12.55 -8.12
CA ALA G 274 -14.12 -12.88 -9.43
C ALA G 274 -14.47 -14.29 -9.87
N GLU G 275 -15.73 -14.54 -10.20
CA GLU G 275 -16.18 -15.84 -10.67
C GLU G 275 -17.16 -15.67 -11.81
N TRP G 276 -17.26 -16.70 -12.65
CA TRP G 276 -18.08 -16.61 -13.86
C TRP G 276 -19.54 -16.38 -13.52
N ASP G 277 -20.05 -17.01 -12.46
CA ASP G 277 -21.45 -16.85 -12.11
C ASP G 277 -21.75 -15.44 -11.61
N HIS G 278 -20.77 -14.79 -10.98
CA HIS G 278 -20.95 -13.39 -10.61
C HIS G 278 -20.97 -12.49 -11.85
N LEU G 279 -20.22 -12.85 -12.89
CA LEU G 279 -20.31 -12.14 -14.16
C LEU G 279 -21.72 -12.25 -14.74
N LYS G 280 -22.27 -13.47 -14.74
CA LYS G 280 -23.61 -13.70 -15.27
C LYS G 280 -24.66 -12.88 -14.54
N ILE G 281 -24.57 -12.83 -13.21
CA ILE G 281 -25.65 -12.23 -12.42
C ILE G 281 -25.65 -10.71 -12.51
N SER G 282 -24.63 -10.10 -13.10
CA SER G 282 -24.61 -8.64 -13.22
C SER G 282 -25.76 -8.15 -14.10
N ILE G 283 -26.19 -8.93 -15.07
CA ILE G 283 -27.27 -8.54 -15.97
C ILE G 283 -28.60 -8.50 -15.21
N PRO G 284 -29.06 -9.59 -14.57
CA PRO G 284 -30.35 -9.49 -13.87
C PRO G 284 -30.35 -8.48 -12.73
N MET G 285 -29.20 -8.25 -12.10
CA MET G 285 -29.16 -7.31 -10.99
C MET G 285 -29.32 -5.87 -11.47
N CYS G 286 -28.59 -5.48 -12.51
CA CYS G 286 -28.76 -4.13 -13.04
C CYS G 286 -30.08 -3.98 -13.79
N LEU G 287 -30.59 -5.06 -14.39
CA LEU G 287 -31.90 -4.99 -15.04
C LEU G 287 -33.00 -4.78 -14.01
N SER G 288 -32.91 -5.47 -12.86
CA SER G 288 -33.89 -5.25 -11.80
C SER G 288 -33.82 -3.84 -11.25
N LEU G 289 -32.63 -3.23 -11.28
CA LEU G 289 -32.51 -1.83 -10.85
C LEU G 289 -33.02 -0.87 -11.92
N ALA G 290 -32.76 -1.18 -13.20
CA ALA G 290 -33.25 -0.34 -14.29
C ALA G 290 -34.77 -0.25 -14.28
N LEU G 291 -35.45 -1.36 -13.96
CA LEU G 291 -36.91 -1.38 -13.99
C LEU G 291 -37.52 -0.46 -12.93
N VAL G 292 -36.81 -0.17 -11.86
CA VAL G 292 -37.32 0.65 -10.78
C VAL G 292 -36.69 2.04 -10.78
N GLY G 293 -36.10 2.45 -11.90
CA GLY G 293 -35.65 3.81 -12.11
C GLY G 293 -34.16 4.04 -11.94
N LEU G 294 -33.40 3.04 -11.47
CA LEU G 294 -31.97 3.22 -11.25
C LEU G 294 -31.22 2.76 -12.49
N SER G 295 -31.08 3.66 -13.46
CA SER G 295 -30.48 3.36 -14.75
C SER G 295 -28.95 3.36 -14.71
N PHE G 296 -28.34 4.07 -13.77
CA PHE G 296 -26.89 4.22 -13.73
C PHE G 296 -26.31 3.13 -12.84
N CYS G 297 -26.27 1.92 -13.39
CA CYS G 297 -25.92 0.71 -12.65
C CYS G 297 -24.74 -0.01 -13.28
N GLY G 298 -23.99 -0.72 -12.46
CA GLY G 298 -22.91 -1.56 -12.96
C GLY G 298 -22.41 -2.49 -11.86
N ALA G 299 -21.43 -3.32 -12.23
CA ALA G 299 -20.78 -4.21 -11.29
C ALA G 299 -19.27 -4.14 -11.49
N ASP G 300 -18.53 -4.46 -10.42
CA ASP G 300 -17.08 -4.40 -10.45
C ASP G 300 -16.54 -5.29 -11.56
N VAL G 301 -15.82 -4.70 -12.50
CA VAL G 301 -15.29 -5.43 -13.64
C VAL G 301 -14.09 -6.24 -13.19
N GLY G 302 -14.17 -7.57 -13.36
CA GLY G 302 -13.17 -8.47 -12.85
C GLY G 302 -13.47 -9.06 -11.49
N GLY G 303 -14.47 -8.54 -10.78
CA GLY G 303 -14.79 -9.03 -9.45
C GLY G 303 -13.97 -8.36 -8.38
N PHE G 304 -14.61 -8.04 -7.26
CA PHE G 304 -13.91 -7.38 -6.15
C PHE G 304 -12.98 -8.36 -5.43
N PHE G 305 -13.55 -9.45 -4.92
CA PHE G 305 -12.77 -10.45 -4.21
C PHE G 305 -12.08 -11.40 -5.18
N LYS G 306 -10.90 -11.88 -4.78
CA LYS G 306 -10.16 -12.93 -5.47
C LYS G 306 -9.61 -12.48 -6.83
N ASN G 307 -8.84 -13.35 -7.48
CA ASN G 307 -8.13 -13.02 -8.71
C ASN G 307 -8.77 -13.72 -9.90
N PRO G 308 -9.28 -12.99 -10.89
CA PRO G 308 -9.86 -13.65 -12.06
C PRO G 308 -8.79 -14.14 -13.01
N GLU G 309 -9.05 -15.28 -13.64
CA GLU G 309 -8.20 -15.74 -14.72
C GLU G 309 -8.30 -14.75 -15.88
N PRO G 310 -7.26 -14.67 -16.72
CA PRO G 310 -7.27 -13.66 -17.80
C PRO G 310 -8.49 -13.72 -18.70
N GLU G 311 -8.99 -14.93 -19.03
CA GLU G 311 -10.14 -15.04 -19.90
C GLU G 311 -11.39 -14.46 -19.24
N LEU G 312 -11.56 -14.69 -17.94
CA LEU G 312 -12.70 -14.11 -17.23
C LEU G 312 -12.63 -12.59 -17.22
N LEU G 313 -11.44 -12.03 -17.05
CA LEU G 313 -11.29 -10.58 -17.05
C LEU G 313 -11.66 -9.99 -18.41
N VAL G 314 -11.24 -10.65 -19.50
CA VAL G 314 -11.61 -10.20 -20.84
C VAL G 314 -13.14 -10.20 -20.99
N ARG G 315 -13.77 -11.32 -20.64
CA ARG G 315 -15.23 -11.40 -20.77
C ARG G 315 -15.93 -10.38 -19.89
N TRP G 316 -15.33 -10.03 -18.75
CA TRP G 316 -15.95 -9.03 -17.88
C TRP G 316 -15.80 -7.62 -18.43
N TYR G 317 -14.68 -7.34 -19.10
CA TYR G 317 -14.51 -6.05 -19.77
C TYR G 317 -15.53 -5.91 -20.91
N GLN G 318 -15.76 -6.99 -21.65
CA GLN G 318 -16.74 -6.94 -22.74
C GLN G 318 -18.15 -6.74 -22.20
N MET G 319 -18.47 -7.42 -21.09
CA MET G 319 -19.77 -7.23 -20.45
C MET G 319 -19.91 -5.82 -19.90
N GLY G 320 -18.92 -5.35 -19.15
CA GLY G 320 -19.00 -4.03 -18.55
C GLY G 320 -19.04 -2.92 -19.59
N ALA G 321 -18.39 -3.13 -20.73
CA ALA G 321 -18.36 -2.10 -21.77
C ALA G 321 -19.75 -1.76 -22.28
N TYR G 322 -20.70 -2.71 -22.17
CA TYR G 322 -22.08 -2.47 -22.59
C TYR G 322 -23.03 -2.35 -21.41
N GLN G 323 -22.53 -2.00 -20.23
CA GLN G 323 -23.36 -1.72 -19.08
C GLN G 323 -23.18 -0.26 -18.64
N PRO G 324 -24.17 0.33 -17.99
CA PRO G 324 -24.13 1.80 -17.77
C PRO G 324 -22.91 2.28 -16.99
N PHE G 325 -22.64 1.73 -15.81
CA PHE G 325 -21.48 2.14 -15.01
C PHE G 325 -20.35 1.15 -15.23
N PHE G 326 -19.21 1.64 -15.70
CA PHE G 326 -18.15 0.83 -16.27
C PHE G 326 -16.87 1.06 -15.46
N ARG G 327 -16.70 0.29 -14.38
CA ARG G 327 -15.56 0.47 -13.49
C ARG G 327 -14.94 -0.86 -13.13
N ALA G 328 -13.62 -0.97 -13.26
CA ALA G 328 -12.88 -2.09 -12.71
C ALA G 328 -12.42 -1.77 -11.29
N HIS G 329 -12.57 -2.73 -10.38
CA HIS G 329 -12.23 -2.53 -8.98
C HIS G 329 -11.78 -3.87 -8.40
N ALA G 330 -11.01 -3.81 -7.31
CA ALA G 330 -10.35 -5.00 -6.79
C ALA G 330 -10.01 -4.83 -5.32
N HIS G 331 -10.02 -5.95 -4.60
CA HIS G 331 -9.77 -5.98 -3.17
C HIS G 331 -8.29 -5.75 -2.87
N LEU G 332 -8.02 -5.35 -1.62
CA LEU G 332 -6.67 -4.96 -1.21
C LEU G 332 -5.63 -6.05 -1.45
N ASP G 333 -6.02 -7.32 -1.31
CA ASP G 333 -5.07 -8.42 -1.38
C ASP G 333 -5.05 -9.10 -2.74
N THR G 334 -5.75 -8.55 -3.73
CA THR G 334 -5.67 -9.09 -5.08
C THR G 334 -4.40 -8.60 -5.77
N GLY G 335 -3.95 -9.37 -6.76
CA GLY G 335 -2.88 -8.90 -7.61
C GLY G 335 -3.33 -7.75 -8.48
N ARG G 336 -2.37 -6.91 -8.88
CA ARG G 336 -2.66 -5.81 -9.78
C ARG G 336 -3.19 -6.35 -11.11
N ARG G 337 -4.28 -5.77 -11.60
CA ARG G 337 -4.85 -6.22 -12.85
C ARG G 337 -5.25 -5.05 -13.73
N GLU G 338 -4.40 -4.02 -13.80
CA GLU G 338 -4.55 -3.02 -14.83
C GLU G 338 -4.48 -3.69 -16.19
N PRO G 339 -5.29 -3.27 -17.17
CA PRO G 339 -5.53 -4.11 -18.36
C PRO G 339 -4.29 -4.38 -19.22
N TRP G 340 -3.23 -3.57 -19.09
CA TRP G 340 -2.03 -3.80 -19.87
C TRP G 340 -1.07 -4.80 -19.23
N LEU G 341 -1.40 -5.34 -18.05
CA LEU G 341 -0.56 -6.31 -17.39
C LEU G 341 -0.77 -7.74 -17.89
N LEU G 342 -1.67 -7.94 -18.84
CA LEU G 342 -1.98 -9.25 -19.37
C LEU G 342 -1.23 -9.51 -20.66
N ALA G 343 -1.24 -10.76 -21.10
CA ALA G 343 -0.63 -11.14 -22.36
C ALA G 343 -1.29 -10.41 -23.53
N SER G 344 -0.55 -10.31 -24.64
CA SER G 344 -0.96 -9.47 -25.76
C SER G 344 -2.35 -9.83 -26.27
N GLN G 345 -2.65 -11.13 -26.36
CA GLN G 345 -3.96 -11.55 -26.85
C GLN G 345 -5.09 -11.05 -25.95
N TYR G 346 -4.87 -11.06 -24.63
CA TYR G 346 -5.90 -10.56 -23.73
C TYR G 346 -5.96 -9.04 -23.73
N GLN G 347 -4.79 -8.37 -23.85
CA GLN G 347 -4.79 -6.91 -23.95
C GLN G 347 -5.63 -6.44 -25.14
N ASP G 348 -5.45 -7.07 -26.30
CA ASP G 348 -6.11 -6.63 -27.51
C ASP G 348 -7.62 -6.78 -27.42
N ALA G 349 -8.08 -7.89 -26.84
CA ALA G 349 -9.52 -8.07 -26.67
C ALA G 349 -10.10 -7.01 -25.74
N ILE G 350 -9.35 -6.64 -24.69
CA ILE G 350 -9.82 -5.62 -23.76
C ILE G 350 -9.80 -4.24 -24.41
N ARG G 351 -8.72 -3.91 -25.13
CA ARG G 351 -8.65 -2.65 -25.85
C ARG G 351 -9.82 -2.51 -26.83
N ASP G 352 -10.14 -3.60 -27.54
CA ASP G 352 -11.26 -3.55 -28.48
C ASP G 352 -12.57 -3.25 -27.75
N ALA G 353 -12.76 -3.84 -26.57
CA ALA G 353 -13.95 -3.54 -25.80
C ALA G 353 -13.99 -2.08 -25.36
N LEU G 354 -12.84 -1.54 -24.95
CA LEU G 354 -12.79 -0.13 -24.54
C LEU G 354 -13.07 0.79 -25.72
N PHE G 355 -12.54 0.46 -26.91
CA PHE G 355 -12.79 1.28 -28.10
C PHE G 355 -14.28 1.28 -28.46
N GLN G 356 -14.95 0.13 -28.35
CA GLN G 356 -16.37 0.08 -28.65
C GLN G 356 -17.17 0.96 -27.71
N ARG G 357 -16.84 0.93 -26.42
CA ARG G 357 -17.56 1.76 -25.45
C ARG G 357 -17.39 3.24 -25.76
N TYR G 358 -16.15 3.67 -26.00
CA TYR G 358 -15.90 5.08 -26.27
C TYR G 358 -16.54 5.51 -27.58
N SER G 359 -16.52 4.65 -28.60
CA SER G 359 -17.17 5.00 -29.86
C SER G 359 -18.68 5.18 -29.68
N LEU G 360 -19.28 4.46 -28.72
CA LEU G 360 -20.71 4.53 -28.49
C LEU G 360 -21.12 5.62 -27.50
N LEU G 361 -20.17 6.43 -27.05
CA LEU G 361 -20.50 7.49 -26.09
C LEU G 361 -21.64 8.41 -26.53
N PRO G 362 -21.71 8.89 -27.77
CA PRO G 362 -22.88 9.70 -28.15
C PRO G 362 -24.19 8.96 -28.00
N PHE G 363 -24.18 7.64 -28.22
CA PHE G 363 -25.38 6.83 -28.04
C PHE G 363 -25.74 6.70 -26.57
N TRP G 364 -24.74 6.39 -25.73
CA TRP G 364 -24.98 6.32 -24.29
C TRP G 364 -25.51 7.64 -23.75
N TYR G 365 -24.88 8.75 -24.15
CA TYR G 365 -25.29 10.07 -23.67
C TYR G 365 -26.74 10.37 -24.03
N THR G 366 -27.15 10.01 -25.25
CA THR G 366 -28.52 10.27 -25.67
C THR G 366 -29.53 9.40 -24.91
N LEU G 367 -29.18 8.13 -24.68
CA LEU G 367 -30.07 7.28 -23.90
C LEU G 367 -30.27 7.82 -22.49
N PHE G 368 -29.20 8.33 -21.88
CA PHE G 368 -29.33 8.86 -20.53
C PHE G 368 -30.11 10.17 -20.51
N TYR G 369 -30.02 10.97 -21.58
CA TYR G 369 -30.85 12.17 -21.64
C TYR G 369 -32.32 11.81 -21.76
N GLN G 370 -32.62 10.76 -22.53
CA GLN G 370 -34.00 10.28 -22.62
C GLN G 370 -34.46 9.70 -21.29
N ALA G 371 -33.56 9.03 -20.56
CA ALA G 371 -33.89 8.59 -19.21
C ALA G 371 -34.13 9.79 -18.30
N HIS G 372 -33.33 10.84 -18.45
CA HIS G 372 -33.44 12.02 -17.61
C HIS G 372 -34.74 12.78 -17.88
N LYS G 373 -35.19 12.82 -19.13
CA LYS G 373 -36.38 13.59 -19.50
C LYS G 373 -37.66 12.79 -19.38
N GLU G 374 -37.62 11.47 -19.63
CA GLU G 374 -38.84 10.67 -19.68
C GLU G 374 -38.95 9.65 -18.55
N GLY G 375 -37.85 9.26 -17.92
CA GLY G 375 -37.89 8.20 -16.94
C GLY G 375 -37.82 6.80 -17.53
N PHE G 376 -37.39 6.67 -18.79
CA PHE G 376 -37.28 5.37 -19.44
C PHE G 376 -35.91 4.76 -19.13
N PRO G 377 -35.85 3.48 -18.77
CA PRO G 377 -34.57 2.88 -18.41
C PRO G 377 -33.64 2.77 -19.62
N VAL G 378 -32.34 2.84 -19.33
CA VAL G 378 -31.33 2.72 -20.39
C VAL G 378 -31.12 1.25 -20.74
N MET G 379 -30.77 0.44 -19.77
CA MET G 379 -30.62 -1.00 -19.93
C MET G 379 -31.99 -1.64 -19.74
N ARG G 380 -32.39 -2.50 -20.70
CA ARG G 380 -33.77 -2.96 -20.69
C ARG G 380 -33.87 -4.46 -20.88
N PRO G 381 -34.76 -5.12 -20.12
CA PRO G 381 -35.11 -6.50 -20.44
C PRO G 381 -35.80 -6.60 -21.78
N LEU G 382 -35.65 -7.75 -22.43
CA LEU G 382 -36.26 -7.95 -23.74
C LEU G 382 -37.78 -7.80 -23.68
N TRP G 383 -38.41 -8.24 -22.59
CA TRP G 383 -39.86 -8.16 -22.51
C TRP G 383 -40.37 -6.72 -22.45
N VAL G 384 -39.52 -5.76 -22.09
CA VAL G 384 -39.93 -4.37 -22.12
C VAL G 384 -40.13 -3.91 -23.55
N GLN G 385 -39.29 -4.39 -24.47
CA GLN G 385 -39.41 -4.04 -25.88
C GLN G 385 -40.34 -4.96 -26.64
N TYR G 386 -40.62 -6.15 -26.12
CA TYR G 386 -41.47 -7.14 -26.77
C TYR G 386 -42.45 -7.70 -25.75
N PRO G 387 -43.40 -6.87 -25.30
CA PRO G 387 -44.27 -7.29 -24.19
C PRO G 387 -45.20 -8.45 -24.52
N GLU G 388 -45.33 -8.82 -25.79
CA GLU G 388 -46.22 -9.91 -26.19
C GLU G 388 -45.47 -11.20 -26.51
N ASP G 389 -44.15 -11.18 -26.53
CA ASP G 389 -43.36 -12.39 -26.75
C ASP G 389 -43.09 -13.04 -25.39
N MET G 390 -43.91 -14.03 -25.04
CA MET G 390 -43.82 -14.66 -23.73
C MET G 390 -42.50 -15.39 -23.52
N SER G 391 -41.80 -15.77 -24.58
CA SER G 391 -40.52 -16.46 -24.44
C SER G 391 -39.40 -15.52 -23.98
N THR G 392 -39.65 -14.21 -23.89
CA THR G 392 -38.68 -13.26 -23.40
C THR G 392 -38.89 -12.89 -21.94
N PHE G 393 -40.00 -13.34 -21.32
CA PHE G 393 -40.40 -12.83 -20.02
C PHE G 393 -39.39 -13.16 -18.93
N SER G 394 -38.54 -14.16 -19.12
CA SER G 394 -37.57 -14.55 -18.11
C SER G 394 -36.12 -14.42 -18.57
N ILE G 395 -35.87 -13.94 -19.79
CA ILE G 395 -34.51 -13.90 -20.31
C ILE G 395 -33.66 -12.96 -19.47
N GLU G 396 -32.46 -13.42 -19.10
CA GLU G 396 -31.56 -12.59 -18.30
C GLU G 396 -30.08 -12.79 -18.67
N ASP G 397 -29.78 -13.54 -19.73
CA ASP G 397 -28.44 -13.54 -20.30
C ASP G 397 -28.36 -12.63 -21.53
N GLN G 398 -29.31 -11.71 -21.65
CA GLN G 398 -29.46 -10.84 -22.80
C GLN G 398 -30.16 -9.57 -22.34
N PHE G 399 -29.82 -8.46 -22.98
CA PHE G 399 -30.48 -7.20 -22.66
C PHE G 399 -30.35 -6.28 -23.87
N MET G 400 -31.13 -5.21 -23.85
CA MET G 400 -31.10 -4.20 -24.89
C MET G 400 -30.72 -2.85 -24.28
N LEU G 401 -30.07 -2.03 -25.11
CA LEU G 401 -29.78 -0.65 -24.76
C LEU G 401 -30.74 0.22 -25.57
N GLY G 402 -31.67 0.87 -24.88
CA GLY G 402 -32.74 1.53 -25.59
C GLY G 402 -33.50 0.52 -26.42
N ASP G 403 -33.90 0.94 -27.63
CA ASP G 403 -34.56 0.08 -28.58
C ASP G 403 -33.67 -0.31 -29.75
N ALA G 404 -32.38 -0.02 -29.69
CA ALA G 404 -31.51 -0.09 -30.85
C ALA G 404 -30.51 -1.23 -30.83
N LEU G 405 -29.95 -1.59 -29.67
CA LEU G 405 -28.90 -2.58 -29.60
C LEU G 405 -29.31 -3.72 -28.68
N LEU G 406 -29.13 -4.95 -29.17
CA LEU G 406 -29.32 -6.17 -28.39
C LEU G 406 -27.96 -6.78 -28.11
N ILE G 407 -27.70 -7.09 -26.83
CA ILE G 407 -26.39 -7.54 -26.38
C ILE G 407 -26.53 -8.92 -25.75
N HIS G 408 -25.65 -9.84 -26.14
CA HIS G 408 -25.55 -11.17 -25.52
C HIS G 408 -24.08 -11.45 -25.26
N PRO G 409 -23.54 -10.95 -24.14
CA PRO G 409 -22.11 -11.15 -23.87
C PRO G 409 -21.79 -12.61 -23.59
N VAL G 410 -20.58 -13.01 -23.97
CA VAL G 410 -20.10 -14.35 -23.66
C VAL G 410 -19.75 -14.41 -22.17
N SER G 411 -20.32 -15.39 -21.47
CA SER G 411 -20.14 -15.51 -20.03
C SER G 411 -19.88 -16.96 -19.63
N ASP G 412 -19.09 -17.67 -20.42
CA ASP G 412 -18.68 -19.03 -20.11
C ASP G 412 -17.25 -19.25 -20.59
N ALA G 413 -16.44 -19.89 -19.75
CA ALA G 413 -15.06 -20.17 -20.11
C ALA G 413 -14.99 -21.13 -21.29
N GLY G 414 -14.12 -20.81 -22.25
CA GLY G 414 -13.90 -21.66 -23.39
C GLY G 414 -15.08 -21.88 -24.30
N ALA G 415 -16.04 -20.96 -24.29
CA ALA G 415 -17.22 -21.09 -25.14
C ALA G 415 -16.84 -20.99 -26.61
N HIS G 416 -17.48 -21.82 -27.43
CA HIS G 416 -17.31 -21.77 -28.88
C HIS G 416 -18.42 -20.99 -29.57
N GLY G 417 -19.50 -20.70 -28.87
CA GLY G 417 -20.59 -19.94 -29.46
C GLY G 417 -21.62 -19.62 -28.40
N VAL G 418 -22.60 -18.81 -28.81
CA VAL G 418 -23.74 -18.47 -27.97
C VAL G 418 -25.00 -18.65 -28.78
N GLN G 419 -26.10 -18.85 -28.07
CA GLN G 419 -27.44 -18.94 -28.65
C GLN G 419 -28.13 -17.60 -28.40
N VAL G 420 -28.36 -16.84 -29.46
CA VAL G 420 -28.90 -15.49 -29.36
C VAL G 420 -30.36 -15.53 -29.80
N TYR G 421 -31.26 -15.11 -28.93
CA TYR G 421 -32.67 -15.00 -29.28
C TYR G 421 -32.93 -13.62 -29.87
N LEU G 422 -33.27 -13.58 -31.15
CA LEU G 422 -33.60 -12.33 -31.83
C LEU G 422 -35.12 -12.22 -31.95
N PRO G 423 -35.77 -11.40 -31.14
CA PRO G 423 -37.23 -11.36 -31.11
C PRO G 423 -37.79 -10.50 -32.23
N GLY G 424 -39.12 -10.39 -32.26
CA GLY G 424 -39.80 -9.51 -33.19
C GLY G 424 -40.36 -10.23 -34.40
N GLN G 425 -41.69 -10.20 -34.57
CA GLN G 425 -42.30 -10.87 -35.71
C GLN G 425 -41.98 -10.14 -37.01
N GLU G 426 -41.97 -8.82 -36.99
CA GLU G 426 -41.72 -8.01 -38.18
C GLU G 426 -40.35 -7.34 -38.13
N GLU G 427 -39.43 -7.89 -37.35
CA GLU G 427 -38.13 -7.27 -37.13
C GLU G 427 -37.02 -7.93 -37.93
N VAL G 428 -36.01 -7.12 -38.26
CA VAL G 428 -34.75 -7.57 -38.83
C VAL G 428 -33.65 -7.09 -37.91
N TRP G 429 -32.56 -7.85 -37.86
CA TRP G 429 -31.42 -7.56 -36.98
C TRP G 429 -30.13 -7.65 -37.77
N TYR G 430 -29.23 -6.71 -37.52
CA TYR G 430 -27.93 -6.65 -38.19
C TYR G 430 -26.84 -6.97 -37.17
N ASP G 431 -26.04 -7.99 -37.48
CA ASP G 431 -24.81 -8.23 -36.75
C ASP G 431 -23.85 -7.06 -37.00
N ILE G 432 -23.53 -6.30 -35.96
CA ILE G 432 -22.76 -5.08 -36.17
C ILE G 432 -21.32 -5.37 -36.56
N GLN G 433 -20.84 -6.59 -36.34
CA GLN G 433 -19.47 -6.94 -36.72
C GLN G 433 -19.38 -7.35 -38.19
N SER G 434 -20.34 -8.15 -38.66
CA SER G 434 -20.32 -8.68 -40.01
C SER G 434 -21.33 -8.01 -40.95
N TYR G 435 -22.28 -7.23 -40.40
CA TYR G 435 -23.36 -6.58 -41.14
C TYR G 435 -24.34 -7.58 -41.73
N GLN G 436 -24.26 -8.84 -41.31
CA GLN G 436 -25.25 -9.84 -41.73
C GLN G 436 -26.61 -9.52 -41.15
N LYS G 437 -27.64 -9.63 -41.99
CA LYS G 437 -29.01 -9.38 -41.58
C LYS G 437 -29.62 -10.68 -41.07
N HIS G 438 -30.42 -10.57 -40.01
CA HIS G 438 -31.05 -11.73 -39.39
C HIS G 438 -32.53 -11.48 -39.15
N HIS G 439 -33.32 -12.45 -39.56
CA HIS G 439 -34.77 -12.40 -39.49
C HIS G 439 -35.26 -12.83 -38.11
N GLY G 440 -36.28 -12.12 -37.62
CA GLY G 440 -36.91 -12.49 -36.37
C GLY G 440 -38.33 -12.98 -36.58
N PRO G 441 -38.87 -13.72 -35.60
CA PRO G 441 -38.15 -14.16 -34.39
C PRO G 441 -37.40 -15.48 -34.62
N GLN G 442 -36.25 -15.65 -33.99
CA GLN G 442 -35.48 -16.88 -34.14
C GLN G 442 -34.44 -16.95 -33.03
N THR G 443 -33.98 -18.17 -32.77
CA THR G 443 -32.80 -18.40 -31.93
C THR G 443 -31.64 -18.75 -32.84
N LEU G 444 -30.65 -17.87 -32.90
CA LEU G 444 -29.51 -18.00 -33.80
C LEU G 444 -28.28 -18.48 -33.01
N TYR G 445 -27.59 -19.47 -33.54
CA TYR G 445 -26.32 -19.93 -32.97
C TYR G 445 -25.20 -19.13 -33.62
N LEU G 446 -24.50 -18.32 -32.81
CA LEU G 446 -23.42 -17.48 -33.30
C LEU G 446 -22.08 -17.98 -32.76
N PRO G 447 -21.15 -18.37 -33.63
CA PRO G 447 -19.82 -18.75 -33.14
C PRO G 447 -19.07 -17.53 -32.65
N VAL G 448 -18.26 -17.74 -31.60
CA VAL G 448 -17.54 -16.65 -30.95
C VAL G 448 -16.08 -17.04 -30.81
N THR G 449 -15.24 -16.02 -30.68
CA THR G 449 -13.85 -16.14 -30.26
C THR G 449 -13.63 -15.27 -29.02
N LEU G 450 -12.37 -15.16 -28.60
CA LEU G 450 -12.07 -14.35 -27.42
C LEU G 450 -12.45 -12.89 -27.61
N SER G 451 -12.38 -12.40 -28.85
CA SER G 451 -12.65 -10.99 -29.15
C SER G 451 -14.12 -10.71 -29.43
N SER G 452 -14.97 -11.73 -29.44
CA SER G 452 -16.36 -11.56 -29.85
C SER G 452 -17.18 -10.91 -28.75
N ILE G 453 -17.97 -9.90 -29.13
CA ILE G 453 -19.02 -9.35 -28.28
C ILE G 453 -20.30 -9.34 -29.10
N PRO G 454 -21.19 -10.31 -28.94
CA PRO G 454 -22.40 -10.36 -29.77
C PRO G 454 -23.32 -9.16 -29.56
N VAL G 455 -23.33 -8.26 -30.55
CA VAL G 455 -24.13 -7.05 -30.51
C VAL G 455 -24.91 -6.95 -31.82
N PHE G 456 -26.20 -6.67 -31.73
CA PHE G 456 -27.06 -6.57 -32.90
C PHE G 456 -27.80 -5.25 -32.86
N GLN G 457 -27.85 -4.57 -34.00
CA GLN G 457 -28.61 -3.34 -34.15
C GLN G 457 -29.97 -3.65 -34.76
N ARG G 458 -31.02 -3.09 -34.19
CA ARG G 458 -32.38 -3.33 -34.66
C ARG G 458 -32.66 -2.53 -35.93
N GLY G 459 -33.35 -3.16 -36.87
CA GLY G 459 -33.80 -2.42 -38.04
C GLY G 459 -34.79 -1.35 -37.67
N GLY G 460 -34.66 -0.19 -38.28
CA GLY G 460 -35.48 0.95 -37.94
C GLY G 460 -34.87 1.92 -36.95
N THR G 461 -33.57 1.81 -36.68
CA THR G 461 -32.91 2.66 -35.70
C THR G 461 -31.66 3.28 -36.30
N ILE G 462 -31.27 4.41 -35.75
CA ILE G 462 -30.07 5.14 -36.18
C ILE G 462 -29.20 5.37 -34.94
N VAL G 463 -27.96 4.91 -35.00
CA VAL G 463 -27.07 4.92 -33.85
C VAL G 463 -25.89 5.85 -34.14
N PRO G 464 -25.67 6.89 -33.34
CA PRO G 464 -24.52 7.78 -33.54
C PRO G 464 -23.27 7.32 -32.81
N ARG G 465 -22.13 7.47 -33.47
CA ARG G 465 -20.85 7.02 -32.91
C ARG G 465 -19.76 8.06 -33.16
N TRP G 466 -18.81 8.11 -32.22
CA TRP G 466 -17.53 8.78 -32.41
C TRP G 466 -16.51 7.73 -32.84
N MET G 467 -16.14 7.73 -34.12
CA MET G 467 -15.22 6.71 -34.61
C MET G 467 -13.76 7.06 -34.37
N ARG G 468 -13.47 8.24 -33.84
CA ARG G 468 -12.10 8.64 -33.52
C ARG G 468 -11.90 8.49 -32.02
N VAL G 469 -11.45 7.31 -31.60
CA VAL G 469 -11.25 7.04 -30.18
C VAL G 469 -9.98 7.74 -29.72
N ARG G 470 -10.09 8.52 -28.66
CA ARG G 470 -8.97 9.23 -28.05
C ARG G 470 -8.75 8.71 -26.63
N ARG G 471 -7.88 9.38 -25.89
CA ARG G 471 -7.45 8.86 -24.59
C ARG G 471 -8.50 9.08 -23.50
N SER G 472 -9.43 10.01 -23.70
CA SER G 472 -10.51 10.23 -22.74
C SER G 472 -11.65 10.92 -23.47
N SER G 473 -12.82 10.93 -22.81
CA SER G 473 -14.02 11.48 -23.45
C SER G 473 -13.89 12.99 -23.67
N ASP G 474 -13.23 13.69 -22.74
CA ASP G 474 -13.03 15.12 -22.90
C ASP G 474 -12.31 15.43 -24.21
N CYS G 475 -11.36 14.59 -24.60
CA CYS G 475 -10.64 14.80 -25.86
C CYS G 475 -11.56 14.64 -27.07
N MET G 476 -12.64 13.88 -26.92
CA MET G 476 -13.49 13.50 -28.03
C MET G 476 -14.73 14.37 -28.19
N LYS G 477 -15.02 15.26 -27.25
CA LYS G 477 -16.36 15.84 -27.19
C LYS G 477 -16.63 16.86 -28.29
N ASP G 478 -15.62 17.22 -29.10
CA ASP G 478 -15.83 18.10 -30.25
C ASP G 478 -15.61 17.39 -31.58
N ASP G 479 -15.52 16.06 -31.58
CA ASP G 479 -15.15 15.31 -32.78
C ASP G 479 -16.37 15.02 -33.66
N PRO G 480 -16.15 14.69 -34.93
CA PRO G 480 -17.27 14.42 -35.83
C PRO G 480 -17.95 13.09 -35.56
N ILE G 481 -19.20 13.01 -36.01
CA ILE G 481 -20.10 11.89 -35.73
C ILE G 481 -20.25 11.03 -36.98
N THR G 482 -20.27 9.71 -36.78
CA THR G 482 -20.66 8.76 -37.80
C THR G 482 -22.02 8.18 -37.45
N LEU G 483 -22.93 8.17 -38.42
CA LEU G 483 -24.29 7.67 -38.22
C LEU G 483 -24.44 6.28 -38.82
N PHE G 484 -24.94 5.34 -38.03
CA PHE G 484 -25.19 3.97 -38.46
C PHE G 484 -26.69 3.80 -38.60
N VAL G 485 -27.16 3.69 -39.83
CA VAL G 485 -28.58 3.58 -40.15
C VAL G 485 -28.90 2.12 -40.46
N ALA G 486 -29.73 1.50 -39.62
CA ALA G 486 -30.20 0.12 -39.82
C ALA G 486 -31.63 0.17 -40.37
N LEU G 487 -31.80 -0.23 -41.61
CA LEU G 487 -33.09 -0.10 -42.29
C LEU G 487 -34.08 -1.16 -41.84
N SER G 488 -35.31 -0.73 -41.61
CA SER G 488 -36.41 -1.61 -41.27
C SER G 488 -36.88 -2.37 -42.51
N PRO G 489 -37.78 -3.35 -42.35
CA PRO G 489 -38.34 -4.01 -43.55
C PRO G 489 -39.06 -3.04 -44.48
N GLN G 490 -39.58 -1.94 -43.98
CA GLN G 490 -40.19 -0.91 -44.80
C GLN G 490 -39.16 0.10 -45.33
N GLY G 491 -37.87 -0.16 -45.13
CA GLY G 491 -36.86 0.77 -45.58
C GLY G 491 -36.84 2.08 -44.80
N THR G 492 -37.15 2.04 -43.51
CA THR G 492 -37.18 3.23 -42.68
C THR G 492 -36.27 3.07 -41.47
N ALA G 493 -35.94 4.20 -40.84
CA ALA G 493 -35.14 4.22 -39.62
C ALA G 493 -35.24 5.60 -39.01
N GLN G 494 -35.01 5.67 -37.70
CA GLN G 494 -34.98 6.93 -36.99
C GLN G 494 -34.12 6.81 -35.74
N GLY G 495 -33.65 7.96 -35.27
CA GLY G 495 -32.79 8.01 -34.10
C GLY G 495 -32.66 9.43 -33.61
N GLU G 496 -32.15 9.57 -32.40
CA GLU G 496 -31.95 10.87 -31.78
C GLU G 496 -30.49 11.03 -31.34
N LEU G 497 -30.12 12.26 -31.06
CA LEU G 497 -28.77 12.57 -30.59
C LEU G 497 -28.84 13.82 -29.72
N PHE G 498 -28.35 13.72 -28.49
CA PHE G 498 -28.30 14.84 -27.56
C PHE G 498 -26.85 15.29 -27.39
N LEU G 499 -26.64 16.61 -27.42
CA LEU G 499 -25.32 17.20 -27.26
C LEU G 499 -25.44 18.43 -26.37
N ASP G 500 -24.42 18.66 -25.55
CA ASP G 500 -24.30 19.88 -24.76
C ASP G 500 -22.81 20.06 -24.44
N ASP G 501 -22.50 20.88 -23.43
CA ASP G 501 -21.09 21.07 -23.11
C ASP G 501 -20.48 19.89 -22.36
N GLY G 502 -21.31 18.97 -21.86
CA GLY G 502 -20.83 17.72 -21.30
C GLY G 502 -20.69 17.66 -19.79
N HIS G 503 -20.95 18.75 -19.07
CA HIS G 503 -20.69 18.71 -17.63
C HIS G 503 -21.41 19.77 -16.80
N THR G 504 -22.15 20.68 -17.42
CA THR G 504 -22.84 21.72 -16.68
C THR G 504 -24.35 21.57 -16.78
N PHE G 505 -25.05 22.41 -16.02
CA PHE G 505 -26.49 22.52 -16.08
C PHE G 505 -26.96 23.55 -17.11
N ASN G 506 -26.06 23.99 -17.99
CA ASN G 506 -26.42 25.00 -18.99
C ASN G 506 -27.52 24.50 -19.92
N TYR G 507 -27.60 23.18 -20.17
CA TYR G 507 -28.67 22.65 -20.98
C TYR G 507 -30.03 23.00 -20.41
N GLN G 508 -30.14 23.12 -19.09
CA GLN G 508 -31.39 23.38 -18.40
C GLN G 508 -31.56 24.85 -18.02
N THR G 509 -30.50 25.50 -17.54
CA THR G 509 -30.61 26.89 -17.13
C THR G 509 -30.59 27.85 -18.32
N ARG G 510 -29.96 27.45 -19.43
CA ARG G 510 -29.78 28.33 -20.57
C ARG G 510 -30.22 27.72 -21.90
N HIS G 511 -30.74 26.50 -21.89
CA HIS G 511 -31.17 25.80 -23.11
C HIS G 511 -30.04 25.69 -24.11
N GLU G 512 -28.82 25.47 -23.61
CA GLU G 512 -27.63 25.35 -24.46
C GLU G 512 -27.37 23.86 -24.66
N PHE G 513 -27.95 23.33 -25.73
CA PHE G 513 -27.87 21.90 -26.05
C PHE G 513 -28.41 21.73 -27.46
N LEU G 514 -28.21 20.53 -28.01
CA LEU G 514 -28.86 20.14 -29.25
C LEU G 514 -29.58 18.81 -29.03
N LEU G 515 -30.79 18.71 -29.58
CA LEU G 515 -31.48 17.42 -29.69
C LEU G 515 -31.89 17.25 -31.14
N ARG G 516 -31.18 16.38 -31.85
CA ARG G 516 -31.44 16.15 -33.27
C ARG G 516 -32.24 14.89 -33.47
N ARG G 517 -33.11 14.92 -34.48
CA ARG G 517 -33.78 13.72 -34.96
C ARG G 517 -33.24 13.39 -36.35
N PHE G 518 -32.74 12.17 -36.50
CA PHE G 518 -32.34 11.63 -37.79
C PHE G 518 -33.40 10.62 -38.22
N SER G 519 -33.87 10.75 -39.45
CA SER G 519 -34.92 9.87 -39.95
C SER G 519 -34.64 9.50 -41.40
N PHE G 520 -34.87 8.23 -41.72
CA PHE G 520 -34.68 7.70 -43.05
C PHE G 520 -35.97 7.07 -43.53
N SER G 521 -36.37 7.43 -44.75
CA SER G 521 -37.49 6.76 -45.40
C SER G 521 -37.35 6.99 -46.90
N GLY G 522 -37.87 6.03 -47.67
CA GLY G 522 -37.66 6.10 -49.10
C GLY G 522 -36.19 5.95 -49.45
N SER G 523 -35.59 7.05 -49.91
CA SER G 523 -34.16 7.10 -50.15
C SER G 523 -33.56 8.39 -49.64
N THR G 524 -34.07 8.90 -48.52
CA THR G 524 -33.67 10.18 -47.98
C THR G 524 -33.37 10.07 -46.50
N LEU G 525 -32.19 10.55 -46.09
CA LEU G 525 -31.84 10.70 -44.68
C LEU G 525 -31.95 12.17 -44.31
N VAL G 526 -32.75 12.48 -43.31
CA VAL G 526 -33.05 13.86 -42.93
C VAL G 526 -32.63 14.09 -41.48
N SER G 527 -31.95 15.21 -41.23
CA SER G 527 -31.70 15.68 -39.88
C SER G 527 -32.58 16.90 -39.63
N SER G 528 -33.36 16.84 -38.56
CA SER G 528 -34.21 17.94 -38.13
C SER G 528 -34.07 18.11 -36.62
N SER G 529 -34.61 19.20 -36.11
CA SER G 529 -34.56 19.47 -34.68
C SER G 529 -35.68 18.73 -33.96
N ALA G 530 -35.30 17.93 -32.96
CA ALA G 530 -36.29 17.29 -32.09
C ALA G 530 -36.71 18.19 -30.94
N ASP G 531 -36.04 19.33 -30.75
CA ASP G 531 -36.43 20.32 -29.76
C ASP G 531 -35.85 21.67 -30.19
N PRO G 532 -36.69 22.57 -30.70
CA PRO G 532 -36.15 23.83 -31.26
C PRO G 532 -35.62 24.80 -30.21
N LYS G 533 -36.02 24.66 -28.94
CA LYS G 533 -35.54 25.58 -27.91
C LYS G 533 -34.04 25.43 -27.66
N GLY G 534 -33.44 24.31 -28.08
CA GLY G 534 -32.04 24.05 -27.80
C GLY G 534 -31.11 24.49 -28.91
N HIS G 535 -30.19 25.40 -28.58
CA HIS G 535 -29.14 25.83 -29.49
C HIS G 535 -27.79 25.65 -28.80
N LEU G 536 -26.75 25.38 -29.59
CA LEU G 536 -25.44 25.11 -29.03
C LEU G 536 -24.36 25.47 -30.04
N GLU G 537 -23.31 26.14 -29.55
CA GLU G 537 -22.12 26.39 -30.36
C GLU G 537 -21.19 25.19 -30.25
N THR G 538 -20.93 24.55 -31.40
CA THR G 538 -20.17 23.31 -31.40
C THR G 538 -19.53 23.12 -32.76
N PRO G 539 -18.31 22.60 -32.83
CA PRO G 539 -17.71 22.23 -34.12
C PRO G 539 -18.08 20.83 -34.62
N ILE G 540 -18.97 20.12 -33.94
CA ILE G 540 -19.28 18.75 -34.30
C ILE G 540 -19.95 18.71 -35.66
N TRP G 541 -19.48 17.83 -36.53
CA TRP G 541 -20.02 17.69 -37.87
C TRP G 541 -20.22 16.21 -38.19
N ILE G 542 -20.93 15.94 -39.27
CA ILE G 542 -21.20 14.58 -39.71
C ILE G 542 -20.14 14.19 -40.73
N GLU G 543 -19.25 13.26 -40.35
CA GLU G 543 -18.15 12.88 -41.22
C GLU G 543 -18.41 11.61 -42.03
N ARG G 544 -19.45 10.86 -41.71
CA ARG G 544 -19.65 9.57 -42.38
C ARG G 544 -21.05 9.09 -42.07
N VAL G 545 -21.64 8.38 -43.04
CA VAL G 545 -22.92 7.70 -42.86
C VAL G 545 -22.77 6.26 -43.34
N VAL G 546 -23.19 5.32 -42.51
CA VAL G 546 -23.17 3.89 -42.84
C VAL G 546 -24.60 3.38 -42.80
N ILE G 547 -25.08 2.86 -43.92
CA ILE G 547 -26.46 2.41 -44.08
C ILE G 547 -26.45 0.90 -44.28
N MET G 548 -27.12 0.18 -43.39
CA MET G 548 -27.21 -1.27 -43.47
C MET G 548 -28.50 -1.68 -44.15
N GLY G 549 -28.39 -2.51 -45.19
CA GLY G 549 -29.56 -3.01 -45.88
C GLY G 549 -30.03 -2.17 -47.04
N ALA G 550 -29.13 -1.41 -47.67
CA ALA G 550 -29.48 -0.53 -48.77
C ALA G 550 -28.84 -1.01 -50.05
N GLY G 551 -29.49 -0.68 -51.18
CA GLY G 551 -28.95 -0.97 -52.48
C GLY G 551 -27.95 0.07 -52.93
N LYS G 552 -27.35 -0.18 -54.09
CA LYS G 552 -26.36 0.73 -54.64
C LYS G 552 -27.06 1.87 -55.37
N PRO G 553 -26.88 3.12 -54.94
CA PRO G 553 -27.48 4.24 -55.68
C PRO G 553 -26.65 4.61 -56.89
N ALA G 554 -27.28 5.37 -57.80
CA ALA G 554 -26.54 5.89 -58.94
C ALA G 554 -25.76 7.16 -58.59
N ALA G 555 -26.28 7.95 -57.66
CA ALA G 555 -25.63 9.16 -57.19
C ALA G 555 -26.18 9.51 -55.82
N VAL G 556 -25.37 10.23 -55.04
CA VAL G 556 -25.72 10.66 -53.70
C VAL G 556 -25.56 12.17 -53.61
N VAL G 557 -26.61 12.87 -53.17
CA VAL G 557 -26.65 14.33 -53.14
C VAL G 557 -26.99 14.78 -51.72
N LEU G 558 -26.26 15.79 -51.26
CA LEU G 558 -26.46 16.37 -49.93
C LEU G 558 -27.06 17.75 -50.08
N GLN G 559 -28.09 18.03 -49.28
CA GLN G 559 -28.73 19.34 -49.26
C GLN G 559 -28.73 19.86 -47.83
N THR G 560 -28.23 21.08 -47.64
CA THR G 560 -28.19 21.72 -46.34
C THR G 560 -28.68 23.14 -46.45
N LYS G 561 -29.47 23.58 -45.47
CA LYS G 561 -29.95 24.96 -45.49
C LYS G 561 -28.78 25.91 -45.34
N GLY G 562 -28.68 26.87 -46.26
CA GLY G 562 -27.56 27.77 -46.30
C GLY G 562 -26.46 27.38 -47.27
N SER G 563 -26.57 26.23 -47.92
CA SER G 563 -25.52 25.72 -48.77
C SER G 563 -26.09 25.24 -50.10
N PRO G 564 -25.29 25.28 -51.17
CA PRO G 564 -25.71 24.69 -52.44
C PRO G 564 -25.71 23.16 -52.37
N GLU G 565 -26.51 22.56 -53.26
CA GLU G 565 -26.56 21.11 -53.36
C GLU G 565 -25.19 20.56 -53.72
N SER G 566 -24.78 19.51 -53.00
CA SER G 566 -23.45 18.94 -53.13
C SER G 566 -23.55 17.44 -53.46
N ARG G 567 -22.53 16.94 -54.15
CA ARG G 567 -22.40 15.53 -54.48
C ARG G 567 -21.43 14.86 -53.52
N LEU G 568 -21.80 13.67 -53.06
CA LEU G 568 -20.99 12.89 -52.14
C LEU G 568 -20.54 11.60 -52.81
N SER G 569 -19.27 11.24 -52.62
CA SER G 569 -18.79 9.95 -53.07
C SER G 569 -19.23 8.87 -52.07
N PHE G 570 -19.25 7.62 -52.55
CA PHE G 570 -19.77 6.54 -51.72
C PHE G 570 -19.13 5.22 -52.13
N GLN G 571 -19.31 4.22 -51.29
CA GLN G 571 -18.88 2.86 -51.55
C GLN G 571 -20.00 1.93 -51.11
N HIS G 572 -20.22 0.87 -51.88
CA HIS G 572 -21.30 -0.07 -51.62
C HIS G 572 -20.76 -1.49 -51.66
N ASP G 573 -21.16 -2.29 -50.67
CA ASP G 573 -20.80 -3.70 -50.63
C ASP G 573 -21.99 -4.51 -51.08
N PRO G 574 -21.98 -5.12 -52.28
CA PRO G 574 -23.14 -5.88 -52.72
C PRO G 574 -23.39 -7.14 -51.93
N GLU G 575 -22.36 -7.70 -51.28
CA GLU G 575 -22.54 -8.90 -50.47
C GLU G 575 -23.39 -8.62 -49.25
N THR G 576 -23.10 -7.53 -48.54
CA THR G 576 -23.75 -7.22 -47.27
C THR G 576 -24.81 -6.13 -47.39
N SER G 577 -24.99 -5.52 -48.56
CA SER G 577 -25.92 -4.41 -48.75
C SER G 577 -25.63 -3.25 -47.78
N VAL G 578 -24.36 -2.85 -47.72
CA VAL G 578 -23.91 -1.79 -46.84
C VAL G 578 -23.41 -0.64 -47.69
N LEU G 579 -23.93 0.56 -47.42
CA LEU G 579 -23.58 1.78 -48.14
C LEU G 579 -22.88 2.73 -47.20
N ILE G 580 -21.70 3.21 -47.61
CA ILE G 580 -20.89 4.13 -46.81
C ILE G 580 -20.80 5.44 -47.57
N LEU G 581 -21.38 6.50 -47.00
CA LEU G 581 -21.35 7.83 -47.60
C LEU G 581 -20.15 8.60 -47.05
N ARG G 582 -19.30 9.09 -47.95
CA ARG G 582 -18.07 9.74 -47.55
C ARG G 582 -18.29 11.21 -47.20
N LYS G 583 -17.82 11.60 -46.01
CA LYS G 583 -17.60 12.98 -45.59
C LYS G 583 -18.74 13.93 -45.98
N PRO G 584 -19.94 13.77 -45.41
CA PRO G 584 -20.97 14.80 -45.64
C PRO G 584 -20.52 16.19 -45.25
N GLY G 585 -19.75 16.31 -44.16
CA GLY G 585 -19.14 17.58 -43.82
C GLY G 585 -20.09 18.63 -43.29
N VAL G 586 -21.28 18.25 -42.89
CA VAL G 586 -22.32 19.19 -42.48
C VAL G 586 -22.29 19.33 -40.97
N SER G 587 -22.56 20.55 -40.49
CA SER G 587 -22.61 20.80 -39.06
C SER G 587 -23.80 20.08 -38.43
N VAL G 588 -23.58 19.54 -37.22
CA VAL G 588 -24.64 18.80 -36.53
C VAL G 588 -25.77 19.72 -36.08
N ALA G 589 -25.54 21.03 -36.04
CA ALA G 589 -26.57 21.99 -35.67
C ALA G 589 -27.45 22.40 -36.85
N SER G 590 -27.17 21.92 -38.05
CA SER G 590 -27.87 22.33 -39.26
C SER G 590 -28.90 21.29 -39.69
N ASP G 591 -30.00 21.78 -40.24
CA ASP G 591 -30.92 20.89 -40.96
C ASP G 591 -30.28 20.47 -42.28
N TRP G 592 -30.42 19.19 -42.62
CA TRP G 592 -29.87 18.70 -43.88
C TRP G 592 -30.60 17.45 -44.31
N SER G 593 -30.38 17.07 -45.57
CA SER G 593 -30.97 15.86 -46.12
C SER G 593 -30.00 15.28 -47.14
N ILE G 594 -29.93 13.94 -47.18
CA ILE G 594 -29.12 13.22 -48.15
C ILE G 594 -30.05 12.32 -48.95
N HIS G 595 -30.00 12.44 -50.27
CA HIS G 595 -30.88 11.70 -51.17
CA HIS G 595 -30.88 11.71 -51.18
C HIS G 595 -30.06 10.73 -52.00
N LEU G 596 -30.50 9.47 -52.01
CA LEU G 596 -29.88 8.43 -52.83
C LEU G 596 -30.67 8.34 -54.14
N ARG G 597 -30.04 8.72 -55.24
CA ARG G 597 -30.71 8.77 -56.53
C ARG G 597 -30.49 7.50 -57.33
N SER H 51 -0.70 19.15 -61.95
CA SER H 51 -1.36 18.85 -60.68
C SER H 51 -1.83 17.38 -60.67
N LYS H 52 -1.01 16.52 -60.06
CA LYS H 52 -1.20 15.07 -60.06
C LYS H 52 -1.83 14.61 -58.76
N PRO H 53 -2.56 13.51 -58.78
CA PRO H 53 -3.24 13.04 -57.56
C PRO H 53 -2.28 12.29 -56.65
N PHE H 54 -2.74 12.07 -55.42
CA PHE H 54 -1.95 11.38 -54.41
C PHE H 54 -2.29 9.88 -54.40
N THR H 55 -1.28 9.06 -54.13
CA THR H 55 -1.43 7.62 -54.08
C THR H 55 -1.06 7.15 -52.68
N CYS H 56 -1.92 6.33 -52.08
CA CYS H 56 -1.63 5.80 -50.76
C CYS H 56 -0.37 4.94 -50.79
N LEU H 57 0.37 4.94 -49.68
CA LEU H 57 1.64 4.23 -49.62
C LEU H 57 1.44 2.71 -49.61
N ASP H 58 0.31 2.23 -49.10
CA ASP H 58 0.02 0.80 -49.10
C ASP H 58 -0.23 0.26 -50.50
N GLY H 59 -0.25 1.12 -51.52
CA GLY H 59 -0.55 0.70 -52.87
C GLY H 59 -2.01 0.57 -53.18
N THR H 60 -2.89 1.01 -52.29
CA THR H 60 -4.33 0.83 -52.42
C THR H 60 -4.99 2.20 -52.63
N ALA H 61 -5.66 2.35 -53.78
CA ALA H 61 -6.40 3.52 -54.21
C ALA H 61 -5.54 4.73 -54.57
N THR H 62 -6.19 5.73 -55.19
CA THR H 62 -5.58 6.98 -55.61
C THR H 62 -6.64 8.06 -55.47
N ILE H 63 -6.34 9.13 -54.73
CA ILE H 63 -7.34 10.17 -54.49
C ILE H 63 -6.77 11.50 -54.97
N PRO H 64 -7.63 12.46 -55.29
CA PRO H 64 -7.16 13.79 -55.70
C PRO H 64 -6.32 14.46 -54.62
N PHE H 65 -5.57 15.48 -55.05
CA PHE H 65 -4.69 16.19 -54.14
C PHE H 65 -5.45 16.80 -52.97
N ASP H 66 -6.70 17.20 -53.17
CA ASP H 66 -7.45 17.91 -52.14
C ASP H 66 -8.05 16.99 -51.09
N GLN H 67 -7.86 15.67 -51.21
CA GLN H 67 -8.24 14.74 -50.16
C GLN H 67 -7.05 14.34 -49.30
N VAL H 68 -5.93 15.05 -49.39
CA VAL H 68 -4.82 14.91 -48.47
C VAL H 68 -4.97 15.96 -47.38
N ASN H 69 -4.95 15.53 -46.12
CA ASN H 69 -5.16 16.41 -44.97
C ASN H 69 -6.49 17.14 -45.06
N ASP H 70 -7.53 16.46 -45.54
CA ASP H 70 -8.86 17.03 -45.58
C ASP H 70 -9.74 16.56 -44.42
N ASP H 71 -9.13 15.99 -43.38
CA ASP H 71 -9.82 15.60 -42.15
C ASP H 71 -10.83 14.48 -42.38
N TYR H 72 -10.54 13.60 -43.34
CA TYR H 72 -11.31 12.38 -43.53
C TYR H 72 -10.34 11.30 -43.99
N CYS H 73 -10.48 10.10 -43.46
CA CYS H 73 -9.54 9.03 -43.73
C CYS H 73 -9.92 8.31 -45.02
N ASP H 74 -9.04 8.41 -46.03
CA ASP H 74 -9.29 7.78 -47.32
C ASP H 74 -8.34 6.63 -47.63
N CYS H 75 -7.22 6.51 -46.93
CA CYS H 75 -6.23 5.47 -47.18
C CYS H 75 -6.27 4.43 -46.05
N LYS H 76 -6.19 3.16 -46.45
CA LYS H 76 -6.21 2.08 -45.46
C LYS H 76 -5.04 2.17 -44.49
N ASP H 77 -3.90 2.68 -44.93
CA ASP H 77 -2.74 2.83 -44.07
C ASP H 77 -2.71 4.17 -43.33
N GLY H 78 -3.66 5.06 -43.61
CA GLY H 78 -3.70 6.35 -42.95
C GLY H 78 -2.78 7.39 -43.53
N SER H 79 -2.14 7.10 -44.67
CA SER H 79 -1.09 7.96 -45.20
C SER H 79 -1.60 9.26 -45.81
N ASP H 80 -2.91 9.40 -45.99
CA ASP H 80 -3.46 10.61 -46.59
C ASP H 80 -3.74 11.71 -45.56
N GLU H 81 -3.56 11.45 -44.27
CA GLU H 81 -3.83 12.43 -43.23
C GLU H 81 -2.68 12.49 -42.22
N PRO H 82 -1.47 12.85 -42.67
CA PRO H 82 -0.35 12.95 -41.72
C PRO H 82 -0.49 14.10 -40.74
N GLY H 83 -1.30 15.11 -41.06
CA GLY H 83 -1.42 16.30 -40.24
C GLY H 83 -2.68 16.41 -39.41
N THR H 84 -3.56 15.41 -39.45
CA THR H 84 -4.87 15.49 -38.79
C THR H 84 -5.08 14.27 -37.92
N ALA H 85 -6.24 14.23 -37.25
CA ALA H 85 -6.65 13.13 -36.40
C ALA H 85 -7.66 12.21 -37.08
N ALA H 86 -7.73 12.24 -38.41
CA ALA H 86 -8.83 11.58 -39.11
C ALA H 86 -8.63 10.07 -39.24
N CYS H 87 -7.38 9.58 -39.21
CA CYS H 87 -7.18 8.15 -39.42
C CYS H 87 -6.84 7.44 -38.11
N PRO H 88 -7.39 6.25 -37.87
CA PRO H 88 -7.13 5.55 -36.60
C PRO H 88 -5.72 4.97 -36.51
N ASN H 89 -5.05 4.73 -37.64
CA ASN H 89 -3.72 4.14 -37.64
C ASN H 89 -2.67 5.09 -38.20
N GLY H 90 -2.98 6.38 -38.28
CA GLY H 90 -2.02 7.34 -38.76
C GLY H 90 -1.02 7.74 -37.69
N SER H 91 -0.03 8.50 -38.12
CA SER H 91 0.98 9.03 -37.21
C SER H 91 1.21 10.51 -37.53
N PHE H 92 1.56 11.25 -36.50
CA PHE H 92 1.88 12.68 -36.60
C PHE H 92 3.32 12.85 -36.19
N HIS H 93 4.08 13.61 -36.99
CA HIS H 93 5.52 13.77 -36.79
C HIS H 93 5.78 15.08 -36.06
N CYS H 94 6.34 15.00 -34.87
CA CYS H 94 6.83 16.19 -34.17
C CYS H 94 8.23 16.47 -34.70
N THR H 95 8.40 17.58 -35.41
CA THR H 95 9.72 17.90 -35.93
C THR H 95 10.70 18.18 -34.80
N ASN H 96 10.24 18.87 -33.75
CA ASN H 96 11.07 19.15 -32.58
C ASN H 96 12.42 19.72 -33.01
N THR H 97 12.35 20.84 -33.73
CA THR H 97 13.53 21.49 -34.30
C THR H 97 14.63 21.67 -33.28
N GLY H 98 15.79 21.09 -33.58
CA GLY H 98 16.95 21.20 -32.72
C GLY H 98 17.06 20.12 -31.66
N TYR H 99 16.20 19.11 -31.69
CA TYR H 99 16.14 18.14 -30.60
C TYR H 99 15.72 16.78 -31.17
N LYS H 100 15.31 15.88 -30.30
CA LYS H 100 14.89 14.55 -30.73
C LYS H 100 13.50 14.62 -31.34
N PRO H 101 13.33 14.21 -32.60
CA PRO H 101 11.99 14.13 -33.19
C PRO H 101 11.23 12.91 -32.67
N LEU H 102 9.93 12.93 -32.91
CA LEU H 102 9.07 11.89 -32.34
C LEU H 102 7.80 11.78 -33.19
N TYR H 103 7.32 10.55 -33.34
CA TYR H 103 6.02 10.28 -33.93
C TYR H 103 5.01 10.01 -32.83
N ILE H 104 3.80 10.53 -33.02
CA ILE H 104 2.70 10.28 -32.09
C ILE H 104 1.51 9.74 -32.88
N LEU H 105 0.57 9.15 -32.15
CA LEU H 105 -0.65 8.66 -32.77
C LEU H 105 -1.45 9.82 -33.34
N SER H 106 -2.10 9.58 -34.49
CA SER H 106 -2.97 10.60 -35.07
C SER H 106 -4.09 10.99 -34.13
N SER H 107 -4.55 10.06 -33.29
CA SER H 107 -5.63 10.34 -32.36
C SER H 107 -5.24 11.36 -31.30
N ARG H 108 -3.96 11.71 -31.20
CA ARG H 108 -3.49 12.71 -30.25
C ARG H 108 -3.20 14.05 -30.91
N VAL H 109 -3.60 14.21 -32.17
CA VAL H 109 -3.54 15.51 -32.84
C VAL H 109 -4.77 16.30 -32.42
N ASN H 110 -4.57 17.47 -31.83
CA ASN H 110 -5.66 18.35 -31.40
C ASN H 110 -6.61 17.63 -30.45
N ASP H 111 -6.07 16.82 -29.54
CA ASP H 111 -6.87 16.24 -28.48
C ASP H 111 -6.90 17.12 -27.23
N GLY H 112 -6.28 18.30 -27.28
CA GLY H 112 -6.18 19.17 -26.13
C GLY H 112 -5.05 18.87 -25.17
N VAL H 113 -4.21 17.88 -25.48
CA VAL H 113 -3.11 17.47 -24.62
C VAL H 113 -1.80 17.72 -25.35
N CYS H 114 -0.81 18.23 -24.63
CA CYS H 114 0.50 18.54 -25.22
C CYS H 114 1.32 17.27 -25.31
N ASP H 115 1.51 16.76 -26.52
CA ASP H 115 2.28 15.55 -26.74
C ASP H 115 3.68 15.81 -27.30
N CYS H 116 3.81 16.71 -28.26
CA CYS H 116 5.13 17.11 -28.73
C CYS H 116 5.71 18.19 -27.82
N CYS H 117 7.03 18.11 -27.59
CA CYS H 117 7.67 19.16 -26.81
C CYS H 117 7.61 20.51 -27.52
N ASP H 118 7.51 20.52 -28.85
CA ASP H 118 7.39 21.77 -29.59
C ASP H 118 5.94 22.24 -29.72
N GLY H 119 4.98 21.45 -29.25
CA GLY H 119 3.59 21.86 -29.19
C GLY H 119 2.84 21.87 -30.50
N THR H 120 3.47 21.41 -31.60
CA THR H 120 2.82 21.50 -32.90
C THR H 120 1.66 20.54 -33.07
N ASP H 121 1.50 19.56 -32.19
CA ASP H 121 0.36 18.65 -32.30
C ASP H 121 -0.95 19.32 -31.88
N GLU H 122 -0.88 20.48 -31.25
CA GLU H 122 -2.06 21.24 -30.82
C GLU H 122 -2.05 22.56 -31.57
N TYR H 123 -2.73 22.61 -32.71
CA TYR H 123 -2.81 23.82 -33.51
C TYR H 123 -4.22 24.35 -33.71
N ASN H 124 -5.25 23.61 -33.28
CA ASN H 124 -6.63 24.05 -33.43
C ASN H 124 -7.51 23.38 -32.39
N SER H 125 -7.11 23.44 -31.12
CA SER H 125 -7.81 22.71 -30.06
C SER H 125 -8.15 23.58 -28.85
N GLY H 126 -7.71 24.82 -28.80
CA GLY H 126 -7.90 25.65 -27.64
C GLY H 126 -6.83 25.52 -26.58
N THR H 127 -6.09 24.42 -26.58
CA THR H 127 -4.93 24.27 -25.70
C THR H 127 -3.71 24.86 -26.40
N VAL H 128 -3.04 25.80 -25.72
CA VAL H 128 -1.83 26.41 -26.24
C VAL H 128 -0.64 25.76 -25.54
N CYS H 129 0.14 25.00 -26.30
CA CYS H 129 1.31 24.32 -25.77
C CYS H 129 2.56 25.15 -26.02
N GLU H 130 3.37 25.32 -24.99
CA GLU H 130 4.63 26.04 -25.11
C GLU H 130 5.76 25.07 -25.43
N ASN H 131 6.83 25.61 -26.03
CA ASN H 131 7.98 24.80 -26.39
C ASN H 131 8.78 24.43 -25.15
N THR H 132 8.95 23.13 -24.92
CA THR H 132 9.66 22.63 -23.75
C THR H 132 10.74 21.63 -24.15
N CYS H 133 11.25 21.73 -25.38
CA CYS H 133 12.18 20.72 -25.87
C CYS H 133 13.55 20.80 -25.19
N ARG H 134 13.86 21.91 -24.54
CA ARG H 134 15.10 22.04 -23.78
C ARG H 134 15.21 20.97 -22.70
#